data_1ML3
#
_entry.id   1ML3
#
_cell.length_a   81.456
_cell.length_b   85.259
_cell.length_c   105.153
_cell.angle_alpha   90.00
_cell.angle_beta   95.61
_cell.angle_gamma   90.00
#
_symmetry.space_group_name_H-M   'P 1 21 1'
#
loop_
_entity.id
_entity.type
_entity.pdbx_description
1 polymer 'Glyceraldehyde 3-phosphate dehydrogenase, glycosomal'
2 non-polymer NICOTINAMIDE-ADENINE-DINUCLEOTIDE
3 non-polymer '(3-FORMYL-BUT-3-ENYL)-PHOSPHONIC ACID'
4 water water
#
_entity_poly.entity_id   1
_entity_poly.type   'polypeptide(L)'
_entity_poly.pdbx_seq_one_letter_code
;MPIKVGINGFGRIGRMVFQALCEDGLLGTEIDVVAVVDMNTDAEYFAYQMRYDTVHGKFKYEVTTTKSSPSVAKDDTLVV
NGHRILCVKAQRNPADLPWGKLGVEYVIESTGLFTAKAAAEGHLRGGARKVVISAPASGGAKTLVMGVNHHEYNPSEHHV
VSNASCTTNCLAPIVHVLVKEGFGVQTGLMTTIHSYTATQKTVDGVSVKDWRGGRAAAVNIIPSTTGAAKAVGMVIPSTQ
GKLTGMSFRVPTPDVSVVDLTFTAARDTSIQEIDAALKRASKTYMKGILGYTDEELVSADFINDNRSSIYDSKATLQNNL
PKERRFFKIVSWYDNEWGYSHRVVDLVRHMASKDRSARL
;
_entity_poly.pdbx_strand_id   A,B,C,D
#
# COMPACT_ATOMS: atom_id res chain seq x y z
N MET A 1 -39.70 -21.19 -16.96
CA MET A 1 -38.84 -20.89 -18.14
C MET A 1 -37.70 -19.92 -17.78
N PRO A 2 -36.55 -20.47 -17.36
CA PRO A 2 -35.38 -19.66 -16.97
C PRO A 2 -34.92 -18.75 -18.09
N ILE A 3 -34.23 -17.68 -17.70
CA ILE A 3 -33.71 -16.71 -18.66
C ILE A 3 -32.38 -17.20 -19.23
N LYS A 4 -32.33 -17.35 -20.55
CA LYS A 4 -31.11 -17.80 -21.22
C LYS A 4 -30.15 -16.62 -21.35
N VAL A 5 -29.10 -16.62 -20.52
CA VAL A 5 -28.12 -15.55 -20.51
C VAL A 5 -26.69 -15.91 -20.93
N GLY A 6 -26.07 -14.97 -21.65
CA GLY A 6 -24.70 -15.16 -22.10
C GLY A 6 -23.88 -13.95 -21.70
N ILE A 7 -22.68 -14.19 -21.17
CA ILE A 7 -21.81 -13.09 -20.77
C ILE A 7 -20.64 -12.95 -21.74
N ASN A 8 -20.54 -11.80 -22.40
CA ASN A 8 -19.44 -11.57 -23.34
C ASN A 8 -18.28 -10.94 -22.58
N GLY A 9 -17.18 -11.68 -22.52
CA GLY A 9 -16.00 -11.20 -21.83
C GLY A 9 -16.05 -11.67 -20.40
N PHE A 10 -15.23 -12.65 -20.03
CA PHE A 10 -15.25 -13.15 -18.67
C PHE A 10 -14.02 -12.68 -17.90
N GLY A 11 -13.85 -11.36 -17.89
CA GLY A 11 -12.74 -10.76 -17.17
C GLY A 11 -13.17 -10.55 -15.74
N ARG A 12 -12.53 -9.62 -15.06
CA ARG A 12 -12.82 -9.32 -13.66
C ARG A 12 -14.26 -8.81 -13.52
N ILE A 13 -14.71 -8.01 -14.49
CA ILE A 13 -16.07 -7.46 -14.44
C ILE A 13 -17.13 -8.55 -14.61
N GLY A 14 -16.91 -9.43 -15.60
CA GLY A 14 -17.83 -10.51 -15.86
C GLY A 14 -18.00 -11.46 -14.68
N ARG A 15 -16.88 -11.88 -14.08
CA ARG A 15 -16.93 -12.78 -12.94
C ARG A 15 -17.82 -12.27 -11.82
N MET A 16 -17.61 -11.02 -11.41
CA MET A 16 -18.41 -10.45 -10.34
C MET A 16 -19.89 -10.51 -10.66
N VAL A 17 -20.24 -10.20 -11.90
CA VAL A 17 -21.62 -10.23 -12.33
C VAL A 17 -22.14 -11.66 -12.20
N PHE A 18 -21.31 -12.63 -12.58
CA PHE A 18 -21.69 -14.02 -12.49
C PHE A 18 -21.77 -14.47 -11.03
N GLN A 19 -20.82 -14.01 -10.22
CA GLN A 19 -20.80 -14.35 -8.81
C GLN A 19 -22.00 -13.71 -8.13
N ALA A 20 -22.34 -12.51 -8.58
CA ALA A 20 -23.49 -11.77 -8.06
C ALA A 20 -24.71 -12.63 -8.28
N LEU A 21 -24.92 -13.00 -9.53
CA LEU A 21 -26.03 -13.83 -9.95
C LEU A 21 -26.10 -15.12 -9.13
N CYS A 22 -24.95 -15.69 -8.81
CA CYS A 22 -24.92 -16.92 -8.03
C CYS A 22 -25.33 -16.72 -6.58
N GLU A 23 -24.75 -15.72 -5.93
CA GLU A 23 -25.07 -15.48 -4.54
C GLU A 23 -26.55 -15.22 -4.33
N ASP A 24 -27.20 -14.55 -5.28
CA ASP A 24 -28.63 -14.29 -5.14
C ASP A 24 -29.43 -15.59 -5.31
N GLY A 25 -28.75 -16.64 -5.78
CA GLY A 25 -29.40 -17.93 -5.98
C GLY A 25 -30.22 -17.98 -7.25
N LEU A 26 -29.69 -17.38 -8.31
CA LEU A 26 -30.39 -17.32 -9.57
C LEU A 26 -29.90 -18.32 -10.63
N LEU A 27 -28.72 -18.88 -10.42
CA LEU A 27 -28.16 -19.82 -11.39
C LEU A 27 -28.94 -21.14 -11.44
N GLY A 28 -29.40 -21.51 -12.63
CA GLY A 28 -30.13 -22.75 -12.80
C GLY A 28 -31.58 -22.67 -12.34
N THR A 29 -31.92 -21.62 -11.62
CA THR A 29 -33.27 -21.44 -11.13
C THR A 29 -33.96 -20.35 -11.93
N GLU A 30 -33.57 -19.10 -11.70
CA GLU A 30 -34.13 -17.95 -12.43
C GLU A 30 -33.38 -17.75 -13.74
N ILE A 31 -32.06 -17.74 -13.67
CA ILE A 31 -31.23 -17.52 -14.86
C ILE A 31 -30.35 -18.67 -15.30
N ASP A 32 -30.40 -18.98 -16.59
CA ASP A 32 -29.58 -20.04 -17.16
C ASP A 32 -28.40 -19.41 -17.88
N VAL A 33 -27.27 -19.26 -17.20
CA VAL A 33 -26.09 -18.71 -17.85
C VAL A 33 -25.57 -19.85 -18.72
N VAL A 34 -25.90 -19.79 -20.00
CA VAL A 34 -25.51 -20.80 -20.96
C VAL A 34 -24.03 -20.80 -21.31
N ALA A 35 -23.50 -19.61 -21.59
CA ALA A 35 -22.09 -19.47 -21.96
C ALA A 35 -21.43 -18.18 -21.50
N VAL A 36 -20.11 -18.14 -21.67
CA VAL A 36 -19.29 -16.99 -21.33
C VAL A 36 -18.19 -16.93 -22.39
N VAL A 37 -18.22 -15.91 -23.24
CA VAL A 37 -17.21 -15.78 -24.27
C VAL A 37 -16.04 -14.94 -23.76
N ASP A 38 -14.83 -15.28 -24.20
CA ASP A 38 -13.62 -14.60 -23.77
C ASP A 38 -12.46 -15.12 -24.63
N MET A 39 -11.37 -14.35 -24.68
CA MET A 39 -10.19 -14.74 -25.45
C MET A 39 -9.54 -16.01 -24.91
N ASN A 40 -9.83 -16.36 -23.65
CA ASN A 40 -9.28 -17.58 -23.03
C ASN A 40 -10.39 -18.61 -22.85
N THR A 41 -10.03 -19.88 -22.99
CA THR A 41 -11.02 -20.96 -22.86
C THR A 41 -10.56 -22.07 -21.92
N ASP A 42 -9.60 -21.77 -21.05
CA ASP A 42 -9.13 -22.75 -20.10
C ASP A 42 -10.02 -22.67 -18.86
N ALA A 43 -11.13 -23.40 -18.90
CA ALA A 43 -12.09 -23.41 -17.80
C ALA A 43 -11.43 -23.64 -16.44
N GLU A 44 -10.33 -24.39 -16.43
CA GLU A 44 -9.61 -24.67 -15.19
C GLU A 44 -9.09 -23.37 -14.59
N TYR A 45 -8.73 -22.44 -15.46
CA TYR A 45 -8.23 -21.14 -15.01
C TYR A 45 -9.41 -20.30 -14.52
N PHE A 46 -10.50 -20.29 -15.28
CA PHE A 46 -11.69 -19.53 -14.88
C PHE A 46 -12.22 -20.02 -13.55
N ALA A 47 -12.03 -21.30 -13.25
CA ALA A 47 -12.50 -21.88 -12.01
C ALA A 47 -11.64 -21.36 -10.86
N TYR A 48 -10.34 -21.25 -11.12
CA TYR A 48 -9.38 -20.75 -10.14
C TYR A 48 -9.68 -19.28 -9.83
N GLN A 49 -10.03 -18.50 -10.86
CA GLN A 49 -10.32 -17.08 -10.68
C GLN A 49 -11.59 -16.82 -9.87
N MET A 50 -12.58 -17.70 -10.02
CA MET A 50 -13.84 -17.58 -9.28
C MET A 50 -13.63 -18.07 -7.85
N ARG A 51 -12.92 -19.19 -7.72
CA ARG A 51 -12.67 -19.81 -6.43
C ARG A 51 -12.01 -18.87 -5.43
N TYR A 52 -11.03 -18.10 -5.90
CA TYR A 52 -10.33 -17.18 -5.02
C TYR A 52 -10.48 -15.74 -5.49
N ASP A 53 -10.26 -14.81 -4.58
CA ASP A 53 -10.38 -13.40 -4.89
C ASP A 53 -9.70 -12.64 -3.77
N THR A 54 -8.75 -11.78 -4.11
CA THR A 54 -8.01 -11.06 -3.09
C THR A 54 -8.85 -10.20 -2.16
N VAL A 55 -9.87 -9.55 -2.70
CA VAL A 55 -10.73 -8.69 -1.89
C VAL A 55 -12.05 -9.28 -1.39
N HIS A 56 -12.74 -10.01 -2.24
CA HIS A 56 -14.05 -10.56 -1.88
C HIS A 56 -14.12 -11.91 -1.19
N GLY A 57 -12.98 -12.45 -0.78
CA GLY A 57 -12.97 -13.73 -0.08
C GLY A 57 -13.10 -14.92 -1.01
N LYS A 58 -13.46 -16.06 -0.44
CA LYS A 58 -13.62 -17.28 -1.22
C LYS A 58 -15.05 -17.46 -1.68
N PHE A 59 -15.21 -17.90 -2.93
CA PHE A 59 -16.52 -18.13 -3.54
C PHE A 59 -17.38 -19.05 -2.67
N LYS A 60 -18.66 -18.73 -2.56
CA LYS A 60 -19.59 -19.50 -1.75
C LYS A 60 -19.89 -20.90 -2.28
N TYR A 61 -19.88 -21.06 -3.60
CA TYR A 61 -20.19 -22.36 -4.19
C TYR A 61 -18.97 -23.05 -4.76
N GLU A 62 -18.97 -24.37 -4.72
CA GLU A 62 -17.86 -25.11 -5.26
C GLU A 62 -17.92 -24.94 -6.77
N VAL A 63 -16.75 -24.95 -7.41
CA VAL A 63 -16.70 -24.80 -8.86
C VAL A 63 -15.84 -25.91 -9.45
N THR A 64 -16.40 -26.71 -10.34
CA THR A 64 -15.65 -27.78 -10.98
C THR A 64 -15.67 -27.59 -12.49
N THR A 65 -14.77 -28.26 -13.19
CA THR A 65 -14.70 -28.15 -14.65
C THR A 65 -14.89 -29.49 -15.34
N THR A 66 -15.34 -29.44 -16.59
CA THR A 66 -15.56 -30.66 -17.34
C THR A 66 -15.55 -30.42 -18.84
N LYS A 67 -15.46 -31.49 -19.60
CA LYS A 67 -15.44 -31.39 -21.06
C LYS A 67 -16.87 -31.34 -21.56
N SER A 68 -17.08 -30.62 -22.67
CA SER A 68 -18.40 -30.52 -23.26
C SER A 68 -18.63 -31.79 -24.07
N SER A 69 -17.52 -32.39 -24.50
CA SER A 69 -17.53 -33.61 -25.28
C SER A 69 -16.23 -34.35 -24.99
N PRO A 70 -16.29 -35.68 -24.82
CA PRO A 70 -15.13 -36.51 -24.53
C PRO A 70 -13.90 -36.12 -25.35
N SER A 71 -14.15 -35.60 -26.55
CA SER A 71 -13.07 -35.19 -27.45
C SER A 71 -12.55 -33.77 -27.17
N VAL A 72 -12.04 -33.56 -25.97
CA VAL A 72 -11.49 -32.26 -25.58
C VAL A 72 -10.36 -32.43 -24.58
N ALA A 73 -9.21 -31.81 -24.87
CA ALA A 73 -8.05 -31.90 -24.00
C ALA A 73 -8.36 -31.33 -22.63
N LYS A 74 -8.18 -30.03 -22.47
CA LYS A 74 -8.47 -29.37 -21.20
C LYS A 74 -9.95 -28.98 -21.12
N ASP A 75 -10.55 -29.23 -19.95
CA ASP A 75 -11.95 -28.90 -19.73
C ASP A 75 -12.28 -27.52 -20.32
N ASP A 76 -13.49 -27.39 -20.84
CA ASP A 76 -13.92 -26.14 -21.45
C ASP A 76 -15.34 -25.79 -21.01
N THR A 77 -15.70 -26.23 -19.82
CA THR A 77 -17.02 -25.97 -19.27
C THR A 77 -16.96 -25.80 -17.76
N LEU A 78 -17.62 -24.75 -17.27
CA LEU A 78 -17.64 -24.47 -15.84
C LEU A 78 -18.86 -25.11 -15.21
N VAL A 79 -18.68 -25.62 -13.99
CA VAL A 79 -19.76 -26.28 -13.28
C VAL A 79 -19.98 -25.66 -11.91
N VAL A 80 -21.19 -25.15 -11.69
CA VAL A 80 -21.57 -24.55 -10.42
C VAL A 80 -22.97 -25.05 -10.06
N ASN A 81 -23.09 -25.74 -8.93
CA ASN A 81 -24.37 -26.27 -8.49
C ASN A 81 -24.99 -27.09 -9.63
N GLY A 82 -24.19 -27.98 -10.19
CA GLY A 82 -24.66 -28.83 -11.27
C GLY A 82 -25.01 -28.08 -12.53
N HIS A 83 -24.79 -26.77 -12.53
CA HIS A 83 -25.10 -25.99 -13.72
C HIS A 83 -23.85 -25.93 -14.58
N ARG A 84 -24.02 -26.25 -15.85
CA ARG A 84 -22.90 -26.26 -16.77
C ARG A 84 -22.82 -25.00 -17.63
N ILE A 85 -21.69 -24.32 -17.53
CA ILE A 85 -21.47 -23.10 -18.30
C ILE A 85 -20.35 -23.38 -19.29
N LEU A 86 -20.66 -23.24 -20.57
CA LEU A 86 -19.70 -23.49 -21.64
C LEU A 86 -18.81 -22.26 -21.89
N CYS A 87 -17.51 -22.48 -22.01
CA CYS A 87 -16.58 -21.38 -22.26
C CYS A 87 -16.34 -21.24 -23.77
N VAL A 88 -16.89 -20.19 -24.36
CA VAL A 88 -16.73 -19.97 -25.80
C VAL A 88 -15.60 -18.96 -26.05
N LYS A 89 -14.98 -19.04 -27.22
CA LYS A 89 -13.88 -18.12 -27.54
C LYS A 89 -14.32 -16.83 -28.20
N ALA A 90 -13.66 -15.74 -27.82
CA ALA A 90 -13.95 -14.41 -28.33
C ALA A 90 -14.04 -14.33 -29.86
N GLN A 91 -14.71 -13.29 -30.35
CA GLN A 91 -14.89 -13.06 -31.79
C GLN A 91 -14.62 -11.59 -32.11
N ARG A 92 -14.12 -11.32 -33.32
CA ARG A 92 -13.82 -9.96 -33.75
C ARG A 92 -15.06 -9.08 -33.68
N ASN A 93 -16.10 -9.48 -34.41
CA ASN A 93 -17.35 -8.75 -34.45
C ASN A 93 -18.40 -9.52 -33.65
N PRO A 94 -19.12 -8.84 -32.75
CA PRO A 94 -20.15 -9.47 -31.92
C PRO A 94 -21.18 -10.25 -32.73
N ALA A 95 -21.35 -9.88 -34.00
CA ALA A 95 -22.31 -10.55 -34.88
C ALA A 95 -21.93 -12.00 -35.16
N ASP A 96 -20.66 -12.34 -34.96
CA ASP A 96 -20.20 -13.69 -35.21
C ASP A 96 -20.32 -14.63 -34.01
N LEU A 97 -20.89 -14.13 -32.92
CA LEU A 97 -21.06 -14.98 -31.73
C LEU A 97 -22.24 -15.93 -31.91
N PRO A 98 -22.02 -17.23 -31.62
CA PRO A 98 -23.03 -18.28 -31.73
C PRO A 98 -24.23 -18.12 -30.79
N TRP A 99 -24.62 -16.87 -30.53
CA TRP A 99 -25.72 -16.56 -29.63
C TRP A 99 -27.01 -17.30 -29.99
N GLY A 100 -27.45 -17.14 -31.23
CA GLY A 100 -28.67 -17.80 -31.68
C GLY A 100 -28.56 -19.30 -31.53
N LYS A 101 -27.50 -19.88 -32.10
CA LYS A 101 -27.28 -21.31 -32.02
C LYS A 101 -27.25 -21.79 -30.57
N LEU A 102 -26.78 -20.94 -29.67
CA LEU A 102 -26.69 -21.28 -28.25
C LEU A 102 -27.98 -21.09 -27.47
N GLY A 103 -28.89 -20.30 -28.02
CA GLY A 103 -30.16 -20.05 -27.35
C GLY A 103 -30.08 -18.92 -26.33
N VAL A 104 -29.01 -18.13 -26.40
CA VAL A 104 -28.82 -17.01 -25.49
C VAL A 104 -29.75 -15.87 -25.90
N GLU A 105 -30.57 -15.41 -24.96
CA GLU A 105 -31.48 -14.33 -25.27
C GLU A 105 -30.94 -12.99 -24.76
N TYR A 106 -30.33 -13.04 -23.57
CA TYR A 106 -29.77 -11.86 -22.96
C TYR A 106 -28.26 -11.97 -22.80
N VAL A 107 -27.53 -11.08 -23.45
CA VAL A 107 -26.08 -11.09 -23.36
C VAL A 107 -25.56 -9.89 -22.56
N ILE A 108 -24.69 -10.19 -21.59
CA ILE A 108 -24.09 -9.18 -20.74
C ILE A 108 -22.79 -8.77 -21.43
N GLU A 109 -22.77 -7.58 -22.01
CA GLU A 109 -21.60 -7.08 -22.71
C GLU A 109 -20.66 -6.37 -21.72
N SER A 110 -19.60 -7.06 -21.30
CA SER A 110 -18.66 -6.50 -20.34
C SER A 110 -17.20 -6.48 -20.79
N THR A 111 -16.94 -6.57 -22.09
CA THR A 111 -15.54 -6.57 -22.53
C THR A 111 -14.94 -5.17 -22.43
N GLY A 112 -15.80 -4.16 -22.52
CA GLY A 112 -15.33 -2.79 -22.46
C GLY A 112 -14.90 -2.36 -23.84
N LEU A 113 -15.07 -3.27 -24.80
CA LEU A 113 -14.69 -3.02 -26.20
C LEU A 113 -15.88 -2.67 -27.04
N PHE A 114 -17.09 -2.81 -26.49
CA PHE A 114 -18.29 -2.53 -27.26
C PHE A 114 -19.29 -1.63 -26.53
N THR A 115 -18.82 -0.53 -25.97
CA THR A 115 -19.69 0.38 -25.26
C THR A 115 -20.45 1.32 -26.21
N ALA A 116 -20.19 1.21 -27.50
CA ALA A 116 -20.88 2.04 -28.48
C ALA A 116 -22.15 1.28 -28.88
N LYS A 117 -23.31 1.89 -28.63
CA LYS A 117 -24.61 1.29 -28.95
C LYS A 117 -24.59 0.48 -30.24
N ALA A 118 -24.21 1.11 -31.35
CA ALA A 118 -24.17 0.46 -32.64
C ALA A 118 -23.37 -0.84 -32.61
N ALA A 119 -22.16 -0.78 -32.05
CA ALA A 119 -21.31 -1.97 -31.95
C ALA A 119 -21.97 -3.07 -31.12
N ALA A 120 -22.36 -2.75 -29.90
CA ALA A 120 -22.99 -3.71 -29.00
C ALA A 120 -24.18 -4.39 -29.68
N GLU A 121 -24.79 -3.68 -30.62
CA GLU A 121 -25.93 -4.21 -31.35
C GLU A 121 -25.58 -5.44 -32.18
N GLY A 122 -24.30 -5.63 -32.43
CA GLY A 122 -23.85 -6.79 -33.18
C GLY A 122 -24.41 -8.06 -32.58
N HIS A 123 -24.37 -8.16 -31.25
CA HIS A 123 -24.87 -9.32 -30.53
C HIS A 123 -26.26 -9.71 -31.00
N LEU A 124 -27.04 -8.72 -31.42
CA LEU A 124 -28.40 -8.98 -31.89
C LEU A 124 -28.31 -9.78 -33.18
N ARG A 125 -27.44 -9.34 -34.07
CA ARG A 125 -27.24 -10.00 -35.34
C ARG A 125 -26.76 -11.42 -35.06
N GLY A 126 -25.94 -11.54 -34.02
CA GLY A 126 -25.41 -12.84 -33.63
C GLY A 126 -26.45 -13.75 -32.99
N GLY A 127 -27.68 -13.28 -32.88
CA GLY A 127 -28.73 -14.11 -32.29
C GLY A 127 -29.30 -13.67 -30.95
N ALA A 128 -28.70 -12.67 -30.32
CA ALA A 128 -29.21 -12.21 -29.04
C ALA A 128 -30.41 -11.30 -29.25
N ARG A 129 -31.25 -11.19 -28.24
CA ARG A 129 -32.44 -10.37 -28.32
C ARG A 129 -32.27 -9.08 -27.52
N LYS A 130 -31.49 -9.16 -26.43
CA LYS A 130 -31.24 -8.01 -25.58
C LYS A 130 -29.80 -7.98 -25.08
N VAL A 131 -29.25 -6.79 -24.97
CA VAL A 131 -27.89 -6.63 -24.50
C VAL A 131 -27.81 -5.60 -23.39
N VAL A 132 -26.97 -5.86 -22.39
CA VAL A 132 -26.77 -4.92 -21.30
C VAL A 132 -25.29 -4.62 -21.22
N ILE A 133 -24.94 -3.40 -21.58
CA ILE A 133 -23.55 -2.95 -21.53
C ILE A 133 -23.27 -2.66 -20.06
N SER A 134 -22.35 -3.40 -19.47
CA SER A 134 -22.04 -3.22 -18.05
C SER A 134 -21.07 -2.06 -17.81
N ALA A 135 -21.44 -0.89 -18.33
CA ALA A 135 -20.63 0.32 -18.19
C ALA A 135 -21.31 1.43 -18.99
N PRO A 136 -20.81 2.68 -18.89
CA PRO A 136 -21.44 3.76 -19.64
C PRO A 136 -21.39 3.47 -21.15
N ALA A 137 -22.35 3.99 -21.90
CA ALA A 137 -22.39 3.76 -23.34
C ALA A 137 -22.57 5.02 -24.19
N SER A 138 -22.12 4.95 -25.43
CA SER A 138 -22.27 6.06 -26.36
C SER A 138 -23.17 5.59 -27.50
N GLY A 139 -23.54 6.50 -28.38
CA GLY A 139 -24.37 6.12 -29.50
C GLY A 139 -25.86 6.29 -29.24
N GLY A 140 -26.25 6.41 -27.97
CA GLY A 140 -27.65 6.58 -27.68
C GLY A 140 -28.36 5.39 -27.06
N ALA A 141 -27.60 4.51 -26.43
CA ALA A 141 -28.21 3.35 -25.78
C ALA A 141 -28.98 3.89 -24.56
N LYS A 142 -30.16 3.33 -24.30
CA LYS A 142 -30.94 3.77 -23.15
C LYS A 142 -30.16 3.42 -21.88
N THR A 143 -29.96 4.40 -21.02
CA THR A 143 -29.22 4.17 -19.78
C THR A 143 -30.25 3.99 -18.66
N LEU A 144 -30.10 2.91 -17.91
CA LEU A 144 -31.05 2.62 -16.83
C LEU A 144 -30.36 2.35 -15.50
N VAL A 145 -30.85 3.01 -14.44
CA VAL A 145 -30.29 2.81 -13.10
C VAL A 145 -31.36 2.24 -12.18
N MET A 146 -31.14 1.03 -11.71
CA MET A 146 -32.10 0.36 -10.82
C MET A 146 -32.41 1.26 -9.63
N GLY A 147 -33.70 1.39 -9.34
CA GLY A 147 -34.12 2.22 -8.23
C GLY A 147 -34.26 3.68 -8.60
N VAL A 148 -33.85 4.06 -9.81
CA VAL A 148 -33.97 5.47 -10.21
C VAL A 148 -34.89 5.71 -11.40
N ASN A 149 -34.70 4.93 -12.47
CA ASN A 149 -35.51 5.09 -13.68
C ASN A 149 -35.62 3.80 -14.50
N HIS A 150 -35.35 2.66 -13.87
CA HIS A 150 -35.38 1.40 -14.63
C HIS A 150 -36.78 1.05 -15.14
N HIS A 151 -37.80 1.66 -14.54
CA HIS A 151 -39.15 1.39 -15.00
C HIS A 151 -39.39 2.03 -16.36
N GLU A 152 -38.42 2.78 -16.85
CA GLU A 152 -38.54 3.41 -18.16
C GLU A 152 -38.14 2.43 -19.28
N TYR A 153 -37.73 1.22 -18.91
CA TYR A 153 -37.35 0.24 -19.92
C TYR A 153 -38.56 -0.10 -20.79
N ASN A 154 -38.37 -0.03 -22.11
CA ASN A 154 -39.43 -0.31 -23.07
C ASN A 154 -39.03 -1.52 -23.93
N PRO A 155 -39.59 -2.70 -23.63
CA PRO A 155 -39.33 -3.96 -24.34
C PRO A 155 -39.31 -3.87 -25.86
N SER A 156 -40.16 -3.02 -26.40
CA SER A 156 -40.24 -2.87 -27.85
C SER A 156 -39.31 -1.80 -28.40
N GLU A 157 -38.85 -0.91 -27.54
CA GLU A 157 -37.97 0.18 -27.96
C GLU A 157 -36.51 0.01 -27.57
N HIS A 158 -36.27 -0.58 -26.40
CA HIS A 158 -34.91 -0.74 -25.89
C HIS A 158 -34.36 -2.16 -25.94
N HIS A 159 -33.47 -2.42 -26.90
CA HIS A 159 -32.88 -3.74 -27.06
C HIS A 159 -31.42 -3.76 -26.64
N VAL A 160 -30.76 -2.61 -26.72
CA VAL A 160 -29.38 -2.48 -26.30
C VAL A 160 -29.37 -1.34 -25.30
N VAL A 161 -29.08 -1.66 -24.04
CA VAL A 161 -29.07 -0.65 -22.99
C VAL A 161 -27.79 -0.65 -22.15
N SER A 162 -27.64 0.38 -21.33
CA SER A 162 -26.49 0.49 -20.46
C SER A 162 -26.95 0.63 -19.01
N ASN A 163 -26.24 -0.05 -18.11
CA ASN A 163 -26.56 0.01 -16.68
C ASN A 163 -25.74 1.11 -16.04
N ALA A 164 -25.22 2.02 -16.87
CA ALA A 164 -24.39 3.15 -16.44
C ALA A 164 -23.12 2.65 -15.75
N SER A 165 -22.43 3.54 -15.02
CA SER A 165 -21.22 3.15 -14.31
C SER A 165 -21.46 2.97 -12.80
N CYS A 166 -20.51 2.33 -12.14
CA CYS A 166 -20.61 2.08 -10.72
C CYS A 166 -20.77 3.37 -9.91
N THR A 167 -20.10 4.44 -10.33
CA THR A 167 -20.17 5.71 -9.62
C THR A 167 -21.51 6.41 -9.80
N THR A 168 -22.04 6.38 -11.01
CA THR A 168 -23.34 6.98 -11.26
C THR A 168 -24.40 6.26 -10.43
N ASN A 169 -24.25 4.94 -10.32
CA ASN A 169 -25.20 4.13 -9.54
C ASN A 169 -25.11 4.45 -8.06
N CYS A 170 -24.07 5.19 -7.67
CA CYS A 170 -23.91 5.59 -6.28
C CYS A 170 -24.48 6.99 -6.09
N LEU A 171 -24.17 7.88 -7.02
CA LEU A 171 -24.64 9.26 -6.96
C LEU A 171 -26.12 9.40 -7.27
N ALA A 172 -26.55 8.86 -8.39
CA ALA A 172 -27.95 8.95 -8.81
C ALA A 172 -28.97 8.69 -7.70
N PRO A 173 -28.83 7.58 -6.97
CA PRO A 173 -29.80 7.31 -5.89
C PRO A 173 -29.90 8.44 -4.87
N ILE A 174 -28.80 9.14 -4.62
CA ILE A 174 -28.81 10.25 -3.67
C ILE A 174 -29.56 11.43 -4.30
N VAL A 175 -29.20 11.77 -5.53
CA VAL A 175 -29.84 12.88 -6.23
C VAL A 175 -31.33 12.57 -6.45
N HIS A 176 -31.63 11.33 -6.82
CA HIS A 176 -33.01 10.92 -7.06
C HIS A 176 -33.87 11.14 -5.81
N VAL A 177 -33.30 10.95 -4.63
CA VAL A 177 -34.05 11.15 -3.40
C VAL A 177 -34.27 12.64 -3.20
N LEU A 178 -33.24 13.43 -3.51
CA LEU A 178 -33.33 14.88 -3.33
C LEU A 178 -34.35 15.53 -4.25
N VAL A 179 -34.42 15.04 -5.49
CA VAL A 179 -35.36 15.59 -6.46
C VAL A 179 -36.76 15.06 -6.22
N LYS A 180 -36.85 13.85 -5.69
CA LYS A 180 -38.16 13.24 -5.44
C LYS A 180 -38.78 13.75 -4.14
N GLU A 181 -37.95 14.06 -3.15
CA GLU A 181 -38.45 14.57 -1.86
C GLU A 181 -38.74 16.06 -1.90
N GLY A 182 -38.31 16.73 -2.96
CA GLY A 182 -38.58 18.15 -3.07
C GLY A 182 -37.47 19.09 -2.67
N PHE A 183 -36.33 18.55 -2.25
CA PHE A 183 -35.20 19.39 -1.88
C PHE A 183 -34.69 20.03 -3.16
N GLY A 184 -34.72 19.26 -4.24
CA GLY A 184 -34.27 19.74 -5.52
C GLY A 184 -32.78 20.02 -5.59
N VAL A 185 -32.28 20.18 -6.80
CA VAL A 185 -30.88 20.48 -7.01
C VAL A 185 -30.72 21.66 -7.95
N GLN A 186 -30.03 22.70 -7.50
CA GLN A 186 -29.79 23.88 -8.33
C GLN A 186 -28.51 23.60 -9.13
N THR A 187 -27.43 23.30 -8.43
CA THR A 187 -26.15 22.94 -9.06
C THR A 187 -25.42 22.01 -8.11
N GLY A 188 -24.55 21.17 -8.66
CA GLY A 188 -23.82 20.27 -7.81
C GLY A 188 -22.47 19.88 -8.34
N LEU A 189 -21.57 19.57 -7.43
CA LEU A 189 -20.25 19.12 -7.82
C LEU A 189 -19.95 17.89 -6.97
N MET A 190 -19.48 16.83 -7.60
CA MET A 190 -19.16 15.61 -6.88
C MET A 190 -17.72 15.19 -7.07
N THR A 191 -17.16 14.63 -6.01
CA THR A 191 -15.81 14.12 -6.03
C THR A 191 -15.88 12.70 -5.48
N THR A 192 -15.19 11.79 -6.13
CA THR A 192 -15.17 10.41 -5.68
C THR A 192 -13.76 9.95 -5.33
N ILE A 193 -13.57 9.57 -4.06
CA ILE A 193 -12.29 9.03 -3.61
C ILE A 193 -12.47 7.60 -4.07
N HIS A 194 -11.80 7.28 -5.18
CA HIS A 194 -11.94 6.00 -5.86
C HIS A 194 -10.75 5.03 -5.74
N SER A 195 -11.05 3.76 -5.53
CA SER A 195 -10.02 2.73 -5.46
C SER A 195 -9.39 2.61 -6.85
N TYR A 196 -8.13 2.18 -6.92
CA TYR A 196 -7.53 2.03 -8.24
C TYR A 196 -8.23 0.88 -8.95
N THR A 197 -8.08 0.82 -10.28
CA THR A 197 -8.74 -0.21 -11.04
C THR A 197 -7.79 -0.93 -12.00
N ALA A 198 -8.36 -1.83 -12.79
CA ALA A 198 -7.58 -2.61 -13.75
C ALA A 198 -6.94 -1.80 -14.88
N THR A 199 -7.47 -0.62 -15.17
CA THR A 199 -6.89 0.18 -16.23
C THR A 199 -5.64 0.91 -15.76
N GLN A 200 -5.44 0.97 -14.45
CA GLN A 200 -4.27 1.66 -13.91
C GLN A 200 -3.02 0.78 -13.95
N LYS A 201 -1.88 1.35 -13.58
CA LYS A 201 -0.63 0.59 -13.61
C LYS A 201 0.06 0.48 -12.26
N THR A 202 0.75 -0.64 -12.06
CA THR A 202 1.47 -0.87 -10.82
C THR A 202 2.65 0.09 -10.69
N VAL A 203 3.39 0.29 -11.78
CA VAL A 203 4.53 1.20 -11.79
C VAL A 203 4.30 2.20 -12.91
N ASP A 204 5.04 3.30 -12.91
CA ASP A 204 4.87 4.31 -13.96
C ASP A 204 5.00 3.69 -15.35
N GLY A 205 3.93 3.79 -16.13
CA GLY A 205 3.94 3.25 -17.48
C GLY A 205 3.21 4.13 -18.48
N VAL A 206 3.29 3.75 -19.75
CA VAL A 206 2.64 4.49 -20.82
C VAL A 206 1.11 4.38 -20.76
N SER A 207 0.46 5.54 -20.85
CA SER A 207 -1.00 5.63 -20.80
C SER A 207 -1.37 6.90 -21.57
N VAL A 208 -1.41 6.80 -22.90
CA VAL A 208 -1.69 7.95 -23.78
C VAL A 208 -3.02 8.68 -23.66
N LYS A 209 -4.08 7.99 -23.25
CA LYS A 209 -5.39 8.64 -23.12
C LYS A 209 -5.57 9.31 -21.77
N ASP A 210 -4.67 9.03 -20.83
CA ASP A 210 -4.75 9.60 -19.49
C ASP A 210 -3.39 9.47 -18.80
N TRP A 211 -2.56 10.49 -18.96
CA TRP A 211 -1.20 10.50 -18.40
C TRP A 211 -1.13 10.22 -16.90
N ARG A 212 -1.95 10.92 -16.11
CA ARG A 212 -1.96 10.70 -14.67
C ARG A 212 -2.26 9.23 -14.37
N GLY A 213 -3.19 8.66 -15.12
CA GLY A 213 -3.57 7.26 -14.93
C GLY A 213 -2.51 6.21 -15.22
N GLY A 214 -1.37 6.63 -15.74
CA GLY A 214 -0.30 5.69 -16.02
C GLY A 214 0.71 5.61 -14.88
N ARG A 215 0.51 6.43 -13.88
CA ARG A 215 1.43 6.46 -12.75
C ARG A 215 1.13 5.34 -11.76
N ALA A 216 2.14 4.97 -10.97
CA ALA A 216 2.04 3.91 -9.96
C ALA A 216 0.76 4.07 -9.15
N ALA A 217 -0.18 3.14 -9.34
CA ALA A 217 -1.45 3.23 -8.66
C ALA A 217 -1.49 3.10 -7.14
N ALA A 218 -0.77 2.12 -6.59
CA ALA A 218 -0.80 1.90 -5.16
C ALA A 218 0.06 2.83 -4.30
N VAL A 219 0.67 3.83 -4.91
CA VAL A 219 1.49 4.77 -4.14
C VAL A 219 1.26 6.22 -4.55
N ASN A 220 0.09 6.50 -5.10
CA ASN A 220 -0.24 7.86 -5.53
C ASN A 220 -1.72 8.18 -5.44
N ILE A 221 -2.01 9.45 -5.28
CA ILE A 221 -3.37 9.96 -5.28
C ILE A 221 -3.41 10.46 -6.72
N ILE A 222 -4.27 9.88 -7.55
CA ILE A 222 -4.30 10.25 -8.95
C ILE A 222 -5.59 10.89 -9.44
N PRO A 223 -5.59 12.22 -9.61
CA PRO A 223 -6.75 12.98 -10.08
C PRO A 223 -7.23 12.42 -11.40
N SER A 224 -8.53 12.55 -11.67
CA SER A 224 -9.08 12.06 -12.92
C SER A 224 -10.41 12.68 -13.23
N THR A 225 -10.66 12.97 -14.49
CA THR A 225 -11.94 13.51 -14.90
C THR A 225 -12.90 12.33 -14.90
N THR A 226 -14.19 12.60 -14.96
CA THR A 226 -15.17 11.52 -14.96
C THR A 226 -16.48 12.03 -15.53
N GLY A 227 -17.30 11.13 -16.05
CA GLY A 227 -18.59 11.53 -16.61
C GLY A 227 -19.76 11.06 -15.76
N ALA A 228 -19.48 10.39 -14.65
CA ALA A 228 -20.53 9.87 -13.77
C ALA A 228 -21.57 10.89 -13.34
N ALA A 229 -21.13 12.11 -13.02
CA ALA A 229 -22.04 13.16 -12.57
C ALA A 229 -22.88 13.68 -13.73
N LYS A 230 -22.26 13.87 -14.89
CA LYS A 230 -23.02 14.35 -16.04
C LYS A 230 -24.05 13.31 -16.40
N ALA A 231 -23.67 12.04 -16.32
CA ALA A 231 -24.57 10.93 -16.63
C ALA A 231 -25.84 10.93 -15.78
N VAL A 232 -25.77 11.48 -14.57
CA VAL A 232 -26.95 11.51 -13.72
C VAL A 232 -28.05 12.30 -14.44
N GLY A 233 -27.63 13.17 -15.36
CA GLY A 233 -28.57 13.98 -16.12
C GLY A 233 -29.37 13.18 -17.13
N MET A 234 -28.86 12.02 -17.54
CA MET A 234 -29.55 11.16 -18.49
C MET A 234 -30.61 10.33 -17.76
N VAL A 235 -30.36 10.04 -16.50
CA VAL A 235 -31.28 9.24 -15.70
C VAL A 235 -32.30 10.15 -15.00
N ILE A 236 -31.91 11.41 -14.78
CA ILE A 236 -32.78 12.39 -14.14
C ILE A 236 -32.60 13.71 -14.90
N PRO A 237 -33.35 13.87 -16.00
CA PRO A 237 -33.31 15.06 -16.87
C PRO A 237 -33.33 16.42 -16.17
N SER A 238 -34.03 16.51 -15.05
CA SER A 238 -34.11 17.78 -14.35
C SER A 238 -32.77 18.27 -13.81
N THR A 239 -31.73 17.44 -13.88
CA THR A 239 -30.41 17.82 -13.38
C THR A 239 -29.40 17.98 -14.51
N GLN A 240 -29.87 17.82 -15.74
CA GLN A 240 -29.02 17.97 -16.91
C GLN A 240 -28.32 19.32 -16.88
N GLY A 241 -27.02 19.32 -17.10
CA GLY A 241 -26.25 20.56 -17.11
C GLY A 241 -26.01 21.23 -15.78
N LYS A 242 -26.55 20.68 -14.70
CA LYS A 242 -26.37 21.28 -13.39
C LYS A 242 -25.39 20.51 -12.51
N LEU A 243 -24.91 19.37 -13.02
CA LEU A 243 -24.00 18.52 -12.27
C LEU A 243 -22.75 18.02 -13.01
N THR A 244 -21.66 17.89 -12.28
CA THR A 244 -20.42 17.38 -12.84
C THR A 244 -19.49 17.04 -11.70
N GLY A 245 -18.32 16.48 -11.99
CA GLY A 245 -17.42 16.15 -10.92
C GLY A 245 -16.18 15.40 -11.35
N MET A 246 -15.30 15.11 -10.38
CA MET A 246 -14.06 14.41 -10.68
C MET A 246 -13.87 13.17 -9.82
N SER A 247 -12.67 12.60 -9.96
CA SER A 247 -12.31 11.41 -9.23
C SER A 247 -10.88 11.49 -8.77
N PHE A 248 -10.61 10.96 -7.59
CA PHE A 248 -9.25 10.90 -7.05
C PHE A 248 -9.02 9.42 -6.81
N ARG A 249 -8.12 8.82 -7.59
CA ARG A 249 -7.79 7.40 -7.43
C ARG A 249 -6.81 7.28 -6.28
N VAL A 250 -7.19 6.52 -5.25
CA VAL A 250 -6.32 6.32 -4.09
C VAL A 250 -5.89 4.87 -3.94
N PRO A 251 -4.83 4.62 -3.14
CA PRO A 251 -4.29 3.28 -2.92
C PRO A 251 -5.10 2.21 -2.17
N THR A 252 -6.27 1.85 -2.70
CA THR A 252 -7.07 0.77 -2.13
C THR A 252 -7.55 -0.08 -3.31
N PRO A 253 -7.61 -1.40 -3.13
CA PRO A 253 -8.04 -2.33 -4.18
C PRO A 253 -9.53 -2.32 -4.51
N ASP A 254 -10.36 -1.91 -3.56
CA ASP A 254 -11.81 -1.87 -3.78
C ASP A 254 -12.54 -0.98 -2.79
N VAL A 255 -13.70 -0.50 -3.21
CA VAL A 255 -14.55 0.37 -2.42
C VAL A 255 -14.15 1.83 -2.63
N SER A 256 -15.16 2.66 -2.87
CA SER A 256 -14.95 4.08 -3.07
C SER A 256 -16.02 4.83 -2.30
N VAL A 257 -16.01 6.15 -2.42
CA VAL A 257 -17.00 6.94 -1.72
C VAL A 257 -17.34 8.19 -2.50
N VAL A 258 -18.60 8.59 -2.40
CA VAL A 258 -19.07 9.78 -3.10
C VAL A 258 -19.12 10.99 -2.15
N ASP A 259 -18.53 12.09 -2.60
CA ASP A 259 -18.50 13.34 -1.86
C ASP A 259 -19.27 14.35 -2.71
N LEU A 260 -20.59 14.42 -2.51
CA LEU A 260 -21.43 15.34 -3.27
C LEU A 260 -21.65 16.69 -2.58
N THR A 261 -21.37 17.77 -3.30
CA THR A 261 -21.58 19.11 -2.77
C THR A 261 -22.57 19.82 -3.70
N PHE A 262 -23.68 20.27 -3.15
CA PHE A 262 -24.71 20.91 -3.96
C PHE A 262 -25.49 21.97 -3.20
N THR A 263 -26.22 22.79 -3.96
CA THR A 263 -27.07 23.82 -3.39
C THR A 263 -28.50 23.38 -3.69
N ALA A 264 -29.29 23.15 -2.65
CA ALA A 264 -30.68 22.72 -2.83
C ALA A 264 -31.48 23.77 -3.56
N ALA A 265 -32.59 23.37 -4.15
CA ALA A 265 -33.45 24.28 -4.90
C ALA A 265 -34.35 25.13 -4.00
N ARG A 266 -34.39 24.80 -2.72
CA ARG A 266 -35.21 25.53 -1.76
C ARG A 266 -34.64 25.37 -0.36
N ASP A 267 -34.86 26.36 0.50
CA ASP A 267 -34.34 26.29 1.86
C ASP A 267 -34.65 24.96 2.51
N THR A 268 -33.70 24.44 3.27
CA THR A 268 -33.87 23.18 3.97
C THR A 268 -32.80 23.12 5.06
N SER A 269 -32.44 21.91 5.49
CA SER A 269 -31.42 21.76 6.52
C SER A 269 -30.78 20.40 6.36
N ILE A 270 -29.57 20.23 6.89
CA ILE A 270 -28.89 18.96 6.76
C ILE A 270 -29.63 17.84 7.49
N GLN A 271 -30.30 18.16 8.60
CA GLN A 271 -31.05 17.15 9.36
C GLN A 271 -32.25 16.70 8.55
N GLU A 272 -32.86 17.63 7.83
CA GLU A 272 -34.02 17.31 7.03
C GLU A 272 -33.63 16.34 5.91
N ILE A 273 -32.43 16.55 5.37
CA ILE A 273 -31.90 15.70 4.31
C ILE A 273 -31.54 14.33 4.88
N ASP A 274 -30.92 14.33 6.06
CA ASP A 274 -30.55 13.09 6.73
C ASP A 274 -31.77 12.20 6.88
N ALA A 275 -32.86 12.78 7.36
CA ALA A 275 -34.12 12.04 7.54
C ALA A 275 -34.65 11.48 6.22
N ALA A 276 -34.68 12.31 5.19
CA ALA A 276 -35.17 11.90 3.88
C ALA A 276 -34.37 10.73 3.30
N LEU A 277 -33.04 10.81 3.44
CA LEU A 277 -32.20 9.76 2.94
C LEU A 277 -32.46 8.46 3.70
N LYS A 278 -32.46 8.54 5.02
CA LYS A 278 -32.71 7.36 5.83
C LYS A 278 -34.06 6.75 5.49
N ARG A 279 -35.10 7.58 5.49
CA ARG A 279 -36.46 7.17 5.19
C ARG A 279 -36.56 6.46 3.84
N ALA A 280 -35.91 7.00 2.82
CA ALA A 280 -35.96 6.39 1.50
C ALA A 280 -35.30 5.01 1.51
N SER A 281 -34.24 4.89 2.32
CA SER A 281 -33.51 3.63 2.46
C SER A 281 -34.42 2.49 2.90
N LYS A 282 -35.31 2.81 3.82
CA LYS A 282 -36.25 1.84 4.38
C LYS A 282 -37.52 1.69 3.55
N THR A 283 -37.68 2.51 2.51
CA THR A 283 -38.89 2.45 1.71
C THR A 283 -38.73 2.24 0.21
N TYR A 284 -38.91 3.30 -0.58
CA TYR A 284 -38.83 3.16 -2.03
C TYR A 284 -37.43 2.93 -2.62
N MET A 285 -36.38 3.13 -1.82
CA MET A 285 -35.01 2.92 -2.30
C MET A 285 -34.37 1.69 -1.65
N LYS A 286 -35.17 0.94 -0.90
CA LYS A 286 -34.68 -0.26 -0.21
C LYS A 286 -33.93 -1.20 -1.16
N GLY A 287 -32.74 -1.65 -0.73
CA GLY A 287 -31.95 -2.55 -1.55
C GLY A 287 -31.02 -1.85 -2.54
N ILE A 288 -31.27 -0.57 -2.77
CA ILE A 288 -30.47 0.23 -3.69
C ILE A 288 -29.69 1.25 -2.86
N LEU A 289 -30.40 1.93 -1.97
CA LEU A 289 -29.80 2.93 -1.10
C LEU A 289 -29.93 2.51 0.35
N GLY A 290 -28.80 2.40 1.03
CA GLY A 290 -28.83 2.04 2.42
C GLY A 290 -28.07 3.15 3.12
N TYR A 291 -27.94 3.08 4.42
CA TYR A 291 -27.18 4.07 5.15
C TYR A 291 -26.55 3.43 6.37
N THR A 292 -25.63 4.16 6.97
CA THR A 292 -24.94 3.70 8.16
C THR A 292 -24.75 4.92 9.05
N ASP A 293 -24.73 4.69 10.36
CA ASP A 293 -24.49 5.80 11.27
C ASP A 293 -23.45 5.37 12.28
N GLU A 294 -22.62 4.41 11.86
CA GLU A 294 -21.51 3.90 12.66
C GLU A 294 -20.22 4.45 12.07
N GLU A 295 -19.13 4.31 12.83
CA GLU A 295 -17.82 4.82 12.43
C GLU A 295 -17.12 3.90 11.43
N LEU A 296 -17.76 3.65 10.30
CA LEU A 296 -17.20 2.78 9.28
C LEU A 296 -16.10 3.35 8.40
N VAL A 297 -15.29 2.44 7.84
CA VAL A 297 -14.22 2.80 6.92
C VAL A 297 -14.41 1.91 5.70
N SER A 298 -13.71 2.21 4.62
CA SER A 298 -13.86 1.48 3.37
C SER A 298 -13.97 -0.05 3.47
N ALA A 299 -13.14 -0.68 4.28
CA ALA A 299 -13.19 -2.13 4.39
C ALA A 299 -14.54 -2.68 4.85
N ASP A 300 -15.31 -1.90 5.59
CA ASP A 300 -16.60 -2.35 6.09
C ASP A 300 -17.69 -2.36 5.03
N PHE A 301 -17.36 -1.92 3.81
CA PHE A 301 -18.35 -1.91 2.75
C PHE A 301 -18.02 -2.97 1.70
N ILE A 302 -16.92 -3.69 1.91
CA ILE A 302 -16.59 -4.75 0.99
C ILE A 302 -17.74 -5.75 1.01
N ASN A 303 -18.24 -6.10 -0.18
CA ASN A 303 -19.35 -7.03 -0.39
C ASN A 303 -20.76 -6.52 -0.08
N ASP A 304 -20.90 -5.20 0.05
CA ASP A 304 -22.21 -4.62 0.29
C ASP A 304 -22.92 -4.56 -1.07
N ASN A 305 -24.11 -5.16 -1.14
CA ASN A 305 -24.90 -5.22 -2.36
C ASN A 305 -25.63 -3.93 -2.75
N ARG A 306 -25.64 -2.93 -1.86
CA ARG A 306 -26.32 -1.68 -2.19
C ARG A 306 -25.53 -0.85 -3.20
N SER A 307 -26.24 -0.05 -3.99
CA SER A 307 -25.58 0.77 -5.00
C SER A 307 -24.94 1.97 -4.32
N SER A 308 -25.60 2.46 -3.27
CA SER A 308 -25.11 3.61 -2.54
C SER A 308 -25.37 3.42 -1.04
N ILE A 309 -24.41 3.79 -0.20
CA ILE A 309 -24.60 3.67 1.24
C ILE A 309 -24.28 4.98 1.95
N TYR A 310 -25.33 5.74 2.23
CA TYR A 310 -25.23 7.03 2.90
C TYR A 310 -24.52 6.94 4.24
N ASP A 311 -23.56 7.82 4.46
CA ASP A 311 -22.79 7.85 5.71
C ASP A 311 -23.35 8.99 6.58
N SER A 312 -24.37 8.68 7.37
CA SER A 312 -25.00 9.68 8.22
C SER A 312 -24.04 10.54 9.07
N LYS A 313 -23.28 9.89 9.96
CA LYS A 313 -22.36 10.59 10.85
C LYS A 313 -21.41 11.53 10.11
N ALA A 314 -20.76 11.04 9.06
CA ALA A 314 -19.84 11.88 8.29
C ALA A 314 -20.59 13.07 7.70
N THR A 315 -21.79 12.83 7.19
CA THR A 315 -22.57 13.92 6.61
C THR A 315 -22.92 14.95 7.69
N LEU A 316 -23.68 14.53 8.69
CA LEU A 316 -24.09 15.43 9.76
C LEU A 316 -22.97 16.17 10.47
N GLN A 317 -21.80 15.55 10.57
CA GLN A 317 -20.68 16.17 11.28
C GLN A 317 -19.84 17.15 10.48
N ASN A 318 -20.04 17.19 9.16
CA ASN A 318 -19.24 18.05 8.32
C ASN A 318 -20.02 19.02 7.40
N ASN A 319 -21.05 19.65 7.95
CA ASN A 319 -21.84 20.60 7.17
C ASN A 319 -21.87 21.93 7.92
N LEU A 320 -22.15 23.02 7.22
CA LEU A 320 -22.20 24.32 7.86
C LEU A 320 -23.39 24.36 8.82
N PRO A 321 -23.15 24.71 10.08
CA PRO A 321 -24.25 24.76 11.06
C PRO A 321 -25.33 25.76 10.67
N LYS A 322 -26.58 25.30 10.71
CA LYS A 322 -27.73 26.12 10.37
C LYS A 322 -27.81 26.53 8.90
N GLU A 323 -27.07 25.82 8.05
CA GLU A 323 -27.08 26.11 6.61
C GLU A 323 -28.39 25.65 5.99
N ARG A 324 -28.83 26.32 4.92
CA ARG A 324 -30.09 25.96 4.31
C ARG A 324 -30.06 25.66 2.82
N ARG A 325 -28.90 25.81 2.18
CA ARG A 325 -28.79 25.54 0.75
C ARG A 325 -27.51 24.79 0.34
N PHE A 326 -26.38 25.20 0.89
CA PHE A 326 -25.07 24.64 0.56
C PHE A 326 -24.78 23.40 1.40
N PHE A 327 -24.94 22.22 0.81
CA PHE A 327 -24.72 20.97 1.54
C PHE A 327 -23.72 19.98 0.96
N LYS A 328 -23.26 19.08 1.82
CA LYS A 328 -22.32 18.02 1.46
C LYS A 328 -22.93 16.69 1.90
N ILE A 329 -22.87 15.69 1.03
CA ILE A 329 -23.40 14.37 1.34
C ILE A 329 -22.38 13.30 0.97
N VAL A 330 -22.04 12.45 1.93
CA VAL A 330 -21.07 11.39 1.72
C VAL A 330 -21.78 10.04 1.61
N SER A 331 -21.45 9.28 0.56
CA SER A 331 -22.07 7.97 0.37
C SER A 331 -21.06 6.98 -0.20
N TRP A 332 -20.97 5.82 0.45
CA TRP A 332 -20.04 4.78 0.02
C TRP A 332 -20.63 3.82 -1.00
N TYR A 333 -19.75 3.07 -1.62
CA TYR A 333 -20.15 2.05 -2.57
C TYR A 333 -19.01 1.11 -2.88
N ASP A 334 -19.27 -0.19 -2.78
CA ASP A 334 -18.25 -1.18 -3.13
C ASP A 334 -18.39 -1.12 -4.65
N ASN A 335 -17.47 -0.43 -5.31
CA ASN A 335 -17.58 -0.28 -6.75
C ASN A 335 -17.74 -1.56 -7.55
N GLU A 336 -17.09 -2.63 -7.13
CA GLU A 336 -17.21 -3.88 -7.88
C GLU A 336 -18.51 -4.63 -7.54
N TRP A 337 -18.74 -4.84 -6.26
CA TRP A 337 -19.91 -5.57 -5.76
C TRP A 337 -21.30 -4.97 -6.04
N GLY A 338 -21.52 -3.74 -5.60
CA GLY A 338 -22.82 -3.13 -5.81
C GLY A 338 -23.26 -3.23 -7.25
N TYR A 339 -22.45 -2.67 -8.14
CA TYR A 339 -22.73 -2.65 -9.56
C TYR A 339 -23.03 -4.01 -10.18
N SER A 340 -22.26 -5.02 -9.81
CA SER A 340 -22.46 -6.37 -10.36
C SER A 340 -23.87 -6.88 -10.10
N HIS A 341 -24.39 -6.59 -8.92
CA HIS A 341 -25.73 -7.00 -8.58
C HIS A 341 -26.72 -6.15 -9.36
N ARG A 342 -26.41 -4.88 -9.54
CA ARG A 342 -27.32 -4.03 -10.30
C ARG A 342 -27.46 -4.56 -11.73
N VAL A 343 -26.36 -5.02 -12.31
CA VAL A 343 -26.40 -5.56 -13.66
C VAL A 343 -27.36 -6.75 -13.71
N VAL A 344 -27.28 -7.61 -12.70
CA VAL A 344 -28.15 -8.77 -12.62
C VAL A 344 -29.58 -8.29 -12.39
N ASP A 345 -29.77 -7.40 -11.43
CA ASP A 345 -31.08 -6.86 -11.15
C ASP A 345 -31.73 -6.31 -12.42
N LEU A 346 -30.93 -5.65 -13.25
CA LEU A 346 -31.45 -5.07 -14.49
C LEU A 346 -31.86 -6.10 -15.54
N VAL A 347 -31.10 -7.18 -15.65
CA VAL A 347 -31.43 -8.23 -16.62
C VAL A 347 -32.74 -8.89 -16.20
N ARG A 348 -32.92 -9.10 -14.89
CA ARG A 348 -34.16 -9.70 -14.41
C ARG A 348 -35.35 -8.78 -14.66
N HIS A 349 -35.17 -7.48 -14.46
CA HIS A 349 -36.25 -6.54 -14.69
C HIS A 349 -36.67 -6.55 -16.15
N MET A 350 -35.68 -6.51 -17.03
CA MET A 350 -35.93 -6.50 -18.46
C MET A 350 -36.64 -7.78 -18.86
N ALA A 351 -36.09 -8.92 -18.43
CA ALA A 351 -36.68 -10.21 -18.75
C ALA A 351 -38.14 -10.20 -18.32
N SER A 352 -38.38 -9.73 -17.11
CA SER A 352 -39.73 -9.67 -16.57
C SER A 352 -40.68 -8.86 -17.42
N LYS A 353 -40.24 -7.70 -17.88
CA LYS A 353 -41.09 -6.86 -18.70
C LYS A 353 -41.20 -7.34 -20.13
N ASP A 354 -40.22 -8.11 -20.61
CA ASP A 354 -40.27 -8.64 -21.98
C ASP A 354 -41.26 -9.78 -21.98
N ARG A 355 -41.26 -10.53 -20.88
CA ARG A 355 -42.13 -11.67 -20.69
C ARG A 355 -43.60 -11.25 -20.65
N SER A 356 -43.91 -10.25 -19.82
CA SER A 356 -45.26 -9.75 -19.68
C SER A 356 -45.76 -9.01 -20.92
N ALA A 357 -44.87 -8.78 -21.88
CA ALA A 357 -45.23 -8.08 -23.11
C ALA A 357 -45.70 -9.03 -24.20
N ARG A 358 -45.51 -10.33 -23.98
CA ARG A 358 -45.91 -11.34 -24.96
C ARG A 358 -47.19 -12.07 -24.56
N LEU A 359 -47.91 -11.54 -23.58
CA LEU A 359 -49.16 -12.15 -23.13
C LEU A 359 -50.32 -11.80 -24.07
N MET B 1 23.03 39.74 14.46
CA MET B 1 23.79 38.45 14.41
C MET B 1 22.83 37.26 14.28
N PRO B 2 23.36 36.06 14.02
CA PRO B 2 22.55 34.85 13.87
C PRO B 2 21.42 34.74 14.89
N ILE B 3 20.29 34.20 14.44
CA ILE B 3 19.13 34.01 15.29
C ILE B 3 19.34 32.75 16.13
N LYS B 4 19.39 32.91 17.46
CA LYS B 4 19.58 31.77 18.35
C LYS B 4 18.25 31.05 18.53
N VAL B 5 18.13 29.88 17.92
CA VAL B 5 16.89 29.11 17.98
C VAL B 5 17.02 27.81 18.77
N GLY B 6 15.88 27.34 19.25
CA GLY B 6 15.83 26.09 19.99
C GLY B 6 14.61 25.34 19.49
N ILE B 7 14.70 24.01 19.44
CA ILE B 7 13.58 23.20 18.98
C ILE B 7 13.10 22.25 20.07
N ASN B 8 12.04 22.61 20.77
CA ASN B 8 11.50 21.76 21.81
C ASN B 8 10.73 20.63 21.15
N GLY B 9 11.09 19.40 21.45
CA GLY B 9 10.43 18.26 20.84
C GLY B 9 10.98 17.99 19.46
N PHE B 10 12.06 17.21 19.41
CA PHE B 10 12.69 16.90 18.13
C PHE B 10 12.10 15.64 17.49
N GLY B 11 10.78 15.63 17.31
CA GLY B 11 10.13 14.49 16.70
C GLY B 11 10.24 14.63 15.20
N ARG B 12 9.38 13.96 14.45
CA ARG B 12 9.42 14.06 13.00
C ARG B 12 9.28 15.50 12.54
N ILE B 13 8.19 16.14 12.94
CA ILE B 13 7.97 17.54 12.55
C ILE B 13 9.14 18.41 12.98
N GLY B 14 9.67 18.14 14.17
CA GLY B 14 10.80 18.91 14.65
C GLY B 14 11.98 18.74 13.73
N ARG B 15 12.15 17.53 13.20
CA ARG B 15 13.23 17.21 12.29
C ARG B 15 13.03 17.88 10.93
N MET B 16 11.83 17.77 10.41
CA MET B 16 11.46 18.34 9.12
C MET B 16 11.73 19.83 9.14
N VAL B 17 11.42 20.47 10.26
CA VAL B 17 11.65 21.90 10.38
C VAL B 17 13.13 22.18 10.27
N PHE B 18 13.93 21.35 10.94
CA PHE B 18 15.37 21.52 10.90
C PHE B 18 15.93 21.30 9.49
N GLN B 19 15.48 20.24 8.84
CA GLN B 19 15.95 19.94 7.49
C GLN B 19 15.55 21.07 6.54
N ALA B 20 14.36 21.63 6.73
CA ALA B 20 13.88 22.72 5.90
C ALA B 20 14.78 23.94 6.14
N LEU B 21 15.10 24.15 7.42
CA LEU B 21 15.95 25.24 7.83
C LEU B 21 17.31 25.11 7.13
N CYS B 22 17.79 23.87 7.02
CA CYS B 22 19.06 23.59 6.36
C CYS B 22 18.90 23.75 4.84
N GLU B 23 17.83 23.20 4.29
CA GLU B 23 17.56 23.28 2.85
C GLU B 23 17.61 24.73 2.36
N ASP B 24 17.17 25.65 3.21
CA ASP B 24 17.18 27.07 2.86
C ASP B 24 18.56 27.66 3.11
N GLY B 25 19.50 26.81 3.50
CA GLY B 25 20.85 27.26 3.76
C GLY B 25 20.91 28.36 4.80
N LEU B 26 20.18 28.18 5.89
CA LEU B 26 20.15 29.17 6.97
C LEU B 26 20.97 28.72 8.17
N LEU B 27 21.31 27.43 8.20
CA LEU B 27 22.07 26.86 9.31
C LEU B 27 23.42 27.53 9.54
N GLY B 28 23.58 28.09 10.74
CA GLY B 28 24.83 28.73 11.10
C GLY B 28 24.95 30.20 10.75
N THR B 29 24.57 30.58 9.53
CA THR B 29 24.67 31.96 9.12
C THR B 29 23.51 32.83 9.58
N GLU B 30 22.31 32.55 9.08
CA GLU B 30 21.15 33.35 9.43
C GLU B 30 20.34 32.84 10.63
N ILE B 31 20.62 31.60 11.05
CA ILE B 31 19.95 30.99 12.19
C ILE B 31 20.81 29.82 12.65
N ASP B 32 20.91 29.65 13.95
CA ASP B 32 21.69 28.53 14.49
C ASP B 32 20.88 27.84 15.58
N VAL B 33 20.65 26.55 15.39
CA VAL B 33 19.88 25.77 16.35
C VAL B 33 20.80 25.46 17.51
N VAL B 34 20.69 26.26 18.56
CA VAL B 34 21.52 26.08 19.74
C VAL B 34 21.38 24.65 20.26
N ALA B 35 20.14 24.20 20.41
CA ALA B 35 19.89 22.85 20.91
C ALA B 35 18.49 22.33 20.55
N VAL B 36 18.33 21.02 20.62
CA VAL B 36 17.06 20.39 20.32
C VAL B 36 16.65 19.45 21.45
N VAL B 37 15.81 19.94 22.35
CA VAL B 37 15.35 19.15 23.48
C VAL B 37 14.30 18.11 23.10
N ASP B 38 14.46 16.90 23.65
CA ASP B 38 13.56 15.79 23.38
C ASP B 38 13.62 14.75 24.49
N MET B 39 12.63 13.88 24.56
CA MET B 39 12.57 12.84 25.58
C MET B 39 13.75 11.87 25.51
N ASN B 40 14.31 11.69 24.31
CA ASN B 40 15.45 10.79 24.13
C ASN B 40 16.75 11.58 24.01
N THR B 41 17.84 10.98 24.46
CA THR B 41 19.15 11.62 24.43
C THR B 41 20.12 10.96 23.48
N ASP B 42 19.79 9.75 23.05
CA ASP B 42 20.63 9.00 22.12
C ASP B 42 20.89 9.81 20.85
N ALA B 43 21.96 10.61 20.86
CA ALA B 43 22.30 11.44 19.70
C ALA B 43 22.53 10.62 18.43
N GLU B 44 23.19 9.47 18.56
CA GLU B 44 23.46 8.61 17.41
C GLU B 44 22.15 8.30 16.70
N TYR B 45 21.11 8.02 17.48
CA TYR B 45 19.80 7.71 16.90
C TYR B 45 19.29 8.96 16.19
N PHE B 46 19.49 10.12 16.80
CA PHE B 46 19.08 11.38 16.19
C PHE B 46 19.73 11.52 14.83
N ALA B 47 21.02 11.20 14.77
CA ALA B 47 21.77 11.29 13.53
C ALA B 47 21.22 10.33 12.48
N TYR B 48 20.72 9.17 12.93
CA TYR B 48 20.16 8.16 12.04
C TYR B 48 18.83 8.60 11.43
N GLN B 49 17.93 9.11 12.26
CA GLN B 49 16.63 9.55 11.77
C GLN B 49 16.75 10.74 10.81
N MET B 50 17.74 11.58 11.07
CA MET B 50 17.97 12.77 10.26
C MET B 50 18.60 12.37 8.93
N ARG B 51 19.45 11.34 8.97
CA ARG B 51 20.17 10.86 7.81
C ARG B 51 19.31 10.17 6.75
N TYR B 52 18.30 9.43 7.19
CA TYR B 52 17.44 8.70 6.27
C TYR B 52 15.97 9.03 6.47
N ASP B 53 15.24 9.03 5.36
CA ASP B 53 13.81 9.31 5.39
C ASP B 53 13.14 8.48 4.30
N THR B 54 12.14 7.68 4.65
CA THR B 54 11.50 6.84 3.63
C THR B 54 10.81 7.64 2.51
N VAL B 55 10.45 8.89 2.76
CA VAL B 55 9.79 9.68 1.73
C VAL B 55 10.57 10.88 1.19
N HIS B 56 11.34 11.55 2.05
CA HIS B 56 12.06 12.73 1.59
C HIS B 56 13.50 12.49 1.10
N GLY B 57 13.89 11.23 1.02
CA GLY B 57 15.23 10.90 0.57
C GLY B 57 16.30 11.11 1.62
N LYS B 58 17.56 10.90 1.22
CA LYS B 58 18.70 11.05 2.12
C LYS B 58 19.06 12.51 2.36
N PHE B 59 19.41 12.84 3.60
CA PHE B 59 19.78 14.20 3.99
C PHE B 59 21.02 14.67 3.24
N LYS B 60 20.93 15.84 2.62
CA LYS B 60 22.03 16.39 1.83
C LYS B 60 23.21 16.93 2.63
N TYR B 61 23.14 16.91 3.95
CA TYR B 61 24.23 17.40 4.78
C TYR B 61 24.72 16.32 5.74
N GLU B 62 26.03 16.24 5.90
CA GLU B 62 26.62 15.25 6.80
C GLU B 62 26.27 15.51 8.26
N VAL B 63 25.89 14.44 8.95
CA VAL B 63 25.54 14.55 10.36
C VAL B 63 26.38 13.55 11.11
N THR B 64 27.11 14.02 12.11
CA THR B 64 27.95 13.15 12.92
C THR B 64 27.61 13.48 14.37
N THR B 65 28.25 12.81 15.33
CA THR B 65 27.97 13.10 16.74
C THR B 65 29.21 13.14 17.63
N THR B 66 29.13 13.91 18.71
CA THR B 66 30.22 14.04 19.66
C THR B 66 29.67 14.40 21.03
N LYS B 67 30.56 14.62 21.99
CA LYS B 67 30.16 14.97 23.35
C LYS B 67 30.36 16.47 23.54
N SER B 68 29.50 17.08 24.36
CA SER B 68 29.59 18.50 24.63
C SER B 68 30.85 18.79 25.44
N SER B 69 31.24 17.81 26.26
CA SER B 69 32.41 17.90 27.12
C SER B 69 32.78 16.49 27.55
N PRO B 70 34.07 16.13 27.47
CA PRO B 70 34.54 14.79 27.86
C PRO B 70 33.89 14.23 29.12
N SER B 71 33.49 15.13 30.03
CA SER B 71 32.85 14.71 31.26
C SER B 71 31.51 14.01 30.99
N VAL B 72 30.84 14.43 29.91
CA VAL B 72 29.55 13.85 29.54
C VAL B 72 29.69 12.39 29.10
N ALA B 73 28.81 11.54 29.65
CA ALA B 73 28.83 10.11 29.33
C ALA B 73 28.70 9.84 27.83
N LYS B 74 27.47 9.63 27.38
CA LYS B 74 27.20 9.36 25.96
C LYS B 74 27.28 10.63 25.13
N ASP B 75 27.20 10.48 23.81
CA ASP B 75 27.23 11.61 22.90
C ASP B 75 25.93 12.39 23.05
N ASP B 76 26.04 13.68 23.35
CA ASP B 76 24.87 14.53 23.54
C ASP B 76 24.82 15.69 22.56
N THR B 77 25.72 15.65 21.56
CA THR B 77 25.80 16.70 20.57
C THR B 77 25.72 16.20 19.13
N LEU B 78 24.91 16.88 18.32
CA LEU B 78 24.75 16.56 16.91
C LEU B 78 25.62 17.57 16.18
N VAL B 79 26.39 17.11 15.21
CA VAL B 79 27.24 18.00 14.43
C VAL B 79 26.75 17.97 12.98
N VAL B 80 26.02 19.02 12.60
CA VAL B 80 25.45 19.11 11.26
C VAL B 80 26.20 20.06 10.33
N ASN B 81 26.79 19.48 9.28
CA ASN B 81 27.53 20.26 8.30
C ASN B 81 28.48 21.23 9.00
N GLY B 82 28.81 20.92 10.24
CA GLY B 82 29.72 21.76 11.00
C GLY B 82 29.08 22.36 12.25
N HIS B 83 27.87 22.89 12.10
CA HIS B 83 27.17 23.51 13.23
C HIS B 83 26.97 22.52 14.37
N ARG B 84 27.13 23.01 15.60
CA ARG B 84 26.96 22.19 16.78
C ARG B 84 25.60 22.36 17.42
N ILE B 85 24.90 21.25 17.61
CA ILE B 85 23.57 21.27 18.19
C ILE B 85 23.48 20.34 19.40
N LEU B 86 23.11 20.90 20.54
CA LEU B 86 23.01 20.13 21.77
C LEU B 86 21.64 19.48 21.94
N CYS B 87 21.66 18.26 22.47
CA CYS B 87 20.43 17.53 22.71
C CYS B 87 20.13 17.57 24.19
N VAL B 88 19.29 18.52 24.59
CA VAL B 88 18.92 18.70 25.98
C VAL B 88 17.82 17.71 26.37
N LYS B 89 17.74 17.41 27.66
CA LYS B 89 16.73 16.50 28.18
C LYS B 89 15.41 17.26 28.28
N ALA B 90 14.30 16.57 28.09
CA ALA B 90 12.98 17.18 28.17
C ALA B 90 12.54 17.49 29.60
N GLN B 91 11.68 18.50 29.75
CA GLN B 91 11.15 18.91 31.05
C GLN B 91 9.64 18.80 31.07
N ARG B 92 9.06 18.83 32.26
CA ARG B 92 7.61 18.74 32.40
C ARG B 92 7.04 20.14 32.20
N ASN B 93 7.88 21.14 32.43
CA ASN B 93 7.46 22.53 32.26
C ASN B 93 8.53 23.30 31.48
N PRO B 94 8.11 24.05 30.45
CA PRO B 94 9.03 24.83 29.63
C PRO B 94 9.98 25.70 30.45
N ALA B 95 9.44 26.36 31.48
CA ALA B 95 10.24 27.22 32.34
C ALA B 95 11.51 26.53 32.83
N ASP B 96 11.43 25.21 32.98
CA ASP B 96 12.59 24.45 33.46
C ASP B 96 13.65 24.29 32.38
N LEU B 97 13.36 24.71 31.15
CA LEU B 97 14.32 24.60 30.06
C LEU B 97 15.39 25.69 30.18
N PRO B 98 16.63 25.37 29.80
CA PRO B 98 17.77 26.30 29.87
C PRO B 98 17.82 27.35 28.77
N TRP B 99 16.69 27.55 28.08
CA TRP B 99 16.62 28.52 26.99
C TRP B 99 17.50 29.74 27.18
N GLY B 100 17.23 30.52 28.23
CA GLY B 100 18.02 31.71 28.49
C GLY B 100 19.50 31.44 28.70
N LYS B 101 19.81 30.35 29.39
CA LYS B 101 21.19 29.97 29.64
C LYS B 101 21.89 29.78 28.31
N LEU B 102 21.19 29.10 27.39
CA LEU B 102 21.70 28.81 26.06
C LEU B 102 21.66 30.02 25.14
N GLY B 103 20.90 31.04 25.54
CA GLY B 103 20.79 32.23 24.73
C GLY B 103 19.77 32.02 23.63
N VAL B 104 18.84 31.10 23.87
CA VAL B 104 17.80 30.78 22.89
C VAL B 104 16.58 31.69 23.04
N GLU B 105 16.43 32.62 22.10
CA GLU B 105 15.30 33.53 22.14
C GLU B 105 14.07 32.94 21.46
N TYR B 106 14.26 32.33 20.30
CA TYR B 106 13.14 31.73 19.57
C TYR B 106 13.11 30.21 19.70
N VAL B 107 12.10 29.71 20.40
CA VAL B 107 11.95 28.27 20.58
C VAL B 107 10.83 27.76 19.68
N ILE B 108 11.10 26.67 18.97
CA ILE B 108 10.11 26.08 18.08
C ILE B 108 9.35 25.05 18.87
N GLU B 109 8.14 25.40 19.27
CA GLU B 109 7.32 24.49 20.05
C GLU B 109 6.64 23.46 19.15
N SER B 110 7.20 22.25 19.10
CA SER B 110 6.62 21.20 18.26
C SER B 110 6.43 19.88 19.00
N THR B 111 6.49 19.91 20.32
CA THR B 111 6.30 18.70 21.10
C THR B 111 4.87 18.24 20.94
N GLY B 112 4.01 19.16 20.50
CA GLY B 112 2.61 18.85 20.29
C GLY B 112 1.79 18.80 21.57
N LEU B 113 2.47 18.95 22.72
CA LEU B 113 1.78 18.91 24.00
C LEU B 113 1.62 20.28 24.64
N PHE B 114 2.35 21.28 24.15
CA PHE B 114 2.26 22.63 24.69
C PHE B 114 1.43 23.56 23.78
N THR B 115 0.33 23.03 23.26
CA THR B 115 -0.56 23.79 22.37
C THR B 115 -1.18 25.01 23.03
N ALA B 116 -1.60 24.86 24.29
CA ALA B 116 -2.23 25.96 25.03
C ALA B 116 -1.29 27.15 25.14
N LYS B 117 -1.82 28.33 24.85
CA LYS B 117 -1.04 29.56 24.92
C LYS B 117 -0.38 29.70 26.29
N ALA B 118 -1.16 29.45 27.34
CA ALA B 118 -0.65 29.55 28.70
C ALA B 118 0.52 28.57 28.90
N ALA B 119 0.31 27.32 28.54
CA ALA B 119 1.35 26.29 28.67
C ALA B 119 2.62 26.70 27.94
N ALA B 120 2.48 27.04 26.65
CA ALA B 120 3.60 27.43 25.82
C ALA B 120 4.34 28.64 26.38
N GLU B 121 3.75 29.28 27.39
CA GLU B 121 4.36 30.46 27.99
C GLU B 121 5.61 30.11 28.79
N GLY B 122 5.58 28.98 29.47
CA GLY B 122 6.73 28.55 30.27
C GLY B 122 8.07 28.82 29.62
N HIS B 123 8.14 28.66 28.31
CA HIS B 123 9.38 28.88 27.56
C HIS B 123 9.92 30.30 27.75
N LEU B 124 9.02 31.25 27.95
CA LEU B 124 9.41 32.65 28.17
C LEU B 124 10.05 32.80 29.54
N ARG B 125 9.45 32.16 30.54
CA ARG B 125 9.96 32.21 31.91
C ARG B 125 11.36 31.60 31.91
N GLY B 126 11.58 30.66 30.98
CA GLY B 126 12.87 30.00 30.87
C GLY B 126 13.94 30.84 30.18
N GLY B 127 13.53 31.95 29.57
CA GLY B 127 14.50 32.79 28.90
C GLY B 127 14.13 33.15 27.47
N ALA B 128 13.44 32.23 26.79
CA ALA B 128 13.02 32.46 25.41
C ALA B 128 12.12 33.68 25.28
N ARG B 129 12.44 34.56 24.33
CA ARG B 129 11.65 35.77 24.12
C ARG B 129 10.47 35.57 23.18
N LYS B 130 10.44 34.42 22.50
CA LYS B 130 9.36 34.11 21.56
C LYS B 130 9.15 32.61 21.41
N VAL B 131 7.92 32.22 21.11
CA VAL B 131 7.58 30.81 20.92
C VAL B 131 6.61 30.62 19.75
N VAL B 132 6.95 29.72 18.83
CA VAL B 132 6.07 29.45 17.69
C VAL B 132 5.54 28.02 17.82
N ILE B 133 4.23 27.88 17.93
CA ILE B 133 3.62 26.57 18.06
C ILE B 133 3.33 26.00 16.67
N SER B 134 4.04 24.93 16.32
CA SER B 134 3.91 24.29 15.01
C SER B 134 2.64 23.47 14.87
N ALA B 135 1.51 24.11 15.16
CA ALA B 135 0.21 23.47 15.08
C ALA B 135 -0.84 24.46 15.59
N PRO B 136 -2.13 24.15 15.41
CA PRO B 136 -3.19 25.04 15.89
C PRO B 136 -3.03 25.22 17.39
N ALA B 137 -3.21 26.43 17.90
CA ALA B 137 -3.09 26.69 19.32
C ALA B 137 -4.37 27.27 19.91
N SER B 138 -4.47 27.26 21.24
CA SER B 138 -5.64 27.78 21.93
C SER B 138 -5.22 28.67 23.09
N GLY B 139 -6.19 29.14 23.86
CA GLY B 139 -5.89 29.99 24.98
C GLY B 139 -5.57 31.41 24.56
N GLY B 140 -6.08 31.81 23.39
CA GLY B 140 -5.85 33.17 22.90
C GLY B 140 -4.49 33.41 22.28
N ALA B 141 -3.99 32.45 21.51
CA ALA B 141 -2.69 32.59 20.87
C ALA B 141 -2.89 33.08 19.43
N LYS B 142 -2.08 34.04 19.02
CA LYS B 142 -2.18 34.61 17.69
C LYS B 142 -1.81 33.57 16.63
N THR B 143 -2.72 33.33 15.70
CA THR B 143 -2.48 32.38 14.63
C THR B 143 -2.05 33.14 13.38
N LEU B 144 -0.87 32.79 12.85
CA LEU B 144 -0.32 33.44 11.68
C LEU B 144 -0.04 32.46 10.55
N VAL B 145 -0.38 32.85 9.33
CA VAL B 145 -0.16 32.03 8.15
C VAL B 145 0.62 32.86 7.13
N MET B 146 1.85 32.44 6.83
CA MET B 146 2.70 33.16 5.88
C MET B 146 2.02 33.42 4.54
N GLY B 147 2.16 34.66 4.08
CA GLY B 147 1.56 35.07 2.81
C GLY B 147 0.09 35.38 2.93
N VAL B 148 -0.48 35.19 4.11
CA VAL B 148 -1.91 35.44 4.29
C VAL B 148 -2.19 36.58 5.28
N ASN B 149 -1.62 36.48 6.47
CA ASN B 149 -1.84 37.50 7.49
C ASN B 149 -0.68 37.59 8.46
N HIS B 150 0.51 37.16 8.05
CA HIS B 150 1.66 37.20 8.95
C HIS B 150 2.05 38.63 9.31
N HIS B 151 1.61 39.59 8.49
CA HIS B 151 1.92 40.99 8.76
C HIS B 151 1.03 41.50 9.89
N GLU B 152 0.25 40.59 10.46
CA GLU B 152 -0.63 40.93 11.56
C GLU B 152 0.13 40.59 12.83
N TYR B 153 1.40 40.22 12.67
CA TYR B 153 2.23 39.88 13.81
C TYR B 153 2.63 41.16 14.54
N ASN B 154 2.32 41.23 15.82
CA ASN B 154 2.62 42.39 16.65
C ASN B 154 3.81 42.10 17.57
N PRO B 155 5.00 42.60 17.20
CA PRO B 155 6.22 42.39 17.98
C PRO B 155 6.01 42.39 19.49
N SER B 156 5.42 43.46 20.00
CA SER B 156 5.17 43.60 21.43
C SER B 156 3.71 43.35 21.78
N GLU B 157 3.28 42.10 21.64
CA GLU B 157 1.90 41.72 21.94
C GLU B 157 1.74 40.24 21.65
N HIS B 158 2.45 39.77 20.63
CA HIS B 158 2.43 38.38 20.21
C HIS B 158 3.78 37.73 20.50
N HIS B 159 3.91 37.13 21.67
CA HIS B 159 5.16 36.48 22.05
C HIS B 159 5.00 34.96 21.94
N VAL B 160 3.76 34.53 21.75
CA VAL B 160 3.43 33.11 21.61
C VAL B 160 2.39 32.93 20.53
N VAL B 161 2.84 32.55 19.34
CA VAL B 161 1.97 32.36 18.19
C VAL B 161 1.82 30.92 17.72
N SER B 162 0.93 30.75 16.75
CA SER B 162 0.63 29.45 16.15
C SER B 162 0.81 29.58 14.64
N ASN B 163 1.31 28.52 14.01
CA ASN B 163 1.52 28.56 12.58
C ASN B 163 0.37 27.82 11.88
N ALA B 164 -0.64 27.44 12.67
CA ALA B 164 -1.82 26.73 12.19
C ALA B 164 -1.46 25.29 11.79
N SER B 165 -2.31 24.65 10.99
CA SER B 165 -2.07 23.28 10.53
C SER B 165 -1.55 23.26 9.08
N CYS B 166 -1.22 22.08 8.57
CA CYS B 166 -0.71 21.96 7.20
C CYS B 166 -1.84 22.33 6.27
N THR B 167 -3.02 21.77 6.56
CA THR B 167 -4.21 21.97 5.76
C THR B 167 -4.62 23.43 5.68
N THR B 168 -4.67 24.12 6.82
CA THR B 168 -5.04 25.53 6.80
C THR B 168 -4.03 26.31 5.97
N ASN B 169 -2.78 25.87 5.98
CA ASN B 169 -1.75 26.54 5.22
C ASN B 169 -1.90 26.31 3.72
N CYS B 170 -2.75 25.36 3.35
CA CYS B 170 -3.01 25.05 1.94
C CYS B 170 -4.26 25.79 1.48
N LEU B 171 -5.30 25.73 2.29
CA LEU B 171 -6.58 26.37 2.00
C LEU B 171 -6.49 27.89 2.08
N ALA B 172 -5.95 28.38 3.20
CA ALA B 172 -5.83 29.82 3.42
C ALA B 172 -5.32 30.57 2.19
N PRO B 173 -4.16 30.17 1.65
CA PRO B 173 -3.67 30.89 0.47
C PRO B 173 -4.71 30.95 -0.65
N ILE B 174 -5.39 29.84 -0.89
CA ILE B 174 -6.41 29.79 -1.93
C ILE B 174 -7.55 30.77 -1.64
N VAL B 175 -8.08 30.70 -0.43
CA VAL B 175 -9.16 31.60 -0.08
C VAL B 175 -8.71 33.05 -0.10
N HIS B 176 -7.50 33.28 0.40
CA HIS B 176 -6.93 34.62 0.45
C HIS B 176 -6.91 35.29 -0.93
N VAL B 177 -6.56 34.52 -1.96
CA VAL B 177 -6.52 35.05 -3.32
C VAL B 177 -7.92 35.27 -3.83
N LEU B 178 -8.84 34.38 -3.44
CA LEU B 178 -10.23 34.51 -3.85
C LEU B 178 -10.80 35.82 -3.30
N VAL B 179 -10.49 36.11 -2.04
CA VAL B 179 -10.97 37.32 -1.39
C VAL B 179 -10.20 38.56 -1.86
N LYS B 180 -8.88 38.47 -1.88
CA LYS B 180 -8.07 39.61 -2.29
C LYS B 180 -8.24 40.01 -3.76
N GLU B 181 -8.62 39.06 -4.61
CA GLU B 181 -8.80 39.36 -6.04
C GLU B 181 -10.22 39.80 -6.39
N GLY B 182 -11.08 39.88 -5.38
CA GLY B 182 -12.44 40.34 -5.63
C GLY B 182 -13.51 39.32 -5.99
N PHE B 183 -13.19 38.03 -5.93
CA PHE B 183 -14.18 37.00 -6.25
C PHE B 183 -15.06 36.83 -5.02
N GLY B 184 -14.42 36.75 -3.85
CA GLY B 184 -15.16 36.57 -2.61
C GLY B 184 -15.70 35.17 -2.37
N VAL B 185 -15.99 34.85 -1.12
CA VAL B 185 -16.54 33.55 -0.75
C VAL B 185 -17.85 33.74 0.04
N GLN B 186 -18.95 33.22 -0.49
CA GLN B 186 -20.22 33.32 0.23
C GLN B 186 -20.29 32.15 1.19
N THR B 187 -20.05 30.95 0.66
CA THR B 187 -20.05 29.72 1.45
C THR B 187 -19.02 28.76 0.86
N GLY B 188 -18.50 27.88 1.67
CA GLY B 188 -17.52 26.95 1.17
C GLY B 188 -17.34 25.70 2.00
N LEU B 189 -17.20 24.59 1.30
CA LEU B 189 -16.99 23.30 1.92
C LEU B 189 -15.69 22.75 1.36
N MET B 190 -14.85 22.23 2.25
CA MET B 190 -13.57 21.69 1.81
C MET B 190 -13.41 20.23 2.15
N THR B 191 -12.77 19.49 1.26
CA THR B 191 -12.51 18.08 1.48
C THR B 191 -11.05 17.89 1.17
N THR B 192 -10.33 17.24 2.08
CA THR B 192 -8.92 17.01 1.86
C THR B 192 -8.64 15.53 1.73
N ILE B 193 -8.11 15.11 0.58
CA ILE B 193 -7.74 13.70 0.42
C ILE B 193 -6.37 13.73 1.09
N HIS B 194 -6.32 13.14 2.27
CA HIS B 194 -5.14 13.16 3.12
C HIS B 194 -4.37 11.85 3.33
N SER B 195 -3.05 11.90 3.21
CA SER B 195 -2.21 10.72 3.43
C SER B 195 -2.17 10.45 4.93
N TYR B 196 -2.02 9.19 5.33
CA TYR B 196 -2.00 8.86 6.77
C TYR B 196 -0.91 9.54 7.58
N THR B 197 -1.10 9.59 8.89
CA THR B 197 -0.15 10.24 9.78
C THR B 197 0.29 9.41 10.98
N ALA B 198 1.18 9.98 11.76
CA ALA B 198 1.76 9.32 12.94
C ALA B 198 0.76 8.86 13.98
N THR B 199 -0.38 9.54 14.10
CA THR B 199 -1.39 9.17 15.09
C THR B 199 -2.29 8.01 14.66
N GLN B 200 -2.14 7.58 13.42
CA GLN B 200 -2.93 6.46 12.92
C GLN B 200 -2.23 5.14 13.25
N LYS B 201 -2.80 4.01 12.84
CA LYS B 201 -2.19 2.73 13.16
C LYS B 201 -2.10 1.76 12.00
N THR B 202 -1.07 0.92 12.05
CA THR B 202 -0.79 -0.08 11.03
C THR B 202 -1.91 -1.10 10.86
N VAL B 203 -2.47 -1.54 11.99
CA VAL B 203 -3.55 -2.52 11.98
C VAL B 203 -4.64 -1.98 12.90
N ASP B 204 -5.85 -2.51 12.80
CA ASP B 204 -6.95 -2.04 13.64
C ASP B 204 -6.52 -2.02 15.11
N GLY B 205 -6.52 -0.84 15.71
CA GLY B 205 -6.12 -0.74 17.10
C GLY B 205 -7.13 -0.02 17.98
N VAL B 206 -6.64 0.73 18.96
CA VAL B 206 -7.53 1.46 19.86
C VAL B 206 -7.39 2.96 19.71
N SER B 207 -8.53 3.61 19.45
CA SER B 207 -8.56 5.05 19.29
C SER B 207 -9.84 5.57 19.95
N VAL B 208 -9.84 5.58 21.28
CA VAL B 208 -10.98 6.03 22.06
C VAL B 208 -11.61 7.34 21.61
N LYS B 209 -10.78 8.26 21.11
CA LYS B 209 -11.28 9.56 20.66
C LYS B 209 -11.44 9.71 19.14
N ASP B 210 -11.42 8.59 18.42
CA ASP B 210 -11.59 8.58 16.96
C ASP B 210 -11.67 7.14 16.45
N TRP B 211 -12.86 6.55 16.56
CA TRP B 211 -13.07 5.18 16.13
C TRP B 211 -12.55 4.88 14.73
N ARG B 212 -12.87 5.72 13.75
CA ARG B 212 -12.39 5.46 12.39
C ARG B 212 -10.87 5.54 12.33
N GLY B 213 -10.32 6.52 13.05
CA GLY B 213 -8.88 6.71 13.07
C GLY B 213 -8.11 5.52 13.61
N GLY B 214 -8.81 4.61 14.29
CA GLY B 214 -8.16 3.42 14.85
C GLY B 214 -7.97 2.28 13.87
N ARG B 215 -8.71 2.30 12.77
CA ARG B 215 -8.64 1.24 11.77
C ARG B 215 -7.35 1.27 10.96
N ALA B 216 -6.97 0.10 10.42
CA ALA B 216 -5.75 -0.04 9.61
C ALA B 216 -5.57 1.11 8.60
N ALA B 217 -4.51 1.87 8.79
CA ALA B 217 -4.24 3.04 7.95
C ALA B 217 -3.91 2.85 6.47
N ALA B 218 -2.98 1.95 6.16
CA ALA B 218 -2.58 1.74 4.77
C ALA B 218 -3.46 0.87 3.89
N VAL B 219 -4.67 0.55 4.35
CA VAL B 219 -5.57 -0.26 3.55
C VAL B 219 -7.02 0.21 3.61
N ASN B 220 -7.24 1.42 4.10
CA ASN B 220 -8.57 1.99 4.24
C ASN B 220 -8.66 3.46 3.83
N ILE B 221 -9.86 3.87 3.42
CA ILE B 221 -10.13 5.26 3.12
C ILE B 221 -10.84 5.56 4.43
N ILE B 222 -10.26 6.46 5.23
CA ILE B 222 -10.82 6.78 6.54
C ILE B 222 -11.30 8.20 6.71
N PRO B 223 -12.62 8.37 6.83
CA PRO B 223 -13.26 9.69 7.01
C PRO B 223 -12.78 10.34 8.31
N SER B 224 -12.89 11.65 8.39
CA SER B 224 -12.45 12.36 9.58
C SER B 224 -12.81 13.84 9.52
N THR B 225 -13.18 14.39 10.66
CA THR B 225 -13.51 15.81 10.74
C THR B 225 -12.17 16.53 10.76
N THR B 226 -12.21 17.85 10.65
CA THR B 226 -11.01 18.67 10.67
C THR B 226 -11.37 20.13 10.92
N GLY B 227 -10.44 20.86 11.53
CA GLY B 227 -10.70 22.26 11.82
C GLY B 227 -10.12 23.21 10.82
N ALA B 228 -9.22 22.71 9.98
CA ALA B 228 -8.56 23.54 8.96
C ALA B 228 -9.48 24.59 8.33
N ALA B 229 -10.62 24.15 7.82
CA ALA B 229 -11.58 25.05 7.18
C ALA B 229 -12.02 26.16 8.14
N LYS B 230 -12.57 25.77 9.29
CA LYS B 230 -13.01 26.74 10.27
C LYS B 230 -11.85 27.58 10.78
N ALA B 231 -10.67 26.96 10.86
CA ALA B 231 -9.47 27.66 11.34
C ALA B 231 -9.10 28.79 10.40
N VAL B 232 -9.53 28.71 9.14
CA VAL B 232 -9.24 29.75 8.17
C VAL B 232 -10.00 31.02 8.59
N GLY B 233 -11.08 30.82 9.34
CA GLY B 233 -11.87 31.93 9.82
C GLY B 233 -11.14 32.80 10.81
N MET B 234 -10.00 32.34 11.30
CA MET B 234 -9.20 33.11 12.24
C MET B 234 -8.28 33.98 11.42
N VAL B 235 -7.63 33.36 10.44
CA VAL B 235 -6.69 34.04 9.56
C VAL B 235 -7.38 35.06 8.67
N ILE B 236 -8.52 34.68 8.09
CA ILE B 236 -9.31 35.56 7.23
C ILE B 236 -10.70 35.69 7.87
N PRO B 237 -10.83 36.57 8.87
CA PRO B 237 -12.08 36.81 9.61
C PRO B 237 -13.38 36.90 8.81
N SER B 238 -13.36 37.53 7.64
CA SER B 238 -14.58 37.66 6.84
C SER B 238 -15.23 36.32 6.51
N THR B 239 -14.45 35.24 6.52
CA THR B 239 -14.94 33.89 6.21
C THR B 239 -15.50 33.10 7.39
N GLN B 240 -15.31 33.61 8.59
CA GLN B 240 -15.80 32.95 9.79
C GLN B 240 -17.28 32.54 9.65
N GLY B 241 -17.57 31.28 9.95
CA GLY B 241 -18.94 30.80 9.83
C GLY B 241 -19.35 30.47 8.42
N LYS B 242 -18.45 30.74 7.46
CA LYS B 242 -18.71 30.52 6.04
C LYS B 242 -18.07 29.26 5.49
N LEU B 243 -17.01 28.79 6.12
CA LEU B 243 -16.31 27.61 5.65
C LEU B 243 -16.24 26.51 6.68
N THR B 244 -16.16 25.27 6.19
CA THR B 244 -16.00 24.10 7.02
C THR B 244 -15.69 22.95 6.07
N GLY B 245 -15.23 21.84 6.61
CA GLY B 245 -14.91 20.73 5.74
C GLY B 245 -14.50 19.49 6.50
N MET B 246 -14.11 18.46 5.77
CA MET B 246 -13.73 17.21 6.37
C MET B 246 -12.44 16.67 5.78
N SER B 247 -12.12 15.44 6.14
CA SER B 247 -10.91 14.80 5.65
C SER B 247 -11.14 13.33 5.34
N PHE B 248 -10.37 12.83 4.40
CA PHE B 248 -10.41 11.44 4.00
C PHE B 248 -8.95 10.99 4.01
N ARG B 249 -8.60 10.21 5.04
CA ARG B 249 -7.24 9.68 5.18
C ARG B 249 -7.09 8.49 4.26
N VAL B 250 -6.13 8.57 3.34
CA VAL B 250 -5.91 7.49 2.39
C VAL B 250 -4.51 6.87 2.49
N PRO B 251 -4.33 5.67 1.91
CA PRO B 251 -3.08 4.92 1.90
C PRO B 251 -1.82 5.51 1.27
N THR B 252 -1.44 6.73 1.66
CA THR B 252 -0.21 7.33 1.16
C THR B 252 0.56 7.80 2.38
N PRO B 253 1.89 7.67 2.37
CA PRO B 253 2.72 8.08 3.50
C PRO B 253 2.86 9.59 3.66
N ASP B 254 2.81 10.31 2.55
CA ASP B 254 2.91 11.77 2.61
C ASP B 254 2.32 12.44 1.36
N VAL B 255 2.01 13.73 1.49
CA VAL B 255 1.42 14.55 0.43
C VAL B 255 -0.10 14.42 0.43
N SER B 256 -0.78 15.56 0.45
CA SER B 256 -2.24 15.60 0.47
C SER B 256 -2.75 16.62 -0.55
N VAL B 257 -4.08 16.69 -0.68
CA VAL B 257 -4.64 17.63 -1.63
C VAL B 257 -5.98 18.14 -1.13
N VAL B 258 -6.18 19.44 -1.27
CA VAL B 258 -7.41 20.09 -0.85
C VAL B 258 -8.36 20.19 -2.04
N ASP B 259 -9.61 19.84 -1.80
CA ASP B 259 -10.66 19.89 -2.80
C ASP B 259 -11.68 20.86 -2.25
N LEU B 260 -11.62 22.12 -2.70
CA LEU B 260 -12.51 23.16 -2.23
C LEU B 260 -13.66 23.47 -3.17
N THR B 261 -14.87 23.48 -2.62
CA THR B 261 -16.06 23.79 -3.40
C THR B 261 -16.77 24.99 -2.76
N PHE B 262 -16.96 26.05 -3.54
CA PHE B 262 -17.59 27.25 -2.99
C PHE B 262 -18.42 28.06 -3.98
N THR B 263 -19.10 29.08 -3.45
CA THR B 263 -19.91 29.99 -4.24
C THR B 263 -19.25 31.37 -4.15
N ALA B 264 -18.89 31.96 -5.28
CA ALA B 264 -18.25 33.27 -5.29
C ALA B 264 -19.21 34.37 -4.81
N ALA B 265 -18.69 35.58 -4.57
CA ALA B 265 -19.52 36.70 -4.12
C ALA B 265 -20.07 37.50 -5.30
N ARG B 266 -19.42 37.38 -6.45
CA ARG B 266 -19.85 38.06 -7.67
C ARG B 266 -19.80 37.03 -8.79
N ASP B 267 -20.29 37.36 -9.97
CA ASP B 267 -20.25 36.44 -11.09
C ASP B 267 -18.84 36.36 -11.68
N THR B 268 -18.43 35.16 -12.05
CA THR B 268 -17.11 34.95 -12.66
C THR B 268 -17.13 33.79 -13.61
N SER B 269 -15.95 33.20 -13.76
CA SER B 269 -15.76 32.05 -14.61
C SER B 269 -14.57 31.34 -14.00
N ILE B 270 -14.48 30.05 -14.20
CA ILE B 270 -13.35 29.32 -13.66
C ILE B 270 -12.05 29.83 -14.28
N GLN B 271 -12.11 30.29 -15.53
CA GLN B 271 -10.93 30.82 -16.21
C GLN B 271 -10.41 32.03 -15.43
N GLU B 272 -11.32 32.95 -15.12
CA GLU B 272 -10.94 34.15 -14.39
C GLU B 272 -10.27 33.80 -13.05
N ILE B 273 -10.84 32.81 -12.36
CA ILE B 273 -10.27 32.38 -11.08
C ILE B 273 -8.90 31.77 -11.31
N ASP B 274 -8.80 30.94 -12.34
CA ASP B 274 -7.55 30.27 -12.69
C ASP B 274 -6.45 31.26 -13.01
N ALA B 275 -6.78 32.27 -13.81
CA ALA B 275 -5.83 33.29 -14.20
C ALA B 275 -5.32 34.06 -12.99
N ALA B 276 -6.23 34.37 -12.07
CA ALA B 276 -5.89 35.10 -10.85
C ALA B 276 -4.95 34.34 -9.93
N LEU B 277 -5.24 33.08 -9.67
CA LEU B 277 -4.37 32.28 -8.80
C LEU B 277 -2.95 32.22 -9.37
N LYS B 278 -2.86 32.01 -10.67
CA LYS B 278 -1.55 31.93 -11.33
C LYS B 278 -0.79 33.23 -11.21
N ARG B 279 -1.48 34.34 -11.50
CA ARG B 279 -0.89 35.66 -11.42
C ARG B 279 -0.41 35.96 -10.01
N ALA B 280 -1.18 35.50 -9.01
CA ALA B 280 -0.83 35.71 -7.61
C ALA B 280 0.34 34.87 -7.18
N SER B 281 0.45 33.65 -7.70
CA SER B 281 1.55 32.78 -7.34
C SER B 281 2.86 33.36 -7.90
N LYS B 282 2.76 34.02 -9.04
CA LYS B 282 3.91 34.65 -9.67
C LYS B 282 4.26 36.00 -9.02
N THR B 283 3.38 36.51 -8.17
CA THR B 283 3.64 37.81 -7.54
C THR B 283 3.62 37.88 -6.02
N TYR B 284 2.50 38.30 -5.42
CA TYR B 284 2.46 38.44 -3.98
C TYR B 284 2.32 37.15 -3.17
N MET B 285 2.11 36.02 -3.84
CA MET B 285 1.97 34.74 -3.15
C MET B 285 3.17 33.84 -3.47
N LYS B 286 4.14 34.43 -4.16
CA LYS B 286 5.35 33.73 -4.56
C LYS B 286 6.04 33.07 -3.38
N GLY B 287 6.32 31.78 -3.51
CA GLY B 287 6.96 31.03 -2.44
C GLY B 287 5.95 30.36 -1.53
N ILE B 288 4.72 30.88 -1.49
CA ILE B 288 3.67 30.31 -0.65
C ILE B 288 2.67 29.55 -1.53
N LEU B 289 2.18 30.21 -2.57
CA LEU B 289 1.26 29.56 -3.48
C LEU B 289 1.92 29.34 -4.82
N GLY B 290 1.83 28.11 -5.30
CA GLY B 290 2.39 27.80 -6.60
C GLY B 290 1.28 27.11 -7.36
N TYR B 291 1.46 26.90 -8.64
CA TYR B 291 0.45 26.19 -9.41
C TYR B 291 1.18 25.32 -10.39
N THR B 292 0.44 24.37 -10.97
CA THR B 292 0.97 23.50 -11.98
C THR B 292 -0.12 23.40 -13.04
N ASP B 293 0.28 22.99 -14.24
CA ASP B 293 -0.67 22.81 -15.31
C ASP B 293 -0.30 21.56 -16.07
N GLU B 294 0.43 20.67 -15.40
CA GLU B 294 0.85 19.40 -15.97
C GLU B 294 0.10 18.23 -15.32
N GLU B 295 0.15 17.05 -15.93
CA GLU B 295 -0.54 15.89 -15.39
C GLU B 295 0.17 15.31 -14.17
N LEU B 296 0.10 16.02 -13.06
CA LEU B 296 0.79 15.58 -11.84
C LEU B 296 -0.01 14.73 -10.85
N VAL B 297 0.73 13.93 -10.09
CA VAL B 297 0.15 13.06 -9.07
C VAL B 297 0.85 13.35 -7.75
N SER B 298 0.37 12.76 -6.66
CA SER B 298 0.94 13.02 -5.35
C SER B 298 2.47 12.96 -5.23
N ALA B 299 3.08 11.90 -5.74
CA ALA B 299 4.54 11.79 -5.64
C ALA B 299 5.29 13.02 -6.18
N ASP B 300 4.70 13.71 -7.14
CA ASP B 300 5.35 14.86 -7.73
C ASP B 300 5.40 16.12 -6.85
N PHE B 301 4.67 16.13 -5.75
CA PHE B 301 4.70 17.29 -4.87
C PHE B 301 5.59 17.04 -3.66
N ILE B 302 6.14 15.83 -3.57
CA ILE B 302 7.04 15.48 -2.48
C ILE B 302 8.22 16.46 -2.48
N ASN B 303 8.50 17.05 -1.32
CA ASN B 303 9.57 18.02 -1.15
C ASN B 303 9.30 19.38 -1.81
N ASP B 304 8.05 19.64 -2.15
CA ASP B 304 7.68 20.93 -2.73
C ASP B 304 7.56 21.84 -1.51
N ASN B 305 8.22 23.00 -1.52
CA ASN B 305 8.12 23.85 -0.34
C ASN B 305 7.04 24.90 -0.32
N ARG B 306 6.17 24.92 -1.32
CA ARG B 306 5.08 25.88 -1.31
C ARG B 306 4.03 25.37 -0.32
N SER B 307 3.19 26.27 0.18
CA SER B 307 2.14 25.90 1.12
C SER B 307 0.94 25.31 0.41
N SER B 308 0.80 25.67 -0.85
CA SER B 308 -0.31 25.25 -1.65
C SER B 308 0.10 25.35 -3.11
N ILE B 309 -0.12 24.25 -3.86
CA ILE B 309 0.19 24.21 -5.28
C ILE B 309 -1.09 23.95 -6.08
N TYR B 310 -1.66 25.04 -6.60
CA TYR B 310 -2.88 24.97 -7.39
C TYR B 310 -2.75 24.03 -8.60
N ASP B 311 -3.75 23.18 -8.81
CA ASP B 311 -3.76 22.22 -9.92
C ASP B 311 -4.68 22.79 -10.98
N SER B 312 -4.11 23.57 -11.90
CA SER B 312 -4.88 24.21 -12.96
C SER B 312 -5.66 23.25 -13.84
N LYS B 313 -4.99 22.23 -14.37
CA LYS B 313 -5.64 21.26 -15.25
C LYS B 313 -6.82 20.57 -14.59
N ALA B 314 -6.62 20.10 -13.36
CA ALA B 314 -7.67 19.41 -12.63
C ALA B 314 -8.83 20.34 -12.29
N THR B 315 -8.51 21.61 -12.05
CA THR B 315 -9.56 22.57 -11.74
C THR B 315 -10.36 22.90 -12.99
N LEU B 316 -9.68 23.41 -14.01
CA LEU B 316 -10.34 23.79 -15.26
C LEU B 316 -11.17 22.68 -15.88
N GLN B 317 -10.60 21.48 -15.94
CA GLN B 317 -11.28 20.33 -16.51
C GLN B 317 -12.44 19.75 -15.72
N ASN B 318 -12.63 20.17 -14.47
CA ASN B 318 -13.70 19.56 -13.70
C ASN B 318 -14.74 20.48 -13.09
N ASN B 319 -14.94 21.64 -13.71
CA ASN B 319 -15.95 22.59 -13.26
C ASN B 319 -17.11 22.65 -14.25
N LEU B 320 -18.28 23.09 -13.78
CA LEU B 320 -19.45 23.20 -14.62
C LEU B 320 -19.22 24.17 -15.77
N PRO B 321 -19.43 23.72 -17.01
CA PRO B 321 -19.23 24.63 -18.14
C PRO B 321 -20.11 25.88 -18.07
N LYS B 322 -19.48 27.05 -18.20
CA LYS B 322 -20.18 28.32 -18.18
C LYS B 322 -20.68 28.79 -16.81
N GLU B 323 -20.40 28.01 -15.77
CA GLU B 323 -20.83 28.36 -14.42
C GLU B 323 -20.32 29.74 -14.02
N ARG B 324 -21.06 30.43 -13.16
CA ARG B 324 -20.65 31.75 -12.72
C ARG B 324 -20.55 31.96 -11.22
N ARG B 325 -20.94 30.96 -10.42
CA ARG B 325 -20.90 31.11 -8.97
C ARG B 325 -20.40 29.92 -8.16
N PHE B 326 -20.82 28.73 -8.55
CA PHE B 326 -20.50 27.48 -7.87
C PHE B 326 -19.28 26.85 -8.49
N PHE B 327 -18.15 26.89 -7.79
CA PHE B 327 -16.92 26.36 -8.33
C PHE B 327 -16.17 25.36 -7.44
N LYS B 328 -15.21 24.70 -8.06
CA LYS B 328 -14.35 23.75 -7.39
C LYS B 328 -12.91 24.09 -7.71
N ILE B 329 -12.05 24.09 -6.69
CA ILE B 329 -10.64 24.39 -6.89
C ILE B 329 -9.80 23.32 -6.18
N VAL B 330 -8.87 22.72 -6.93
CA VAL B 330 -8.00 21.67 -6.42
C VAL B 330 -6.57 22.17 -6.14
N SER B 331 -6.05 21.92 -4.94
CA SER B 331 -4.70 22.38 -4.62
C SER B 331 -3.93 21.39 -3.76
N TRP B 332 -2.71 21.10 -4.16
CA TRP B 332 -1.87 20.14 -3.44
C TRP B 332 -0.94 20.74 -2.41
N TYR B 333 -0.36 19.86 -1.59
CA TYR B 333 0.61 20.25 -0.57
C TYR B 333 1.30 19.03 0.03
N ASP B 334 2.59 19.19 0.29
CA ASP B 334 3.37 18.14 0.94
C ASP B 334 3.15 18.50 2.40
N ASN B 335 2.10 17.93 2.99
CA ASN B 335 1.75 18.23 4.38
C ASN B 335 2.89 18.24 5.40
N GLU B 336 4.04 17.70 5.04
CA GLU B 336 5.19 17.71 5.96
C GLU B 336 6.23 18.76 5.56
N TRP B 337 6.56 18.82 4.28
CA TRP B 337 7.57 19.74 3.79
C TRP B 337 7.19 21.22 3.70
N GLY B 338 6.05 21.51 3.09
CA GLY B 338 5.63 22.89 2.98
C GLY B 338 5.52 23.52 4.34
N TYR B 339 4.66 22.94 5.18
CA TYR B 339 4.45 23.44 6.52
C TYR B 339 5.75 23.64 7.31
N SER B 340 6.71 22.73 7.16
CA SER B 340 7.99 22.86 7.87
C SER B 340 8.74 24.09 7.41
N HIS B 341 8.64 24.41 6.13
CA HIS B 341 9.32 25.60 5.60
C HIS B 341 8.60 26.87 6.05
N ARG B 342 7.28 26.80 6.22
CA ARG B 342 6.53 27.96 6.68
C ARG B 342 6.95 28.27 8.12
N VAL B 343 7.06 27.23 8.94
CA VAL B 343 7.45 27.43 10.33
C VAL B 343 8.73 28.26 10.35
N VAL B 344 9.73 27.78 9.65
CA VAL B 344 10.99 28.48 9.57
C VAL B 344 10.75 29.90 9.10
N ASP B 345 9.89 30.04 8.10
CA ASP B 345 9.59 31.35 7.55
C ASP B 345 8.97 32.29 8.56
N LEU B 346 8.11 31.75 9.42
CA LEU B 346 7.46 32.56 10.44
C LEU B 346 8.49 33.07 11.44
N VAL B 347 9.39 32.20 11.86
CA VAL B 347 10.42 32.58 12.80
C VAL B 347 11.29 33.68 12.22
N ARG B 348 11.67 33.52 10.95
CA ARG B 348 12.51 34.51 10.30
C ARG B 348 11.76 35.81 10.20
N HIS B 349 10.47 35.74 9.92
CA HIS B 349 9.66 36.93 9.81
C HIS B 349 9.60 37.66 11.14
N MET B 350 9.21 36.94 12.18
CA MET B 350 9.12 37.52 13.52
C MET B 350 10.44 38.15 13.89
N ALA B 351 11.49 37.33 13.95
CA ALA B 351 12.82 37.81 14.28
C ALA B 351 13.05 39.18 13.65
N SER B 352 12.62 39.33 12.40
CA SER B 352 12.77 40.57 11.66
C SER B 352 11.97 41.74 12.24
N LYS B 353 10.66 41.56 12.38
CA LYS B 353 9.83 42.63 12.91
C LYS B 353 10.17 42.99 14.36
N ASP B 354 10.56 41.99 15.15
CA ASP B 354 10.92 42.22 16.54
C ASP B 354 12.10 43.18 16.68
N ARG B 355 13.09 43.02 15.80
CA ARG B 355 14.27 43.86 15.83
C ARG B 355 14.02 45.25 15.27
N SER B 356 13.27 45.34 14.19
CA SER B 356 12.94 46.61 13.56
C SER B 356 12.04 47.45 14.46
N ALA B 357 11.37 46.79 15.41
CA ALA B 357 10.48 47.46 16.34
C ALA B 357 11.26 47.99 17.53
N ARG B 358 12.55 47.68 17.55
CA ARG B 358 13.45 48.11 18.62
C ARG B 358 14.79 48.56 18.05
N LEU B 359 14.73 49.32 16.96
CA LEU B 359 15.91 49.86 16.30
C LEU B 359 15.70 51.34 16.01
N MET C 1 -19.52 -29.17 29.78
CA MET C 1 -19.77 -28.28 30.93
C MET C 1 -18.89 -27.02 30.84
N PRO C 2 -19.52 -25.86 30.67
CA PRO C 2 -18.84 -24.56 30.56
C PRO C 2 -17.67 -24.35 31.52
N ILE C 3 -16.51 -23.98 30.96
CA ILE C 3 -15.32 -23.72 31.77
C ILE C 3 -15.40 -22.32 32.36
N LYS C 4 -14.27 -21.63 32.45
CA LYS C 4 -14.20 -20.27 32.98
C LYS C 4 -12.96 -19.61 32.42
N VAL C 5 -13.14 -18.64 31.52
CA VAL C 5 -12.01 -17.96 30.89
C VAL C 5 -12.08 -16.45 31.02
N GLY C 6 -10.90 -15.81 31.01
CA GLY C 6 -10.81 -14.37 31.12
C GLY C 6 -9.70 -13.84 30.25
N ILE C 7 -10.05 -13.00 29.27
CA ILE C 7 -9.07 -12.44 28.35
C ILE C 7 -8.51 -11.10 28.86
N ASN C 8 -7.19 -11.03 29.00
CA ASN C 8 -6.55 -9.80 29.44
C ASN C 8 -5.82 -9.21 28.25
N GLY C 9 -6.27 -8.03 27.82
CA GLY C 9 -5.66 -7.37 26.67
C GLY C 9 -6.51 -7.63 25.44
N PHE C 10 -7.70 -7.05 25.42
CA PHE C 10 -8.62 -7.23 24.30
C PHE C 10 -8.23 -6.41 23.08
N GLY C 11 -7.13 -6.83 22.44
CA GLY C 11 -6.65 -6.16 21.25
C GLY C 11 -6.81 -7.09 20.08
N ARG C 12 -5.93 -7.01 19.09
CA ARG C 12 -6.04 -7.89 17.92
C ARG C 12 -6.12 -9.37 18.30
N ILE C 13 -5.16 -9.86 19.07
CA ILE C 13 -5.17 -11.26 19.46
C ILE C 13 -6.29 -11.58 20.46
N GLY C 14 -6.54 -10.67 21.39
CA GLY C 14 -7.61 -10.90 22.35
C GLY C 14 -8.92 -11.12 21.63
N ARG C 15 -9.30 -10.19 20.76
CA ARG C 15 -10.54 -10.30 20.01
C ARG C 15 -10.50 -11.46 19.03
N MET C 16 -9.34 -11.70 18.43
CA MET C 16 -9.22 -12.79 17.49
C MET C 16 -9.41 -14.12 18.21
N VAL C 17 -8.94 -14.19 19.46
CA VAL C 17 -9.10 -15.40 20.25
C VAL C 17 -10.58 -15.56 20.60
N PHE C 18 -11.18 -14.49 21.11
CA PHE C 18 -12.59 -14.54 21.45
C PHE C 18 -13.39 -14.90 20.21
N GLN C 19 -13.03 -14.33 19.07
CA GLN C 19 -13.74 -14.62 17.84
C GLN C 19 -13.52 -16.06 17.41
N ALA C 20 -12.30 -16.55 17.65
CA ALA C 20 -11.95 -17.92 17.31
C ALA C 20 -12.79 -18.89 18.13
N LEU C 21 -12.92 -18.55 19.41
CA LEU C 21 -13.69 -19.35 20.34
C LEU C 21 -15.14 -19.45 19.90
N CYS C 22 -15.69 -18.36 19.37
CA CYS C 22 -17.07 -18.35 18.91
C CYS C 22 -17.22 -19.10 17.59
N GLU C 23 -16.28 -18.87 16.68
CA GLU C 23 -16.30 -19.52 15.36
C GLU C 23 -16.44 -21.04 15.52
N ASP C 24 -15.80 -21.60 16.55
CA ASP C 24 -15.84 -23.02 16.81
C ASP C 24 -17.08 -23.39 17.64
N GLY C 25 -17.94 -22.41 17.89
CA GLY C 25 -19.16 -22.65 18.66
C GLY C 25 -18.91 -23.18 20.06
N LEU C 26 -18.04 -22.52 20.82
CA LEU C 26 -17.72 -22.93 22.17
C LEU C 26 -18.24 -21.95 23.21
N LEU C 27 -18.84 -20.86 22.75
CA LEU C 27 -19.36 -19.83 23.65
C LEU C 27 -20.66 -20.30 24.32
N GLY C 28 -20.52 -20.92 25.49
CA GLY C 28 -21.68 -21.41 26.21
C GLY C 28 -21.65 -22.92 26.40
N THR C 29 -21.37 -23.65 25.32
CA THR C 29 -21.32 -25.11 25.37
C THR C 29 -20.15 -25.63 26.19
N GLU C 30 -18.93 -25.39 25.72
CA GLU C 30 -17.72 -25.85 26.41
C GLU C 30 -16.99 -24.72 27.12
N ILE C 31 -16.89 -23.56 26.47
CA ILE C 31 -16.20 -22.43 27.09
C ILE C 31 -17.18 -21.33 27.45
N ASP C 32 -16.87 -20.60 28.50
CA ASP C 32 -17.74 -19.52 28.94
C ASP C 32 -16.91 -18.32 29.36
N VAL C 33 -16.67 -17.43 28.42
CA VAL C 33 -15.87 -16.23 28.69
C VAL C 33 -16.57 -15.35 29.72
N VAL C 34 -16.18 -15.52 30.97
CA VAL C 34 -16.75 -14.76 32.08
C VAL C 34 -16.62 -13.26 31.88
N ALA C 35 -15.40 -12.78 31.67
CA ALA C 35 -15.16 -11.36 31.45
C ALA C 35 -13.88 -11.12 30.69
N VAL C 36 -13.73 -9.92 30.15
CA VAL C 36 -12.54 -9.53 29.40
C VAL C 36 -12.04 -8.18 29.92
N VAL C 37 -10.73 -8.05 30.08
CA VAL C 37 -10.15 -6.81 30.58
C VAL C 37 -9.20 -6.19 29.56
N ASP C 38 -9.39 -4.89 29.30
CA ASP C 38 -8.58 -4.15 28.35
C ASP C 38 -8.46 -2.69 28.82
N MET C 39 -7.93 -1.82 27.98
CA MET C 39 -7.75 -0.40 28.34
C MET C 39 -8.98 0.26 28.97
N ASN C 40 -9.92 0.69 28.14
CA ASN C 40 -11.13 1.34 28.65
C ASN C 40 -12.22 0.34 29.05
N THR C 41 -13.38 0.87 29.42
CA THR C 41 -14.51 0.04 29.83
C THR C 41 -15.75 0.34 29.00
N ASP C 42 -15.56 1.12 27.94
CA ASP C 42 -16.65 1.51 27.04
C ASP C 42 -17.12 0.30 26.25
N ALA C 43 -18.09 -0.43 26.81
CA ALA C 43 -18.62 -1.62 26.14
C ALA C 43 -19.05 -1.35 24.70
N GLU C 44 -19.50 -0.12 24.44
CA GLU C 44 -19.93 0.26 23.10
C GLU C 44 -18.77 0.20 22.11
N TYR C 45 -17.62 0.72 22.54
CA TYR C 45 -16.43 0.73 21.70
C TYR C 45 -15.92 -0.69 21.43
N PHE C 46 -16.00 -1.56 22.42
CA PHE C 46 -15.56 -2.94 22.24
C PHE C 46 -16.37 -3.60 21.13
N ALA C 47 -17.69 -3.52 21.24
CA ALA C 47 -18.58 -4.13 20.26
C ALA C 47 -18.27 -3.67 18.84
N TYR C 48 -18.06 -2.37 18.66
CA TYR C 48 -17.74 -1.83 17.34
C TYR C 48 -16.46 -2.48 16.80
N GLN C 49 -15.47 -2.64 17.68
CA GLN C 49 -14.20 -3.25 17.30
C GLN C 49 -14.40 -4.72 16.93
N MET C 50 -15.48 -5.30 17.44
CA MET C 50 -15.78 -6.70 17.16
C MET C 50 -16.65 -6.85 15.93
N ARG C 51 -17.54 -5.90 15.71
CA ARG C 51 -18.41 -5.98 14.56
C ARG C 51 -17.62 -5.93 13.25
N TYR C 52 -16.68 -5.01 13.18
CA TYR C 52 -15.91 -4.84 11.96
C TYR C 52 -14.41 -5.10 12.05
N ASP C 53 -13.89 -5.75 11.02
CA ASP C 53 -12.47 -6.05 10.95
C ASP C 53 -11.98 -5.73 9.53
N THR C 54 -10.91 -4.96 9.43
CA THR C 54 -10.37 -4.59 8.13
C THR C 54 -9.98 -5.82 7.30
N VAL C 55 -9.43 -6.84 7.92
CA VAL C 55 -8.99 -8.02 7.17
C VAL C 55 -9.83 -9.29 7.33
N HIS C 56 -10.48 -9.46 8.47
CA HIS C 56 -11.26 -10.66 8.72
C HIS C 56 -12.76 -10.58 8.48
N GLY C 57 -13.22 -9.51 7.85
CA GLY C 57 -14.64 -9.38 7.57
C GLY C 57 -15.46 -9.00 8.80
N LYS C 58 -16.78 -9.09 8.67
CA LYS C 58 -17.68 -8.74 9.76
C LYS C 58 -17.98 -9.95 10.64
N PHE C 59 -17.96 -9.74 11.95
CA PHE C 59 -18.22 -10.79 12.93
C PHE C 59 -19.42 -11.67 12.58
N LYS C 60 -19.33 -12.95 12.92
CA LYS C 60 -20.39 -13.92 12.64
C LYS C 60 -21.65 -13.71 13.49
N TYR C 61 -21.45 -13.61 14.81
CA TYR C 61 -22.57 -13.45 15.72
C TYR C 61 -22.95 -11.99 15.93
N GLU C 62 -24.16 -11.78 16.43
CA GLU C 62 -24.66 -10.45 16.70
C GLU C 62 -24.14 -10.01 18.07
N VAL C 63 -23.78 -8.75 18.19
CA VAL C 63 -23.26 -8.24 19.45
C VAL C 63 -24.06 -7.03 19.90
N THR C 64 -24.25 -6.91 21.20
CA THR C 64 -24.99 -5.79 21.75
C THR C 64 -24.46 -5.53 23.14
N THR C 65 -24.90 -4.45 23.78
CA THR C 65 -24.42 -4.15 25.12
C THR C 65 -25.55 -3.84 26.12
N THR C 66 -25.19 -3.90 27.40
CA THR C 66 -26.12 -3.65 28.49
C THR C 66 -25.30 -3.13 29.67
N LYS C 67 -25.91 -3.10 30.86
CA LYS C 67 -25.22 -2.63 32.05
C LYS C 67 -25.18 -3.74 33.11
N SER C 68 -24.01 -3.93 33.72
CA SER C 68 -23.85 -4.94 34.74
C SER C 68 -24.77 -4.61 35.90
N SER C 69 -24.92 -3.30 36.15
CA SER C 69 -25.77 -2.81 37.22
C SER C 69 -26.08 -1.34 36.97
N PRO C 70 -27.34 -0.94 37.14
CA PRO C 70 -27.77 0.45 36.93
C PRO C 70 -26.82 1.46 37.55
N SER C 71 -26.11 1.04 38.59
CA SER C 71 -25.17 1.88 39.31
C SER C 71 -24.01 2.43 38.46
N VAL C 72 -23.86 1.92 37.24
CA VAL C 72 -22.78 2.36 36.37
C VAL C 72 -23.25 3.23 35.22
N ALA C 73 -22.48 4.27 34.92
CA ALA C 73 -22.81 5.20 33.84
C ALA C 73 -22.96 4.47 32.51
N LYS C 74 -21.93 4.54 31.66
CA LYS C 74 -21.98 3.89 30.36
C LYS C 74 -21.98 2.38 30.54
N ASP C 75 -22.46 1.68 29.52
CA ASP C 75 -22.52 0.22 29.55
C ASP C 75 -21.14 -0.34 29.87
N ASP C 76 -21.09 -1.65 30.10
CA ASP C 76 -19.83 -2.30 30.41
C ASP C 76 -19.98 -3.81 30.30
N THR C 77 -20.90 -4.25 29.45
CA THR C 77 -21.14 -5.66 29.27
C THR C 77 -21.50 -6.00 27.83
N LEU C 78 -20.79 -6.98 27.26
CA LEU C 78 -21.05 -7.41 25.90
C LEU C 78 -22.06 -8.53 25.94
N VAL C 79 -22.91 -8.61 24.93
CA VAL C 79 -23.91 -9.66 24.86
C VAL C 79 -23.77 -10.37 23.52
N VAL C 80 -22.68 -11.10 23.38
CA VAL C 80 -22.41 -11.84 22.16
C VAL C 80 -23.31 -13.07 22.10
N ASN C 81 -24.26 -13.05 21.16
CA ASN C 81 -25.19 -14.15 20.96
C ASN C 81 -25.89 -14.65 22.23
N GLY C 82 -25.94 -13.82 23.26
CA GLY C 82 -26.59 -14.23 24.49
C GLY C 82 -25.69 -14.24 25.70
N HIS C 83 -24.47 -14.74 25.53
CA HIS C 83 -23.52 -14.81 26.63
C HIS C 83 -23.29 -13.39 27.17
N ARG C 84 -22.89 -13.27 28.43
CA ARG C 84 -22.65 -11.96 29.03
C ARG C 84 -21.22 -11.85 29.55
N ILE C 85 -20.44 -10.96 28.94
CA ILE C 85 -19.06 -10.72 29.30
C ILE C 85 -18.94 -9.36 29.98
N LEU C 86 -18.07 -9.28 30.99
CA LEU C 86 -17.89 -8.04 31.72
C LEU C 86 -16.59 -7.34 31.34
N CYS C 87 -16.67 -6.02 31.15
CA CYS C 87 -15.49 -5.24 30.80
C CYS C 87 -14.82 -4.66 32.04
N VAL C 88 -14.16 -5.52 32.81
CA VAL C 88 -13.46 -5.08 34.01
C VAL C 88 -12.35 -4.14 33.60
N LYS C 89 -12.01 -3.19 34.46
CA LYS C 89 -10.95 -2.23 34.15
C LYS C 89 -9.60 -2.95 34.16
N ALA C 90 -8.64 -2.38 33.44
CA ALA C 90 -7.30 -2.98 33.37
C ALA C 90 -6.32 -2.27 34.30
N GLN C 91 -5.44 -3.06 34.91
CA GLN C 91 -4.43 -2.52 35.83
C GLN C 91 -3.06 -2.56 35.17
N ARG C 92 -2.18 -1.65 35.61
CA ARG C 92 -0.83 -1.59 35.08
C ARG C 92 -0.04 -2.80 35.57
N ASN C 93 -0.58 -3.43 36.61
CA ASN C 93 0.03 -4.63 37.20
C ASN C 93 -1.01 -5.75 37.29
N PRO C 94 -0.73 -6.89 36.62
CA PRO C 94 -1.59 -8.08 36.58
C PRO C 94 -2.16 -8.53 37.93
N ALA C 95 -1.42 -8.29 38.99
CA ALA C 95 -1.86 -8.69 40.32
C ALA C 95 -3.10 -7.92 40.77
N ASP C 96 -3.17 -6.65 40.39
CA ASP C 96 -4.30 -5.77 40.75
C ASP C 96 -5.63 -6.07 40.05
N LEU C 97 -5.76 -7.25 39.46
CA LEU C 97 -7.00 -7.62 38.78
C LEU C 97 -7.82 -8.58 39.65
N PRO C 98 -9.13 -8.31 39.79
CA PRO C 98 -10.07 -9.12 40.58
C PRO C 98 -10.54 -10.40 39.91
N TRP C 99 -9.62 -11.31 39.63
CA TRP C 99 -10.00 -12.57 38.99
C TRP C 99 -10.69 -13.48 40.00
N GLY C 100 -10.49 -13.19 41.28
CA GLY C 100 -11.08 -13.99 42.33
C GLY C 100 -12.54 -13.65 42.55
N LYS C 101 -12.85 -12.37 42.45
CA LYS C 101 -14.22 -11.90 42.64
C LYS C 101 -15.14 -12.54 41.61
N LEU C 102 -14.73 -12.50 40.34
CA LEU C 102 -15.50 -13.09 39.25
C LEU C 102 -15.22 -14.58 39.14
N GLY C 103 -14.25 -15.05 39.92
CA GLY C 103 -13.89 -16.45 39.91
C GLY C 103 -13.51 -16.92 38.52
N VAL C 104 -12.35 -16.48 38.05
CA VAL C 104 -11.87 -16.86 36.72
C VAL C 104 -10.56 -17.64 36.83
N GLU C 105 -10.59 -18.91 36.46
CA GLU C 105 -9.40 -19.75 36.52
C GLU C 105 -8.50 -19.55 35.30
N TYR C 106 -8.99 -19.96 34.13
CA TYR C 106 -8.24 -19.84 32.87
C TYR C 106 -8.25 -18.41 32.34
N VAL C 107 -7.11 -17.73 32.45
CA VAL C 107 -7.00 -16.36 31.98
C VAL C 107 -6.04 -16.23 30.80
N ILE C 108 -6.60 -15.86 29.64
CA ILE C 108 -5.83 -15.68 28.42
C ILE C 108 -5.02 -14.39 28.52
N GLU C 109 -3.70 -14.50 28.64
CA GLU C 109 -2.87 -13.31 28.71
C GLU C 109 -2.49 -12.88 27.31
N SER C 110 -3.11 -11.81 26.83
CA SER C 110 -2.82 -11.31 25.49
C SER C 110 -2.50 -9.82 25.45
N THR C 111 -2.21 -9.25 26.62
CA THR C 111 -1.88 -7.84 26.70
C THR C 111 -0.60 -7.57 25.92
N GLY C 112 0.32 -8.52 25.95
CA GLY C 112 1.57 -8.37 25.25
C GLY C 112 2.54 -7.48 26.01
N LEU C 113 2.28 -7.31 27.30
CA LEU C 113 3.12 -6.47 28.16
C LEU C 113 3.50 -7.21 29.45
N PHE C 114 3.21 -8.50 29.51
CA PHE C 114 3.52 -9.31 30.68
C PHE C 114 4.00 -10.70 30.25
N THR C 115 5.20 -10.75 29.67
CA THR C 115 5.79 -11.99 29.20
C THR C 115 6.42 -12.81 30.32
N ALA C 116 7.20 -12.14 31.17
CA ALA C 116 7.87 -12.80 32.29
C ALA C 116 6.89 -13.68 33.06
N LYS C 117 7.26 -14.94 33.27
CA LYS C 117 6.39 -15.87 33.98
C LYS C 117 6.08 -15.41 35.40
N ALA C 118 6.81 -14.39 35.86
CA ALA C 118 6.60 -13.85 37.20
C ALA C 118 5.47 -12.82 37.17
N ALA C 119 5.62 -11.83 36.29
CA ALA C 119 4.63 -10.77 36.14
C ALA C 119 3.30 -11.35 35.67
N ALA C 120 3.35 -12.17 34.63
CA ALA C 120 2.15 -12.80 34.09
C ALA C 120 1.67 -13.91 35.02
N GLU C 121 2.17 -13.89 36.25
CA GLU C 121 1.79 -14.88 37.25
C GLU C 121 0.93 -14.19 38.30
N GLY C 122 0.93 -12.87 38.25
CA GLY C 122 0.14 -12.08 39.19
C GLY C 122 -1.32 -12.47 39.09
N HIS C 123 -1.70 -13.02 37.94
CA HIS C 123 -3.08 -13.45 37.73
C HIS C 123 -3.45 -14.48 38.79
N LEU C 124 -2.46 -15.28 39.20
CA LEU C 124 -2.70 -16.30 40.21
C LEU C 124 -2.97 -15.68 41.58
N ARG C 125 -2.11 -14.77 42.01
CA ARG C 125 -2.28 -14.11 43.30
C ARG C 125 -3.36 -13.04 43.21
N GLY C 126 -3.96 -12.94 42.04
CA GLY C 126 -5.03 -11.98 41.84
C GLY C 126 -6.35 -12.73 41.85
N GLY C 127 -6.26 -14.04 41.94
CA GLY C 127 -7.46 -14.87 41.98
C GLY C 127 -7.47 -16.04 41.01
N ALA C 128 -6.87 -15.84 39.84
CA ALA C 128 -6.81 -16.88 38.80
C ALA C 128 -5.87 -18.02 39.16
N ARG C 129 -6.01 -19.14 38.45
CA ARG C 129 -5.15 -20.30 38.68
C ARG C 129 -4.18 -20.50 37.53
N LYS C 130 -4.72 -20.84 36.37
CA LYS C 130 -3.92 -21.08 35.16
C LYS C 130 -3.85 -19.84 34.28
N VAL C 131 -2.67 -19.57 33.74
CA VAL C 131 -2.48 -18.42 32.86
C VAL C 131 -1.77 -18.85 31.57
N VAL C 132 -2.25 -18.34 30.44
CA VAL C 132 -1.66 -18.67 29.14
C VAL C 132 -1.14 -17.41 28.46
N ILE C 133 0.16 -17.39 28.18
CA ILE C 133 0.78 -16.26 27.54
C ILE C 133 0.70 -16.41 26.02
N SER C 134 -0.09 -15.54 25.39
CA SER C 134 -0.27 -15.56 23.94
C SER C 134 0.95 -14.96 23.26
N ALA C 135 2.13 -15.46 23.62
CA ALA C 135 3.38 -14.99 23.06
C ALA C 135 4.53 -15.65 23.79
N PRO C 136 5.70 -15.75 23.13
CA PRO C 136 6.86 -16.36 23.78
C PRO C 136 6.97 -15.87 25.21
N ALA C 137 7.30 -16.77 26.14
CA ALA C 137 7.43 -16.39 27.54
C ALA C 137 8.85 -16.55 28.06
N SER C 138 9.12 -15.96 29.22
CA SER C 138 10.43 -16.05 29.86
C SER C 138 10.25 -16.56 31.29
N GLY C 139 11.25 -16.37 32.13
CA GLY C 139 11.17 -16.82 33.50
C GLY C 139 10.92 -18.32 33.57
N GLY C 140 11.26 -19.01 32.50
CA GLY C 140 11.08 -20.45 32.46
C GLY C 140 9.65 -20.96 32.52
N ALA C 141 8.82 -20.53 31.57
CA ALA C 141 7.44 -20.97 31.52
C ALA C 141 7.29 -22.02 30.43
N LYS C 142 6.65 -23.14 30.78
CA LYS C 142 6.47 -24.21 29.82
C LYS C 142 5.90 -23.68 28.49
N THR C 143 6.56 -24.03 27.39
CA THR C 143 6.10 -23.61 26.07
C THR C 143 5.44 -24.82 25.41
N LEU C 144 4.26 -24.59 24.84
CA LEU C 144 3.52 -25.67 24.20
C LEU C 144 3.06 -25.30 22.79
N VAL C 145 3.01 -26.29 21.92
CA VAL C 145 2.60 -26.11 20.54
C VAL C 145 1.71 -27.27 20.10
N MET C 146 0.42 -26.99 19.93
CA MET C 146 -0.55 -27.98 19.50
C MET C 146 -0.02 -28.74 18.30
N GLY C 147 -0.21 -30.06 18.31
CA GLY C 147 0.25 -30.90 17.23
C GLY C 147 1.73 -31.27 17.32
N VAL C 148 2.45 -30.61 18.21
CA VAL C 148 3.89 -30.86 18.36
C VAL C 148 4.35 -31.37 19.73
N ASN C 149 4.08 -30.61 20.79
CA ASN C 149 4.52 -31.02 22.13
C ASN C 149 3.55 -30.59 23.23
N HIS C 150 2.33 -30.27 22.86
CA HIS C 150 1.35 -29.83 23.84
C HIS C 150 0.98 -30.90 24.88
N HIS C 151 1.37 -32.15 24.64
CA HIS C 151 1.06 -33.21 25.61
C HIS C 151 2.03 -33.21 26.79
N GLU C 152 3.09 -32.43 26.67
CA GLU C 152 4.09 -32.31 27.73
C GLU C 152 3.55 -31.43 28.85
N TYR C 153 2.24 -31.20 28.82
CA TYR C 153 1.60 -30.34 29.83
C TYR C 153 1.40 -31.05 31.17
N ASN C 154 1.98 -30.46 32.22
CA ASN C 154 1.87 -31.00 33.57
C ASN C 154 0.93 -30.14 34.41
N PRO C 155 -0.31 -30.63 34.62
CA PRO C 155 -1.33 -29.92 35.40
C PRO C 155 -0.83 -29.30 36.71
N SER C 156 0.09 -29.99 37.38
CA SER C 156 0.64 -29.49 38.65
C SER C 156 2.14 -29.24 38.55
N GLU C 157 2.51 -28.23 37.77
CA GLU C 157 3.90 -27.87 37.57
C GLU C 157 3.86 -26.70 36.59
N HIS C 158 2.86 -26.77 35.70
CA HIS C 158 2.63 -25.75 34.69
C HIS C 158 1.38 -24.95 35.05
N HIS C 159 1.57 -23.72 35.49
CA HIS C 159 0.45 -22.88 35.86
C HIS C 159 0.49 -21.58 35.07
N VAL C 160 1.63 -21.32 34.43
CA VAL C 160 1.82 -20.13 33.61
C VAL C 160 2.56 -20.56 32.33
N VAL C 161 1.79 -21.01 31.35
CA VAL C 161 2.34 -21.49 30.08
C VAL C 161 2.34 -20.50 28.92
N SER C 162 3.10 -20.84 27.89
CA SER C 162 3.19 -20.03 26.68
C SER C 162 2.71 -20.83 25.49
N ASN C 163 2.11 -20.16 24.52
CA ASN C 163 1.62 -20.84 23.33
C ASN C 163 2.60 -20.56 22.20
N ALA C 164 3.73 -19.97 22.55
CA ALA C 164 4.78 -19.64 21.60
C ALA C 164 4.37 -18.43 20.74
N SER C 165 4.83 -18.42 19.49
CA SER C 165 4.52 -17.32 18.57
C SER C 165 3.80 -17.81 17.31
N CYS C 166 3.32 -16.86 16.51
CA CYS C 166 2.60 -17.22 15.28
C CYS C 166 3.58 -18.01 14.44
N THR C 167 4.77 -17.44 14.29
CA THR C 167 5.84 -18.02 13.50
C THR C 167 6.30 -19.38 14.01
N THR C 168 6.49 -19.50 15.33
CA THR C 168 6.93 -20.77 15.88
C THR C 168 5.85 -21.80 15.57
N ASN C 169 4.60 -21.38 15.69
CA ASN C 169 3.48 -22.25 15.43
C ASN C 169 3.37 -22.61 13.96
N CYS C 170 4.08 -21.89 13.09
CA CYS C 170 4.03 -22.20 11.67
C CYS C 170 5.25 -23.05 11.28
N LEU C 171 6.37 -22.78 11.94
CA LEU C 171 7.61 -23.50 11.64
C LEU C 171 7.68 -24.87 12.30
N ALA C 172 7.35 -24.93 13.59
CA ALA C 172 7.39 -26.17 14.36
C ALA C 172 6.73 -27.38 13.69
N PRO C 173 5.50 -27.24 13.18
CA PRO C 173 4.87 -28.41 12.54
C PRO C 173 5.69 -29.01 11.40
N ILE C 174 6.36 -28.15 10.62
CA ILE C 174 7.18 -28.61 9.51
C ILE C 174 8.39 -29.37 10.05
N VAL C 175 9.10 -28.73 10.97
CA VAL C 175 10.27 -29.33 11.57
C VAL C 175 9.89 -30.66 12.23
N HIS C 176 8.77 -30.64 12.95
CA HIS C 176 8.27 -31.83 13.63
C HIS C 176 8.11 -32.98 12.64
N VAL C 177 7.39 -32.73 11.55
CA VAL C 177 7.21 -33.77 10.56
C VAL C 177 8.56 -34.25 10.03
N LEU C 178 9.42 -33.31 9.64
CA LEU C 178 10.75 -33.67 9.11
C LEU C 178 11.53 -34.57 10.07
N VAL C 179 11.57 -34.19 11.35
CA VAL C 179 12.27 -34.98 12.35
C VAL C 179 11.58 -36.33 12.56
N LYS C 180 10.34 -36.30 13.02
CA LYS C 180 9.56 -37.52 13.26
C LYS C 180 9.58 -38.49 12.08
N GLU C 181 9.56 -37.95 10.86
CA GLU C 181 9.55 -38.79 9.67
C GLU C 181 10.89 -39.47 9.35
N GLY C 182 11.94 -39.08 10.06
CA GLY C 182 13.24 -39.69 9.81
C GLY C 182 14.16 -38.89 8.92
N PHE C 183 13.62 -37.86 8.28
CA PHE C 183 14.43 -37.00 7.42
C PHE C 183 15.45 -36.31 8.31
N GLY C 184 14.99 -35.86 9.47
CA GLY C 184 15.87 -35.19 10.41
C GLY C 184 16.40 -33.87 9.87
N VAL C 185 16.96 -33.06 10.78
CA VAL C 185 17.50 -31.76 10.40
C VAL C 185 18.88 -31.49 11.02
N GLN C 186 19.90 -31.40 10.17
CA GLN C 186 21.26 -31.12 10.64
C GLN C 186 21.33 -29.65 11.03
N THR C 187 21.09 -28.78 10.06
CA THR C 187 21.09 -27.34 10.26
C THR C 187 19.97 -26.73 9.43
N GLY C 188 19.47 -25.58 9.88
CA GLY C 188 18.41 -24.91 9.16
C GLY C 188 18.31 -23.44 9.49
N LEU C 189 18.07 -22.64 8.46
CA LEU C 189 17.91 -21.20 8.63
C LEU C 189 16.55 -20.87 8.04
N MET C 190 15.78 -20.05 8.75
CA MET C 190 14.47 -19.69 8.25
C MET C 190 14.28 -18.19 8.08
N THR C 191 13.52 -17.81 7.07
CA THR C 191 13.20 -16.42 6.79
C THR C 191 11.70 -16.33 6.64
N THR C 192 11.10 -15.35 7.31
CA THR C 192 9.68 -15.17 7.20
C THR C 192 9.33 -13.81 6.59
N ILE C 193 8.59 -13.84 5.48
CA ILE C 193 8.14 -12.62 4.83
C ILE C 193 6.87 -12.40 5.64
N HIS C 194 6.95 -11.44 6.55
CA HIS C 194 5.89 -11.15 7.49
C HIS C 194 5.19 -9.81 7.27
N SER C 195 3.88 -9.79 7.54
CA SER C 195 3.05 -8.59 7.42
C SER C 195 3.39 -7.64 8.57
N TYR C 196 3.14 -6.34 8.42
CA TYR C 196 3.42 -5.42 9.53
C TYR C 196 2.42 -5.66 10.64
N THR C 197 2.78 -5.27 11.86
CA THR C 197 1.92 -5.46 13.03
C THR C 197 1.79 -4.17 13.84
N ALA C 198 0.97 -4.23 14.88
CA ALA C 198 0.71 -3.08 15.73
C ALA C 198 1.95 -2.41 16.30
N THR C 199 3.03 -3.16 16.51
CA THR C 199 4.24 -2.56 17.07
C THR C 199 4.94 -1.61 16.11
N GLN C 200 4.60 -1.72 14.83
CA GLN C 200 5.22 -0.87 13.83
C GLN C 200 4.59 0.50 13.72
N LYS C 201 5.17 1.34 12.86
CA LYS C 201 4.70 2.70 12.67
C LYS C 201 4.20 3.00 11.26
N THR C 202 3.13 3.78 11.16
CA THR C 202 2.56 4.15 9.87
C THR C 202 3.57 4.99 9.07
N VAL C 203 4.30 5.86 9.77
CA VAL C 203 5.31 6.72 9.15
C VAL C 203 6.57 6.63 10.02
N ASP C 204 7.73 6.98 9.45
CA ASP C 204 8.98 6.94 10.22
C ASP C 204 8.81 7.55 11.60
N GLY C 205 9.02 6.74 12.62
CA GLY C 205 8.87 7.21 13.99
C GLY C 205 9.84 6.58 14.97
N VAL C 206 9.86 7.14 16.18
CA VAL C 206 10.73 6.70 17.28
C VAL C 206 10.55 5.22 17.65
N SER C 207 11.66 4.54 17.83
CA SER C 207 11.65 3.13 18.17
C SER C 207 13.06 2.74 18.60
N VAL C 208 13.46 3.20 19.78
CA VAL C 208 14.78 2.96 20.35
C VAL C 208 15.23 1.50 20.38
N LYS C 209 14.31 0.60 20.69
CA LYS C 209 14.64 -0.82 20.78
C LYS C 209 14.84 -1.49 19.42
N ASP C 210 14.45 -0.82 18.34
CA ASP C 210 14.59 -1.38 17.00
C ASP C 210 14.41 -0.30 15.93
N TRP C 211 15.53 0.31 15.55
CA TRP C 211 15.55 1.37 14.54
C TRP C 211 14.81 1.02 13.25
N ARG C 212 15.15 -0.11 12.63
CA ARG C 212 14.48 -0.53 11.40
C ARG C 212 12.99 -0.60 11.60
N GLY C 213 12.59 -1.19 12.73
CA GLY C 213 11.18 -1.31 13.05
C GLY C 213 10.51 0.04 13.30
N GLY C 214 11.27 1.11 13.20
CA GLY C 214 10.69 2.43 13.41
C GLY C 214 10.28 3.12 12.13
N ARG C 215 10.78 2.61 11.00
CA ARG C 215 10.51 3.18 9.69
C ARG C 215 9.11 2.87 9.14
N ALA C 216 8.63 3.73 8.23
CA ALA C 216 7.32 3.58 7.59
C ALA C 216 7.07 2.14 7.16
N ALA C 217 6.10 1.50 7.80
CA ALA C 217 5.76 0.10 7.57
C ALA C 217 5.10 -0.31 6.25
N ALA C 218 4.10 0.42 5.81
CA ALA C 218 3.39 0.05 4.59
C ALA C 218 4.08 0.41 3.29
N VAL C 219 5.28 0.98 3.37
CA VAL C 219 6.01 1.36 2.16
C VAL C 219 7.44 0.82 2.08
N ASN C 220 7.86 0.07 3.09
CA ASN C 220 9.21 -0.49 3.12
C ASN C 220 9.20 -1.99 3.35
N ILE C 221 10.33 -2.62 3.05
CA ILE C 221 10.56 -4.03 3.31
C ILE C 221 11.54 -3.84 4.48
N ILE C 222 11.15 -4.28 5.68
CA ILE C 222 11.98 -4.08 6.86
C ILE C 222 12.50 -5.33 7.53
N PRO C 223 13.83 -5.48 7.61
CA PRO C 223 14.49 -6.63 8.23
C PRO C 223 14.34 -6.60 9.75
N SER C 224 14.31 -7.78 10.36
CA SER C 224 14.20 -7.88 11.81
C SER C 224 14.68 -9.24 12.29
N THR C 225 15.11 -9.29 13.55
CA THR C 225 15.56 -10.53 14.15
C THR C 225 14.32 -11.17 14.75
N THR C 226 14.35 -12.48 14.90
CA THR C 226 13.22 -13.20 15.48
C THR C 226 13.72 -14.41 16.26
N GLY C 227 12.97 -14.79 17.29
CA GLY C 227 13.35 -15.94 18.09
C GLY C 227 12.66 -17.21 17.61
N ALA C 228 11.60 -17.05 16.84
CA ALA C 228 10.82 -18.17 16.32
C ALA C 228 11.64 -19.44 16.08
N ALA C 229 12.69 -19.33 15.28
CA ALA C 229 13.53 -20.49 14.97
C ALA C 229 14.17 -21.12 16.21
N LYS C 230 14.81 -20.31 17.06
CA LYS C 230 15.44 -20.85 18.26
C LYS C 230 14.37 -21.45 19.17
N ALA C 231 13.22 -20.80 19.22
CA ALA C 231 12.09 -21.26 20.03
C ALA C 231 11.72 -22.69 19.68
N VAL C 232 11.85 -23.03 18.40
CA VAL C 232 11.52 -24.38 17.98
C VAL C 232 12.40 -25.34 18.80
N GLY C 233 13.67 -24.98 18.96
CA GLY C 233 14.61 -25.79 19.71
C GLY C 233 14.13 -26.12 21.12
N MET C 234 13.27 -25.27 21.67
CA MET C 234 12.73 -25.48 23.00
C MET C 234 11.60 -26.51 22.94
N VAL C 235 10.87 -26.49 21.83
CA VAL C 235 9.74 -27.41 21.63
C VAL C 235 10.17 -28.75 21.04
N ILE C 236 11.27 -28.74 20.31
CA ILE C 236 11.81 -29.96 19.71
C ILE C 236 13.30 -29.93 20.00
N PRO C 237 13.67 -30.19 21.28
CA PRO C 237 15.06 -30.21 21.78
C PRO C 237 16.05 -30.85 20.81
N SER C 238 15.54 -31.72 19.94
CA SER C 238 16.38 -32.39 18.96
C SER C 238 17.07 -31.36 18.06
N THR C 239 16.50 -30.16 18.00
CA THR C 239 17.02 -29.10 17.14
C THR C 239 17.70 -27.92 17.83
N GLN C 240 17.86 -28.00 19.15
CA GLN C 240 18.52 -26.94 19.90
C GLN C 240 19.87 -26.56 19.28
N GLY C 241 20.04 -25.27 19.03
CA GLY C 241 21.28 -24.80 18.44
C GLY C 241 21.49 -25.20 16.99
N LYS C 242 20.44 -25.74 16.37
CA LYS C 242 20.54 -26.15 14.97
C LYS C 242 19.73 -25.26 14.03
N LEU C 243 18.95 -24.36 14.60
CA LEU C 243 18.10 -23.48 13.80
C LEU C 243 18.04 -22.06 14.32
N THR C 244 18.08 -21.11 13.39
CA THR C 244 17.95 -19.70 13.71
C THR C 244 17.35 -19.10 12.46
N GLY C 245 16.98 -17.82 12.52
CA GLY C 245 16.39 -17.19 11.35
C GLY C 245 16.05 -15.73 11.52
N MET C 246 15.50 -15.14 10.48
CA MET C 246 15.15 -13.73 10.52
C MET C 246 13.81 -13.46 9.87
N SER C 247 13.42 -12.19 9.93
CA SER C 247 12.14 -11.74 9.38
C SER C 247 12.32 -10.57 8.43
N PHE C 248 11.28 -10.33 7.63
CA PHE C 248 11.24 -9.23 6.69
C PHE C 248 9.78 -8.76 6.74
N ARG C 249 9.53 -7.66 7.45
CA ARG C 249 8.19 -7.13 7.56
C ARG C 249 7.88 -6.47 6.22
N VAL C 250 6.79 -6.87 5.57
CA VAL C 250 6.45 -6.27 4.29
C VAL C 250 5.09 -5.58 4.34
N PRO C 251 4.80 -4.76 3.32
CA PRO C 251 3.54 -4.01 3.22
C PRO C 251 2.21 -4.76 3.00
N THR C 252 1.85 -5.63 3.95
CA THR C 252 0.58 -6.36 3.92
C THR C 252 0.03 -6.32 5.34
N PRO C 253 -1.30 -6.21 5.50
CA PRO C 253 -1.92 -6.16 6.83
C PRO C 253 -1.94 -7.47 7.63
N ASP C 254 -1.96 -8.60 6.93
CA ASP C 254 -1.96 -9.91 7.59
C ASP C 254 -1.53 -11.04 6.64
N VAL C 255 -1.27 -12.20 7.22
CA VAL C 255 -0.82 -13.39 6.51
C VAL C 255 0.68 -13.31 6.24
N SER C 256 1.39 -14.33 6.68
CA SER C 256 2.82 -14.40 6.51
C SER C 256 3.23 -15.73 5.91
N VAL C 257 4.52 -15.90 5.64
CA VAL C 257 5.00 -17.12 5.05
C VAL C 257 6.41 -17.44 5.54
N VAL C 258 6.65 -18.72 5.81
CA VAL C 258 7.93 -19.19 6.28
C VAL C 258 8.70 -19.81 5.13
N ASP C 259 9.98 -19.47 5.05
CA ASP C 259 10.85 -19.97 4.01
C ASP C 259 12.03 -20.65 4.73
N LEU C 260 11.91 -21.96 4.92
CA LEU C 260 12.91 -22.73 5.63
C LEU C 260 13.89 -23.44 4.72
N THR C 261 15.17 -23.21 4.96
CA THR C 261 16.22 -23.87 4.21
C THR C 261 16.96 -24.72 5.21
N PHE C 262 17.08 -26.01 4.90
CA PHE C 262 17.77 -26.94 5.79
C PHE C 262 18.45 -28.08 5.05
N THR C 263 19.30 -28.79 5.78
CA THR C 263 20.00 -29.95 5.23
C THR C 263 19.45 -31.11 6.03
N ALA C 264 18.93 -32.12 5.33
CA ALA C 264 18.37 -33.28 6.01
C ALA C 264 19.50 -34.08 6.67
N ALA C 265 19.16 -34.87 7.68
CA ALA C 265 20.16 -35.67 8.36
C ALA C 265 20.50 -36.91 7.56
N ARG C 266 19.84 -37.08 6.41
CA ARG C 266 20.10 -38.23 5.55
C ARG C 266 19.77 -37.90 4.10
N ASP C 267 19.97 -38.86 3.21
CA ASP C 267 19.68 -38.65 1.80
C ASP C 267 18.19 -38.83 1.51
N THR C 268 17.58 -37.84 0.87
CA THR C 268 16.17 -37.90 0.50
C THR C 268 15.93 -37.16 -0.80
N SER C 269 14.76 -36.56 -0.94
CA SER C 269 14.40 -35.81 -2.13
C SER C 269 13.25 -34.85 -1.77
N ILE C 270 13.14 -33.75 -2.50
CA ILE C 270 12.09 -32.79 -2.20
C ILE C 270 10.73 -33.46 -2.41
N GLN C 271 10.69 -34.48 -3.26
CA GLN C 271 9.44 -35.19 -3.53
C GLN C 271 9.07 -36.08 -2.34
N GLU C 272 10.07 -36.72 -1.74
CA GLU C 272 9.82 -37.59 -0.61
C GLU C 272 9.35 -36.77 0.60
N ILE C 273 9.82 -35.53 0.68
CA ILE C 273 9.44 -34.64 1.77
C ILE C 273 8.06 -34.08 1.47
N ASP C 274 7.83 -33.74 0.20
CA ASP C 274 6.53 -33.21 -0.18
C ASP C 274 5.44 -34.20 0.17
N ALA C 275 5.69 -35.48 -0.11
CA ALA C 275 4.71 -36.53 0.15
C ALA C 275 4.42 -36.72 1.64
N ALA C 276 5.46 -36.60 2.48
CA ALA C 276 5.30 -36.78 3.91
C ALA C 276 4.51 -35.64 4.54
N LEU C 277 4.77 -34.41 4.10
CA LEU C 277 4.06 -33.25 4.65
C LEU C 277 2.57 -33.39 4.33
N LYS C 278 2.26 -33.86 3.13
CA LYS C 278 0.89 -34.05 2.72
C LYS C 278 0.25 -35.14 3.58
N ARG C 279 0.97 -36.25 3.74
CA ARG C 279 0.50 -37.37 4.54
C ARG C 279 0.26 -36.95 5.99
N ALA C 280 1.24 -36.26 6.57
CA ALA C 280 1.10 -35.79 7.94
C ALA C 280 -0.09 -34.85 8.10
N SER C 281 -0.39 -34.08 7.05
CA SER C 281 -1.50 -33.14 7.10
C SER C 281 -2.84 -33.87 7.23
N LYS C 282 -3.01 -34.90 6.39
CA LYS C 282 -4.24 -35.70 6.41
C LYS C 282 -4.37 -36.59 7.65
N THR C 283 -3.26 -36.83 8.35
CA THR C 283 -3.28 -37.71 9.51
C THR C 283 -3.01 -37.09 10.89
N TYR C 284 -1.85 -37.40 11.45
CA TYR C 284 -1.48 -36.93 12.79
C TYR C 284 -1.25 -35.45 13.01
N MET C 285 -1.25 -34.65 11.94
CA MET C 285 -1.04 -33.21 12.06
C MET C 285 -2.24 -32.42 11.53
N LYS C 286 -3.33 -33.14 11.26
CA LYS C 286 -4.57 -32.55 10.73
C LYS C 286 -5.13 -31.47 11.66
N GLY C 287 -5.44 -30.31 11.10
CA GLY C 287 -5.97 -29.21 11.90
C GLY C 287 -4.86 -28.27 12.33
N ILE C 288 -3.62 -28.77 12.29
CA ILE C 288 -2.46 -27.97 12.68
C ILE C 288 -1.64 -27.68 11.43
N LEU C 289 -1.46 -28.71 10.61
CA LEU C 289 -0.70 -28.59 9.38
C LEU C 289 -1.57 -28.93 8.18
N GLY C 290 -1.72 -27.98 7.28
CA GLY C 290 -2.50 -28.21 6.09
C GLY C 290 -1.54 -28.02 4.94
N TYR C 291 -2.07 -28.02 3.72
CA TYR C 291 -1.24 -27.80 2.55
C TYR C 291 -2.11 -27.48 1.36
N THR C 292 -1.51 -26.84 0.36
CA THR C 292 -2.21 -26.51 -0.85
C THR C 292 -1.33 -26.93 -2.01
N ASP C 293 -1.91 -26.97 -3.19
CA ASP C 293 -1.19 -27.32 -4.40
C ASP C 293 -1.78 -26.49 -5.53
N GLU C 294 -2.36 -25.35 -5.15
CA GLU C 294 -2.95 -24.41 -6.10
C GLU C 294 -2.10 -23.13 -6.15
N GLU C 295 -2.33 -22.30 -7.16
CA GLU C 295 -1.59 -21.05 -7.32
C GLU C 295 -2.10 -19.97 -6.36
N LEU C 296 -1.83 -20.14 -5.07
CA LEU C 296 -2.31 -19.21 -4.07
C LEU C 296 -1.35 -18.10 -3.71
N VAL C 297 -1.92 -17.01 -3.18
CA VAL C 297 -1.14 -15.86 -2.77
C VAL C 297 -1.63 -15.48 -1.39
N SER C 298 -0.84 -14.69 -0.66
CA SER C 298 -1.18 -14.28 0.70
C SER C 298 -2.67 -14.14 1.01
N ALA C 299 -3.41 -13.38 0.21
CA ALA C 299 -4.84 -13.17 0.46
C ALA C 299 -5.67 -14.43 0.59
N ASP C 300 -5.23 -15.50 -0.08
CA ASP C 300 -5.98 -16.76 -0.04
C ASP C 300 -5.90 -17.49 1.30
N PHE C 301 -5.02 -17.07 2.19
CA PHE C 301 -4.91 -17.74 3.48
C PHE C 301 -5.58 -16.96 4.60
N ILE C 302 -6.19 -15.83 4.24
CA ILE C 302 -6.89 -15.04 5.24
C ILE C 302 -8.07 -15.84 5.80
N ASN C 303 -8.00 -16.12 7.10
CA ASN C 303 -9.01 -16.87 7.84
C ASN C 303 -8.82 -18.40 7.81
N ASP C 304 -7.59 -18.83 7.53
CA ASP C 304 -7.27 -20.26 7.53
C ASP C 304 -6.81 -20.49 8.96
N ASN C 305 -7.46 -21.41 9.67
CA ASN C 305 -7.09 -21.66 11.05
C ASN C 305 -6.02 -22.73 11.27
N ARG C 306 -5.32 -23.14 10.20
CA ARG C 306 -4.25 -24.10 10.39
C ARG C 306 -3.08 -23.28 10.90
N SER C 307 -2.15 -23.93 11.61
CA SER C 307 -0.99 -23.22 12.13
C SER C 307 0.06 -23.02 11.05
N SER C 308 0.00 -23.86 10.01
CA SER C 308 0.98 -23.81 8.94
C SER C 308 0.42 -24.51 7.70
N ILE C 309 0.37 -23.80 6.58
CA ILE C 309 -0.14 -24.38 5.34
C ILE C 309 1.00 -24.51 4.34
N TYR C 310 1.44 -25.75 4.16
CA TYR C 310 2.53 -26.08 3.26
C TYR C 310 2.20 -25.76 1.79
N ASP C 311 3.07 -25.01 1.13
CA ASP C 311 2.84 -24.67 -0.28
C ASP C 311 3.60 -25.67 -1.13
N SER C 312 2.90 -26.73 -1.54
CA SER C 312 3.52 -27.77 -2.34
C SER C 312 4.16 -27.34 -3.66
N LYS C 313 3.46 -26.51 -4.44
CA LYS C 313 4.00 -26.09 -5.71
C LYS C 313 5.19 -25.14 -5.59
N ALA C 314 5.07 -24.12 -4.76
CA ALA C 314 6.15 -23.18 -4.57
C ALA C 314 7.39 -23.95 -4.14
N THR C 315 7.18 -25.03 -3.40
CA THR C 315 8.29 -25.84 -2.91
C THR C 315 8.88 -26.78 -3.97
N LEU C 316 8.04 -27.59 -4.60
CA LEU C 316 8.52 -28.53 -5.60
C LEU C 316 9.12 -27.85 -6.82
N GLN C 317 8.70 -26.62 -7.11
CA GLN C 317 9.21 -25.90 -8.26
C GLN C 317 10.48 -25.10 -7.96
N ASN C 318 10.81 -24.91 -6.69
CA ASN C 318 11.96 -24.10 -6.34
C ASN C 318 13.14 -24.74 -5.63
N ASN C 319 13.26 -26.06 -5.72
CA ASN C 319 14.36 -26.75 -5.09
C ASN C 319 15.33 -27.26 -6.15
N LEU C 320 16.55 -27.59 -5.74
CA LEU C 320 17.55 -28.09 -6.68
C LEU C 320 17.17 -29.50 -7.15
N PRO C 321 17.22 -29.74 -8.47
CA PRO C 321 16.87 -31.08 -8.95
C PRO C 321 17.94 -32.09 -8.54
N LYS C 322 17.50 -33.29 -8.16
CA LYS C 322 18.42 -34.35 -7.76
C LYS C 322 19.15 -34.07 -6.44
N GLU C 323 18.70 -33.07 -5.69
CA GLU C 323 19.34 -32.78 -4.41
C GLU C 323 18.88 -33.78 -3.37
N ARG C 324 19.69 -34.02 -2.34
CA ARG C 324 19.31 -34.99 -1.31
C ARG C 324 19.60 -34.54 0.11
N ARG C 325 19.99 -33.28 0.26
CA ARG C 325 20.28 -32.74 1.58
C ARG C 325 19.81 -31.31 1.81
N PHE C 326 20.23 -30.42 0.92
CA PHE C 326 19.91 -28.99 0.98
C PHE C 326 18.52 -28.74 0.40
N PHE C 327 17.58 -28.33 1.23
CA PHE C 327 16.21 -28.10 0.75
C PHE C 327 15.52 -26.84 1.25
N LYS C 328 14.53 -26.39 0.48
CA LYS C 328 13.72 -25.21 0.79
C LYS C 328 12.26 -25.63 0.93
N ILE C 329 11.66 -25.29 2.07
CA ILE C 329 10.25 -25.62 2.30
C ILE C 329 9.48 -24.31 2.52
N VAL C 330 8.39 -24.16 1.79
CA VAL C 330 7.56 -22.97 1.90
C VAL C 330 6.23 -23.29 2.59
N SER C 331 5.89 -22.50 3.61
CA SER C 331 4.63 -22.72 4.31
C SER C 331 4.02 -21.40 4.78
N TRP C 332 2.71 -21.25 4.58
CA TRP C 332 1.99 -20.04 4.93
C TRP C 332 1.32 -20.09 6.29
N TYR C 333 0.72 -18.96 6.68
CA TYR C 333 0.00 -18.83 7.94
C TYR C 333 -0.62 -17.46 8.18
N ASP C 334 -1.89 -17.46 8.58
CA ASP C 334 -2.58 -16.23 8.90
C ASP C 334 -2.09 -16.01 10.31
N ASN C 335 -1.05 -15.19 10.46
CA ASN C 335 -0.47 -14.93 11.77
C ASN C 335 -1.46 -14.56 12.87
N GLU C 336 -2.50 -13.83 12.51
CA GLU C 336 -3.48 -13.46 13.53
C GLU C 336 -4.47 -14.60 13.82
N TRP C 337 -5.04 -15.14 12.75
CA TRP C 337 -6.05 -16.20 12.83
C TRP C 337 -5.63 -17.59 13.32
N GLY C 338 -4.54 -18.11 12.78
CA GLY C 338 -4.08 -19.44 13.18
C GLY C 338 -3.70 -19.49 14.64
N TYR C 339 -2.81 -18.59 15.05
CA TYR C 339 -2.36 -18.55 16.43
C TYR C 339 -3.55 -18.43 17.37
N SER C 340 -4.52 -17.60 17.00
CA SER C 340 -5.72 -17.41 17.81
C SER C 340 -6.45 -18.72 18.09
N HIS C 341 -6.69 -19.52 17.06
CA HIS C 341 -7.36 -20.80 17.23
C HIS C 341 -6.53 -21.76 18.09
N ARG C 342 -5.22 -21.71 17.93
CA ARG C 342 -4.32 -22.55 18.70
C ARG C 342 -4.43 -22.21 20.17
N VAL C 343 -4.58 -20.92 20.48
CA VAL C 343 -4.69 -20.48 21.87
C VAL C 343 -5.90 -21.13 22.53
N VAL C 344 -6.99 -21.25 21.77
CA VAL C 344 -8.21 -21.88 22.28
C VAL C 344 -7.99 -23.38 22.35
N ASP C 345 -7.46 -23.96 21.27
CA ASP C 345 -7.19 -25.40 21.22
C ASP C 345 -6.33 -25.81 22.41
N LEU C 346 -5.45 -24.92 22.84
CA LEU C 346 -4.56 -25.17 23.97
C LEU C 346 -5.31 -25.08 25.29
N VAL C 347 -5.96 -23.93 25.51
CA VAL C 347 -6.72 -23.72 26.73
C VAL C 347 -7.66 -24.90 26.97
N ARG C 348 -8.18 -25.48 25.89
CA ARG C 348 -9.07 -26.62 26.00
C ARG C 348 -8.31 -27.88 26.37
N HIS C 349 -7.06 -27.99 25.92
CA HIS C 349 -6.24 -29.15 26.24
C HIS C 349 -5.89 -29.09 27.72
N MET C 350 -5.52 -27.90 28.18
CA MET C 350 -5.16 -27.70 29.57
C MET C 350 -6.37 -27.92 30.49
N ALA C 351 -7.50 -28.29 29.91
CA ALA C 351 -8.70 -28.53 30.70
C ALA C 351 -9.07 -30.00 30.67
N SER C 352 -8.87 -30.63 29.52
CA SER C 352 -9.17 -32.05 29.35
C SER C 352 -8.16 -32.89 30.15
N LYS C 353 -6.99 -32.32 30.41
CA LYS C 353 -5.96 -33.01 31.18
C LYS C 353 -6.05 -32.56 32.63
N ASP C 354 -7.26 -32.21 33.06
CA ASP C 354 -7.51 -31.77 34.43
C ASP C 354 -8.77 -32.44 34.97
N ARG C 355 -9.86 -32.37 34.20
CA ARG C 355 -11.14 -32.94 34.59
C ARG C 355 -11.19 -34.44 34.31
N SER C 356 -10.26 -34.92 33.49
CA SER C 356 -10.19 -36.34 33.16
C SER C 356 -8.93 -36.97 33.76
N ALA C 357 -8.05 -36.16 34.34
CA ALA C 357 -6.82 -36.67 34.91
C ALA C 357 -6.72 -36.47 36.42
N ARG C 358 -7.65 -35.70 37.00
CA ARG C 358 -7.63 -35.44 38.43
C ARG C 358 -9.04 -35.15 38.95
N LEU C 359 -10.05 -35.39 38.12
CA LEU C 359 -11.43 -35.14 38.53
C LEU C 359 -12.36 -36.14 37.85
N MET D 1 34.46 10.62 -32.64
CA MET D 1 33.12 10.95 -32.10
C MET D 1 32.57 9.91 -31.13
N PRO D 2 31.62 10.33 -30.26
CA PRO D 2 30.98 9.49 -29.25
C PRO D 2 30.25 8.27 -29.82
N ILE D 3 30.00 7.29 -28.96
CA ILE D 3 29.29 6.07 -29.33
C ILE D 3 27.84 6.44 -29.61
N LYS D 4 27.35 6.14 -30.82
CA LYS D 4 25.97 6.44 -31.16
C LYS D 4 25.09 5.34 -30.58
N VAL D 5 24.17 5.70 -29.69
CA VAL D 5 23.30 4.72 -29.06
C VAL D 5 21.81 4.99 -29.30
N GLY D 6 21.03 3.92 -29.33
CA GLY D 6 19.59 4.02 -29.52
C GLY D 6 18.92 3.17 -28.46
N ILE D 7 17.83 3.65 -27.91
CA ILE D 7 17.12 2.90 -26.88
C ILE D 7 15.75 2.43 -27.33
N ASN D 8 15.62 1.11 -27.47
CA ASN D 8 14.38 0.49 -27.91
C ASN D 8 13.57 0.08 -26.69
N GLY D 9 12.52 0.83 -26.38
CA GLY D 9 11.69 0.52 -25.22
C GLY D 9 11.96 1.48 -24.08
N PHE D 10 11.37 2.67 -24.17
CA PHE D 10 11.57 3.73 -23.18
C PHE D 10 10.71 3.55 -21.92
N GLY D 11 10.84 2.40 -21.27
CA GLY D 11 10.08 2.15 -20.06
C GLY D 11 10.92 2.41 -18.82
N ARG D 12 10.62 1.71 -17.73
CA ARG D 12 11.35 1.88 -16.49
C ARG D 12 12.86 1.78 -16.66
N ILE D 13 13.31 0.78 -17.42
CA ILE D 13 14.74 0.60 -17.65
C ILE D 13 15.28 1.53 -18.72
N GLY D 14 14.52 1.72 -19.79
CA GLY D 14 14.97 2.63 -20.83
C GLY D 14 15.22 4.01 -20.27
N ARG D 15 14.27 4.53 -19.51
CA ARG D 15 14.39 5.86 -18.92
C ARG D 15 15.44 5.96 -17.81
N MET D 16 15.59 4.92 -17.01
CA MET D 16 16.58 4.95 -15.94
C MET D 16 17.97 4.77 -16.55
N VAL D 17 18.04 4.04 -17.64
CA VAL D 17 19.33 3.88 -18.31
C VAL D 17 19.71 5.28 -18.79
N PHE D 18 18.72 6.03 -19.27
CA PHE D 18 18.96 7.38 -19.75
C PHE D 18 19.42 8.28 -18.61
N GLN D 19 18.73 8.21 -17.47
CA GLN D 19 19.09 9.02 -16.33
C GLN D 19 20.56 8.77 -15.97
N ALA D 20 20.94 7.50 -15.96
CA ALA D 20 22.32 7.13 -15.64
C ALA D 20 23.28 7.87 -16.56
N LEU D 21 22.98 7.89 -17.85
CA LEU D 21 23.81 8.57 -18.83
C LEU D 21 24.02 10.05 -18.54
N CYS D 22 22.92 10.76 -18.30
CA CYS D 22 22.98 12.19 -18.02
C CYS D 22 23.69 12.43 -16.72
N GLU D 23 23.26 11.71 -15.70
CA GLU D 23 23.82 11.84 -14.37
C GLU D 23 25.35 11.74 -14.37
N ASP D 24 25.87 10.73 -15.04
CA ASP D 24 27.32 10.50 -15.10
C ASP D 24 28.10 11.40 -16.08
N GLY D 25 27.42 12.37 -16.69
CA GLY D 25 28.09 13.26 -17.61
C GLY D 25 28.63 12.55 -18.83
N LEU D 26 27.90 11.55 -19.29
CA LEU D 26 28.31 10.76 -20.45
C LEU D 26 27.59 11.18 -21.74
N LEU D 27 26.47 11.87 -21.61
CA LEU D 27 25.70 12.28 -22.77
C LEU D 27 26.40 13.36 -23.58
N GLY D 28 26.73 13.03 -24.84
CA GLY D 28 27.40 13.99 -25.69
C GLY D 28 28.91 13.89 -25.71
N THR D 29 29.48 13.13 -24.78
CA THR D 29 30.92 12.95 -24.72
C THR D 29 31.28 11.50 -24.99
N GLU D 30 30.96 10.61 -24.06
CA GLU D 30 31.24 9.18 -24.25
C GLU D 30 30.11 8.47 -25.00
N ILE D 31 28.88 8.86 -24.71
CA ILE D 31 27.74 8.25 -25.37
C ILE D 31 26.81 9.30 -25.97
N ASP D 32 26.31 8.98 -27.16
CA ASP D 32 25.42 9.88 -27.85
C ASP D 32 24.10 9.13 -28.08
N VAL D 33 23.08 9.50 -27.31
CA VAL D 33 21.78 8.87 -27.45
C VAL D 33 21.10 9.51 -28.63
N VAL D 34 21.11 8.82 -29.76
CA VAL D 34 20.53 9.34 -30.97
C VAL D 34 19.00 9.30 -30.95
N ALA D 35 18.43 8.18 -30.51
CA ALA D 35 16.98 8.04 -30.47
C ALA D 35 16.45 7.10 -29.40
N VAL D 36 15.15 7.19 -29.16
CA VAL D 36 14.46 6.33 -28.21
C VAL D 36 13.14 5.99 -28.85
N VAL D 37 12.74 4.74 -28.74
CA VAL D 37 11.49 4.32 -29.34
C VAL D 37 10.51 3.73 -28.33
N ASP D 38 9.24 4.09 -28.49
CA ASP D 38 8.16 3.57 -27.66
C ASP D 38 6.88 3.67 -28.48
N MET D 39 5.74 3.35 -27.87
CA MET D 39 4.46 3.35 -28.57
C MET D 39 4.16 4.52 -29.50
N ASN D 40 4.55 5.73 -29.11
CA ASN D 40 4.29 6.92 -29.90
C ASN D 40 5.57 7.72 -30.16
N THR D 41 5.43 8.87 -30.80
CA THR D 41 6.57 9.75 -31.09
C THR D 41 6.28 11.13 -30.49
N ASP D 42 5.30 11.18 -29.59
CA ASP D 42 4.90 12.42 -28.93
C ASP D 42 5.92 12.85 -27.86
N ALA D 43 6.93 13.62 -28.28
CA ALA D 43 7.96 14.07 -27.36
C ALA D 43 7.41 14.68 -26.05
N GLU D 44 6.35 15.47 -26.14
CA GLU D 44 5.79 16.07 -24.94
C GLU D 44 5.56 15.00 -23.88
N TYR D 45 4.99 13.88 -24.30
CA TYR D 45 4.71 12.79 -23.38
C TYR D 45 6.01 12.16 -22.86
N PHE D 46 6.97 11.93 -23.77
CA PHE D 46 8.25 11.37 -23.36
C PHE D 46 8.89 12.27 -22.31
N ALA D 47 8.82 13.58 -22.55
CA ALA D 47 9.39 14.55 -21.61
C ALA D 47 8.69 14.47 -20.25
N TYR D 48 7.36 14.44 -20.26
CA TYR D 48 6.59 14.35 -19.01
C TYR D 48 6.98 13.09 -18.23
N GLN D 49 7.15 11.97 -18.93
CA GLN D 49 7.51 10.73 -18.28
C GLN D 49 8.92 10.76 -17.70
N MET D 50 9.83 11.49 -18.34
CA MET D 50 11.21 11.58 -17.84
C MET D 50 11.30 12.56 -16.67
N ARG D 51 10.55 13.65 -16.81
CA ARG D 51 10.52 14.73 -15.84
C ARG D 51 10.03 14.32 -14.45
N TYR D 52 9.06 13.42 -14.40
CA TYR D 52 8.50 13.01 -13.11
C TYR D 52 8.53 11.50 -12.93
N ASP D 53 9.03 11.04 -11.79
CA ASP D 53 9.09 9.62 -11.50
C ASP D 53 8.59 9.44 -10.07
N THR D 54 7.59 8.59 -9.86
CA THR D 54 7.08 8.45 -8.49
C THR D 54 8.00 7.78 -7.49
N VAL D 55 9.07 7.13 -7.94
CA VAL D 55 9.98 6.52 -6.96
C VAL D 55 11.35 7.20 -6.94
N HIS D 56 11.83 7.64 -8.10
CA HIS D 56 13.15 8.27 -8.17
C HIS D 56 13.19 9.80 -8.13
N GLY D 57 12.05 10.42 -7.84
CA GLY D 57 12.03 11.88 -7.76
C GLY D 57 11.98 12.62 -9.08
N LYS D 58 12.03 13.95 -9.02
CA LYS D 58 11.98 14.77 -10.24
C LYS D 58 13.33 14.77 -10.95
N PHE D 59 13.30 14.65 -12.27
CA PHE D 59 14.53 14.66 -13.06
C PHE D 59 15.21 16.00 -12.78
N LYS D 60 16.45 15.95 -12.32
CA LYS D 60 17.20 17.16 -11.98
C LYS D 60 17.60 18.01 -13.18
N TYR D 61 17.58 17.44 -14.38
CA TYR D 61 17.96 18.19 -15.56
C TYR D 61 16.75 18.61 -16.38
N GLU D 62 16.83 19.79 -16.99
CA GLU D 62 15.73 20.32 -17.78
C GLU D 62 15.51 19.56 -19.07
N VAL D 63 14.25 19.26 -19.37
CA VAL D 63 13.91 18.55 -20.60
C VAL D 63 12.91 19.35 -21.41
N THR D 64 13.25 19.59 -22.67
CA THR D 64 12.36 20.30 -23.55
C THR D 64 12.19 19.50 -24.83
N THR D 65 11.37 19.98 -25.75
CA THR D 65 11.08 19.30 -27.01
C THR D 65 11.05 20.22 -28.24
N THR D 66 11.21 19.62 -29.42
CA THR D 66 11.17 20.34 -30.71
C THR D 66 10.82 19.37 -31.83
N LYS D 67 10.69 19.93 -33.03
CA LYS D 67 10.40 19.13 -34.21
C LYS D 67 11.68 18.89 -34.98
N SER D 68 11.75 17.73 -35.64
CA SER D 68 12.91 17.37 -36.44
C SER D 68 12.82 18.15 -37.75
N SER D 69 11.59 18.40 -38.18
CA SER D 69 11.28 19.14 -39.41
C SER D 69 9.86 19.71 -39.31
N PRO D 70 9.67 20.97 -39.75
CA PRO D 70 8.36 21.62 -39.69
C PRO D 70 7.25 20.77 -40.30
N SER D 71 7.61 19.86 -41.21
CA SER D 71 6.64 18.99 -41.85
C SER D 71 6.01 18.05 -40.82
N VAL D 72 6.48 18.16 -39.57
CA VAL D 72 5.97 17.33 -38.49
C VAL D 72 4.87 18.05 -37.71
N ALA D 73 3.83 17.30 -37.35
CA ALA D 73 2.69 17.85 -36.62
C ALA D 73 3.06 18.21 -35.19
N LYS D 74 3.33 17.19 -34.38
CA LYS D 74 3.72 17.41 -32.99
C LYS D 74 5.22 17.19 -32.79
N ASP D 75 5.77 17.83 -31.77
CA ASP D 75 7.19 17.69 -31.47
C ASP D 75 7.55 16.22 -31.40
N ASP D 76 8.68 15.85 -31.99
CA ASP D 76 9.12 14.46 -31.99
C ASP D 76 10.55 14.35 -31.50
N THR D 77 11.09 15.46 -30.98
CA THR D 77 12.47 15.48 -30.49
C THR D 77 12.58 15.98 -29.05
N LEU D 78 13.40 15.28 -28.27
CA LEU D 78 13.65 15.65 -26.88
C LEU D 78 14.95 16.43 -26.85
N VAL D 79 15.03 17.44 -25.99
CA VAL D 79 16.24 18.25 -25.87
C VAL D 79 16.64 18.30 -24.40
N VAL D 80 17.79 17.72 -24.08
CA VAL D 80 18.32 17.69 -22.72
C VAL D 80 19.63 18.47 -22.66
N ASN D 81 19.54 19.74 -22.26
CA ASN D 81 20.70 20.61 -22.18
C ASN D 81 21.45 20.64 -23.51
N GLY D 82 20.73 20.96 -24.58
CA GLY D 82 21.32 21.06 -25.89
C GLY D 82 21.50 19.76 -26.66
N HIS D 83 21.22 18.63 -26.02
CA HIS D 83 21.36 17.35 -26.69
C HIS D 83 20.04 16.87 -27.26
N ARG D 84 20.05 16.48 -28.53
CA ARG D 84 18.85 16.04 -29.22
C ARG D 84 18.64 14.53 -29.36
N ILE D 85 17.44 14.08 -29.01
CA ILE D 85 17.07 12.66 -29.11
C ILE D 85 15.78 12.55 -29.91
N LEU D 86 15.83 11.78 -30.98
CA LEU D 86 14.65 11.61 -31.80
C LEU D 86 13.76 10.53 -31.22
N CYS D 87 12.45 10.79 -31.21
CA CYS D 87 11.48 9.84 -30.70
C CYS D 87 10.97 8.98 -31.83
N VAL D 88 11.56 7.79 -31.98
CA VAL D 88 11.17 6.87 -33.04
C VAL D 88 9.96 6.04 -32.65
N LYS D 89 9.09 5.79 -33.63
CA LYS D 89 7.88 5.00 -33.41
C LYS D 89 8.18 3.51 -33.32
N ALA D 90 7.64 2.88 -32.29
CA ALA D 90 7.82 1.45 -32.05
C ALA D 90 7.50 0.58 -33.27
N GLN D 91 8.29 -0.49 -33.42
CA GLN D 91 8.13 -1.46 -34.49
C GLN D 91 7.90 -2.85 -33.90
N ARG D 92 6.93 -3.58 -34.45
CA ARG D 92 6.65 -4.93 -33.99
C ARG D 92 7.90 -5.79 -34.19
N ASN D 93 8.65 -5.49 -35.25
CA ASN D 93 9.87 -6.23 -35.59
C ASN D 93 11.10 -5.31 -35.69
N PRO D 94 12.11 -5.57 -34.86
CA PRO D 94 13.38 -4.82 -34.77
C PRO D 94 14.08 -4.48 -36.08
N ALA D 95 14.08 -5.42 -37.02
CA ALA D 95 14.71 -5.22 -38.32
C ALA D 95 14.15 -4.02 -39.08
N ASP D 96 12.98 -3.56 -38.66
CA ASP D 96 12.35 -2.43 -39.31
C ASP D 96 12.79 -1.06 -38.79
N LEU D 97 13.41 -1.02 -37.61
CA LEU D 97 13.87 0.25 -37.05
C LEU D 97 14.91 0.93 -37.95
N PRO D 98 14.87 2.27 -38.01
CA PRO D 98 15.79 3.08 -38.82
C PRO D 98 17.17 3.29 -38.19
N TRP D 99 17.74 2.24 -37.61
CA TRP D 99 19.05 2.38 -36.98
C TRP D 99 20.06 2.90 -38.00
N GLY D 100 20.08 2.28 -39.17
CA GLY D 100 20.99 2.70 -40.23
C GLY D 100 20.90 4.18 -40.55
N LYS D 101 19.71 4.63 -40.92
CA LYS D 101 19.49 6.04 -41.23
C LYS D 101 19.93 6.97 -40.11
N LEU D 102 19.93 6.46 -38.87
CA LEU D 102 20.31 7.27 -37.72
C LEU D 102 21.79 7.19 -37.32
N GLY D 103 22.48 6.14 -37.73
CA GLY D 103 23.89 6.01 -37.39
C GLY D 103 24.09 5.37 -36.04
N VAL D 104 23.08 4.62 -35.60
CA VAL D 104 23.12 3.94 -34.33
C VAL D 104 23.98 2.69 -34.39
N GLU D 105 25.07 2.67 -33.61
CA GLU D 105 25.96 1.52 -33.60
C GLU D 105 25.59 0.57 -32.45
N TYR D 106 25.12 1.15 -31.34
CA TYR D 106 24.72 0.34 -30.18
C TYR D 106 23.26 0.59 -29.81
N VAL D 107 22.51 -0.50 -29.64
CA VAL D 107 21.12 -0.35 -29.26
C VAL D 107 20.86 -1.11 -27.97
N ILE D 108 20.20 -0.42 -27.04
CA ILE D 108 19.83 -0.99 -25.75
C ILE D 108 18.45 -1.55 -26.00
N GLU D 109 18.28 -2.86 -25.83
CA GLU D 109 16.99 -3.51 -26.05
C GLU D 109 16.26 -3.69 -24.73
N SER D 110 15.32 -2.78 -24.45
CA SER D 110 14.58 -2.83 -23.20
C SER D 110 13.06 -2.79 -23.30
N THR D 111 12.50 -3.48 -24.29
CA THR D 111 11.05 -3.54 -24.44
C THR D 111 10.52 -4.78 -23.71
N GLY D 112 11.40 -5.76 -23.52
CA GLY D 112 11.00 -6.99 -22.86
C GLY D 112 10.25 -7.90 -23.82
N LEU D 113 10.41 -7.66 -25.12
CA LEU D 113 9.74 -8.43 -26.15
C LEU D 113 10.73 -9.18 -27.05
N PHE D 114 11.97 -8.71 -27.07
CA PHE D 114 12.99 -9.31 -27.91
C PHE D 114 14.18 -9.80 -27.11
N THR D 115 13.90 -10.69 -26.15
CA THR D 115 14.93 -11.26 -25.30
C THR D 115 15.47 -12.55 -25.90
N ALA D 116 14.98 -12.88 -27.09
CA ALA D 116 15.44 -14.05 -27.81
C ALA D 116 16.50 -13.55 -28.76
N LYS D 117 17.71 -14.09 -28.65
CA LYS D 117 18.83 -13.68 -29.49
C LYS D 117 18.43 -13.46 -30.95
N ALA D 118 17.68 -14.40 -31.48
CA ALA D 118 17.24 -14.34 -32.87
C ALA D 118 16.40 -13.09 -33.16
N ALA D 119 15.51 -12.74 -32.24
CA ALA D 119 14.67 -11.57 -32.42
C ALA D 119 15.47 -10.30 -32.26
N ALA D 120 16.43 -10.30 -31.33
CA ALA D 120 17.27 -9.14 -31.06
C ALA D 120 18.20 -8.80 -32.22
N GLU D 121 18.63 -9.82 -32.96
CA GLU D 121 19.53 -9.60 -34.09
C GLU D 121 18.86 -8.76 -35.17
N GLY D 122 17.56 -8.50 -34.97
CA GLY D 122 16.83 -7.70 -35.93
C GLY D 122 17.44 -6.30 -36.02
N HIS D 123 17.94 -5.82 -34.89
CA HIS D 123 18.56 -4.49 -34.81
C HIS D 123 19.80 -4.39 -35.71
N LEU D 124 20.54 -5.49 -35.83
CA LEU D 124 21.73 -5.47 -36.69
C LEU D 124 21.28 -5.32 -38.14
N ARG D 125 20.21 -6.01 -38.49
CA ARG D 125 19.69 -5.93 -39.85
C ARG D 125 19.25 -4.50 -40.10
N GLY D 126 18.89 -3.82 -39.02
CA GLY D 126 18.45 -2.44 -39.12
C GLY D 126 19.58 -1.46 -39.28
N GLY D 127 20.82 -1.93 -39.12
CA GLY D 127 21.96 -1.05 -39.26
C GLY D 127 22.78 -0.89 -38.00
N ALA D 128 22.42 -1.65 -36.97
CA ALA D 128 23.13 -1.59 -35.70
C ALA D 128 24.25 -2.62 -35.70
N ARG D 129 25.32 -2.31 -34.96
CA ARG D 129 26.46 -3.20 -34.89
C ARG D 129 26.47 -4.04 -33.62
N LYS D 130 25.88 -3.50 -32.55
CA LYS D 130 25.83 -4.22 -31.27
C LYS D 130 24.48 -4.03 -30.58
N VAL D 131 24.11 -4.99 -29.73
CA VAL D 131 22.85 -4.93 -29.00
C VAL D 131 22.98 -5.56 -27.61
N VAL D 132 22.48 -4.84 -26.60
CA VAL D 132 22.52 -5.31 -25.22
C VAL D 132 21.07 -5.49 -24.73
N ILE D 133 20.69 -6.74 -24.51
CA ILE D 133 19.34 -7.04 -24.04
C ILE D 133 19.32 -6.76 -22.54
N SER D 134 18.46 -5.83 -22.14
CA SER D 134 18.36 -5.43 -20.74
C SER D 134 17.60 -6.47 -19.92
N ALA D 135 17.89 -7.74 -20.17
CA ALA D 135 17.24 -8.83 -19.45
C ALA D 135 17.91 -10.15 -19.84
N PRO D 136 17.51 -11.26 -19.19
CA PRO D 136 18.08 -12.57 -19.51
C PRO D 136 17.66 -12.94 -20.92
N ALA D 137 18.55 -13.55 -21.68
CA ALA D 137 18.21 -13.92 -23.05
C ALA D 137 18.17 -15.42 -23.28
N SER D 138 17.88 -15.78 -24.52
CA SER D 138 17.79 -17.17 -24.94
C SER D 138 18.21 -17.17 -26.39
N GLY D 139 18.55 -18.33 -26.92
CA GLY D 139 18.98 -18.40 -28.30
C GLY D 139 20.49 -18.43 -28.40
N GLY D 140 21.14 -18.43 -27.24
CA GLY D 140 22.60 -18.47 -27.23
C GLY D 140 23.32 -17.14 -27.19
N ALA D 141 22.68 -16.12 -26.64
CA ALA D 141 23.30 -14.80 -26.54
C ALA D 141 24.22 -14.82 -25.32
N LYS D 142 25.42 -14.28 -25.47
CA LYS D 142 26.37 -14.22 -24.38
C LYS D 142 25.85 -13.38 -23.22
N THR D 143 25.94 -13.92 -21.99
CA THR D 143 25.48 -13.21 -20.79
C THR D 143 26.67 -12.62 -20.04
N LEU D 144 26.55 -11.33 -19.68
CA LEU D 144 27.62 -10.63 -18.98
C LEU D 144 27.20 -9.87 -17.73
N VAL D 145 27.97 -10.02 -16.66
CA VAL D 145 27.72 -9.33 -15.40
C VAL D 145 28.95 -8.52 -15.01
N MET D 146 28.82 -7.20 -15.06
CA MET D 146 29.90 -6.28 -14.71
C MET D 146 30.44 -6.61 -13.33
N GLY D 147 31.76 -6.77 -13.24
CA GLY D 147 32.39 -7.10 -11.98
C GLY D 147 32.54 -8.60 -11.79
N VAL D 148 31.88 -9.39 -12.62
CA VAL D 148 32.00 -10.84 -12.47
C VAL D 148 32.67 -11.54 -13.65
N ASN D 149 32.11 -11.37 -14.85
CA ASN D 149 32.68 -12.00 -16.05
C ASN D 149 32.63 -11.13 -17.30
N HIS D 150 32.43 -9.83 -17.14
CA HIS D 150 32.34 -8.93 -18.31
C HIS D 150 33.59 -8.90 -19.18
N HIS D 151 34.73 -9.30 -18.62
CA HIS D 151 35.95 -9.34 -19.42
C HIS D 151 35.94 -10.53 -20.36
N GLU D 152 34.79 -11.19 -20.45
CA GLU D 152 34.63 -12.33 -21.34
C GLU D 152 33.98 -11.86 -22.64
N TYR D 153 33.78 -10.55 -22.74
CA TYR D 153 33.19 -9.99 -23.95
C TYR D 153 34.19 -10.11 -25.09
N ASN D 154 33.80 -10.80 -26.15
CA ASN D 154 34.66 -10.99 -27.32
C ASN D 154 34.12 -10.13 -28.45
N PRO D 155 34.75 -8.98 -28.69
CA PRO D 155 34.38 -8.01 -29.73
C PRO D 155 33.95 -8.59 -31.07
N SER D 156 34.65 -9.62 -31.53
CA SER D 156 34.32 -10.20 -32.83
C SER D 156 33.44 -11.43 -32.82
N GLU D 157 32.99 -11.85 -31.63
CA GLU D 157 32.14 -13.04 -31.55
C GLU D 157 30.76 -12.74 -30.94
N HIS D 158 30.72 -11.81 -29.99
CA HIS D 158 29.48 -11.43 -29.31
C HIS D 158 28.93 -10.14 -29.88
N HIS D 159 27.83 -10.22 -30.63
CA HIS D 159 27.25 -9.01 -31.21
C HIS D 159 25.94 -8.68 -30.55
N VAL D 160 25.27 -9.70 -30.03
CA VAL D 160 24.01 -9.56 -29.33
C VAL D 160 24.22 -10.21 -27.99
N VAL D 161 24.27 -9.40 -26.93
CA VAL D 161 24.49 -9.94 -25.59
C VAL D 161 23.39 -9.59 -24.59
N SER D 162 23.44 -10.24 -23.44
CA SER D 162 22.49 -10.02 -22.37
C SER D 162 23.22 -9.53 -21.12
N ASN D 163 22.68 -8.50 -20.48
CA ASN D 163 23.28 -7.94 -19.26
C ASN D 163 22.68 -8.64 -18.03
N ALA D 164 22.08 -9.81 -18.26
CA ALA D 164 21.44 -10.58 -17.19
C ALA D 164 20.18 -9.90 -16.63
N SER D 165 19.81 -10.26 -15.40
CA SER D 165 18.65 -9.68 -14.73
C SER D 165 19.12 -8.86 -13.52
N CYS D 166 18.20 -8.20 -12.83
CA CYS D 166 18.57 -7.39 -11.66
C CYS D 166 19.04 -8.33 -10.57
N THR D 167 18.25 -9.37 -10.33
CA THR D 167 18.56 -10.34 -9.29
C THR D 167 19.90 -11.03 -9.52
N THR D 168 20.19 -11.44 -10.75
CA THR D 168 21.46 -12.10 -11.00
C THR D 168 22.59 -11.11 -10.73
N ASN D 169 22.37 -9.85 -11.12
CA ASN D 169 23.37 -8.80 -10.91
C ASN D 169 23.57 -8.48 -9.43
N CYS D 170 22.64 -8.92 -8.59
CA CYS D 170 22.77 -8.69 -7.15
C CYS D 170 23.44 -9.91 -6.54
N LEU D 171 23.02 -11.08 -7.00
CA LEU D 171 23.55 -12.37 -6.52
C LEU D 171 25.00 -12.65 -6.94
N ALA D 172 25.23 -12.74 -8.25
CA ALA D 172 26.55 -13.04 -8.80
C ALA D 172 27.72 -12.36 -8.09
N PRO D 173 27.65 -11.03 -7.86
CA PRO D 173 28.78 -10.38 -7.18
C PRO D 173 29.15 -11.04 -5.87
N ILE D 174 28.12 -11.43 -5.11
CA ILE D 174 28.30 -12.09 -3.82
C ILE D 174 28.96 -13.45 -4.01
N VAL D 175 28.39 -14.26 -4.88
CA VAL D 175 28.91 -15.59 -5.13
C VAL D 175 30.31 -15.51 -5.70
N HIS D 176 30.52 -14.53 -6.58
CA HIS D 176 31.85 -14.36 -7.18
C HIS D 176 32.90 -14.10 -6.09
N VAL D 177 32.54 -13.33 -5.07
CA VAL D 177 33.51 -13.06 -4.01
C VAL D 177 33.73 -14.33 -3.20
N LEU D 178 32.66 -15.09 -3.00
CA LEU D 178 32.77 -16.32 -2.24
C LEU D 178 33.67 -17.33 -2.94
N VAL D 179 33.52 -17.44 -4.25
CA VAL D 179 34.34 -18.38 -5.00
C VAL D 179 35.79 -17.92 -5.17
N LYS D 180 35.98 -16.63 -5.46
CA LYS D 180 37.33 -16.07 -5.64
C LYS D 180 38.15 -16.06 -4.37
N GLU D 181 37.53 -15.67 -3.25
CA GLU D 181 38.24 -15.60 -1.97
C GLU D 181 38.56 -17.00 -1.45
N GLY D 182 37.91 -18.02 -2.00
CA GLY D 182 38.18 -19.38 -1.58
C GLY D 182 37.26 -19.99 -0.52
N PHE D 183 36.11 -19.37 -0.27
CA PHE D 183 35.18 -19.93 0.69
C PHE D 183 34.51 -21.07 -0.06
N GLY D 184 34.10 -20.77 -1.29
CA GLY D 184 33.47 -21.76 -2.14
C GLY D 184 31.99 -21.95 -1.88
N VAL D 185 31.27 -22.41 -2.90
CA VAL D 185 29.85 -22.66 -2.78
C VAL D 185 29.52 -24.08 -3.21
N GLN D 186 29.28 -24.95 -2.24
CA GLN D 186 28.97 -26.34 -2.52
C GLN D 186 27.53 -26.40 -3.08
N THR D 187 26.60 -25.87 -2.31
CA THR D 187 25.20 -25.82 -2.72
C THR D 187 24.60 -24.55 -2.13
N GLY D 188 23.60 -24.01 -2.81
CA GLY D 188 22.97 -22.80 -2.32
C GLY D 188 21.58 -22.57 -2.85
N LEU D 189 20.77 -21.87 -2.05
CA LEU D 189 19.42 -21.56 -2.44
C LEU D 189 19.17 -20.11 -2.06
N MET D 190 18.46 -19.38 -2.91
CA MET D 190 18.20 -17.99 -2.60
C MET D 190 16.75 -17.61 -2.78
N THR D 191 16.36 -16.59 -2.03
CA THR D 191 15.03 -16.08 -2.11
C THR D 191 15.20 -14.58 -2.22
N THR D 192 14.44 -13.99 -3.13
CA THR D 192 14.47 -12.55 -3.30
C THR D 192 13.08 -11.98 -2.98
N ILE D 193 13.01 -11.09 -2.01
CA ILE D 193 11.76 -10.42 -1.65
C ILE D 193 11.87 -9.25 -2.62
N HIS D 194 11.11 -9.37 -3.70
CA HIS D 194 11.13 -8.47 -4.84
C HIS D 194 9.95 -7.50 -4.96
N SER D 195 10.23 -6.25 -5.34
CA SER D 195 9.18 -5.25 -5.53
C SER D 195 8.39 -5.59 -6.78
N TYR D 196 7.12 -5.20 -6.83
CA TYR D 196 6.34 -5.50 -8.03
C TYR D 196 6.88 -4.70 -9.22
N THR D 197 6.55 -5.15 -10.43
CA THR D 197 7.02 -4.50 -11.65
C THR D 197 5.89 -4.26 -12.66
N ALA D 198 6.25 -3.83 -13.86
CA ALA D 198 5.27 -3.54 -14.90
C ALA D 198 4.46 -4.76 -15.34
N THR D 199 5.05 -5.95 -15.23
CA THR D 199 4.37 -7.18 -15.64
C THR D 199 3.20 -7.59 -14.73
N GLN D 200 3.16 -7.07 -13.51
CA GLN D 200 2.08 -7.44 -12.59
C GLN D 200 0.79 -6.66 -12.81
N LYS D 201 -0.22 -6.94 -11.97
CA LYS D 201 -1.52 -6.29 -12.07
C LYS D 201 -1.97 -5.55 -10.81
N THR D 202 -2.72 -4.48 -11.00
CA THR D 202 -3.21 -3.68 -9.88
C THR D 202 -4.32 -4.41 -9.13
N VAL D 203 -5.25 -4.99 -9.88
CA VAL D 203 -6.36 -5.74 -9.30
C VAL D 203 -6.32 -7.10 -9.98
N ASP D 204 -6.86 -8.14 -9.34
CA ASP D 204 -6.82 -9.48 -9.93
C ASP D 204 -7.16 -9.47 -11.42
N GLY D 205 -6.18 -9.84 -12.24
CA GLY D 205 -6.40 -9.84 -13.68
C GLY D 205 -6.02 -11.14 -14.39
N VAL D 206 -5.96 -11.07 -15.72
CA VAL D 206 -5.63 -12.22 -16.54
C VAL D 206 -4.12 -12.45 -16.63
N SER D 207 -3.71 -13.70 -16.40
CA SER D 207 -2.31 -14.07 -16.46
C SER D 207 -2.20 -15.57 -16.61
N VAL D 208 -2.51 -16.05 -17.81
CA VAL D 208 -2.47 -17.47 -18.12
C VAL D 208 -1.12 -18.16 -17.89
N LYS D 209 -0.03 -17.43 -18.11
CA LYS D 209 1.33 -17.99 -17.94
C LYS D 209 1.83 -17.98 -16.49
N ASP D 210 1.23 -17.14 -15.66
CA ASP D 210 1.62 -17.07 -14.26
C ASP D 210 0.39 -16.71 -13.45
N TRP D 211 -0.40 -17.73 -13.10
CA TRP D 211 -1.62 -17.51 -12.35
C TRP D 211 -1.40 -16.62 -11.14
N ARG D 212 -0.41 -16.95 -10.32
CA ARG D 212 -0.16 -16.15 -9.13
C ARG D 212 0.24 -14.74 -9.52
N GLY D 213 0.88 -14.62 -10.68
CA GLY D 213 1.33 -13.32 -11.16
C GLY D 213 0.20 -12.42 -11.62
N GLY D 214 -1.03 -12.94 -11.63
CA GLY D 214 -2.16 -12.14 -12.06
C GLY D 214 -2.91 -11.49 -10.90
N ARG D 215 -2.64 -11.95 -9.69
CA ARG D 215 -3.32 -11.43 -8.51
C ARG D 215 -2.85 -10.03 -8.10
N ALA D 216 -3.76 -9.26 -7.49
CA ALA D 216 -3.47 -7.89 -7.06
C ALA D 216 -2.05 -7.74 -6.48
N ALA D 217 -1.24 -6.95 -7.16
CA ALA D 217 0.15 -6.73 -6.80
C ALA D 217 0.47 -6.03 -5.48
N ALA D 218 -0.20 -4.93 -5.17
CA ALA D 218 0.10 -4.19 -3.94
C ALA D 218 -0.59 -4.63 -2.66
N VAL D 219 -1.25 -5.79 -2.68
CA VAL D 219 -1.92 -6.28 -1.48
C VAL D 219 -1.64 -7.76 -1.26
N ASN D 220 -0.69 -8.30 -2.00
CA ASN D 220 -0.33 -9.71 -1.86
C ASN D 220 1.15 -10.01 -1.84
N ILE D 221 1.50 -11.06 -1.10
CA ILE D 221 2.86 -11.56 -1.06
C ILE D 221 2.64 -12.63 -2.11
N ILE D 222 3.31 -12.49 -3.26
CA ILE D 222 3.12 -13.41 -4.36
C ILE D 222 4.35 -14.21 -4.71
N PRO D 223 4.33 -15.53 -4.44
CA PRO D 223 5.46 -16.43 -4.75
C PRO D 223 5.71 -16.49 -6.25
N SER D 224 6.95 -16.72 -6.64
CA SER D 224 7.28 -16.83 -8.05
C SER D 224 8.62 -17.52 -8.32
N THR D 225 8.67 -18.35 -9.35
CA THR D 225 9.91 -19.03 -9.72
C THR D 225 10.81 -17.98 -10.39
N THR D 226 12.12 -18.26 -10.44
CA THR D 226 13.07 -17.35 -11.07
C THR D 226 14.33 -18.09 -11.47
N GLY D 227 14.94 -17.67 -12.58
CA GLY D 227 16.16 -18.31 -13.05
C GLY D 227 17.41 -17.57 -12.65
N ALA D 228 17.22 -16.39 -12.07
CA ALA D 228 18.31 -15.54 -11.63
C ALA D 228 19.46 -16.32 -10.99
N ALA D 229 19.14 -17.20 -10.04
CA ALA D 229 20.14 -17.98 -9.35
C ALA D 229 20.76 -19.08 -10.22
N LYS D 230 20.00 -19.61 -11.15
CA LYS D 230 20.54 -20.64 -12.02
C LYS D 230 21.48 -20.00 -13.02
N ALA D 231 21.10 -18.82 -13.49
CA ALA D 231 21.90 -18.06 -14.45
C ALA D 231 23.31 -17.76 -13.96
N VAL D 232 23.50 -17.84 -12.65
CA VAL D 232 24.80 -17.56 -12.06
C VAL D 232 25.80 -18.63 -12.46
N GLY D 233 25.30 -19.85 -12.69
CA GLY D 233 26.17 -20.94 -13.11
C GLY D 233 26.55 -20.74 -14.57
N MET D 234 25.99 -19.71 -15.19
CA MET D 234 26.28 -19.40 -16.57
C MET D 234 27.25 -18.22 -16.64
N VAL D 235 27.51 -17.61 -15.48
CA VAL D 235 28.43 -16.50 -15.39
C VAL D 235 29.63 -16.95 -14.55
N ILE D 236 29.35 -17.80 -13.58
CA ILE D 236 30.39 -18.35 -12.72
C ILE D 236 30.27 -19.88 -12.83
N PRO D 237 30.69 -20.42 -13.98
CA PRO D 237 30.68 -21.84 -14.34
C PRO D 237 30.81 -22.86 -13.20
N SER D 238 31.70 -22.61 -12.26
CA SER D 238 31.87 -23.54 -11.16
C SER D 238 30.62 -23.70 -10.28
N THR D 239 29.62 -22.85 -10.49
CA THR D 239 28.39 -22.91 -9.70
C THR D 239 27.26 -23.59 -10.46
N GLN D 240 27.53 -23.96 -11.71
CA GLN D 240 26.52 -24.62 -12.53
C GLN D 240 25.88 -25.79 -11.77
N GLY D 241 24.56 -25.81 -11.72
CA GLY D 241 23.85 -26.89 -11.04
C GLY D 241 23.88 -26.92 -9.53
N LYS D 242 24.52 -25.93 -8.90
CA LYS D 242 24.60 -25.89 -7.44
C LYS D 242 23.66 -24.87 -6.79
N LEU D 243 23.12 -23.97 -7.59
CA LEU D 243 22.21 -22.92 -7.09
C LEU D 243 20.91 -22.80 -7.85
N THR D 244 19.92 -22.22 -7.17
CA THR D 244 18.60 -21.96 -7.73
C THR D 244 17.84 -21.21 -6.64
N GLY D 245 16.59 -20.86 -6.90
CA GLY D 245 15.85 -20.14 -5.89
C GLY D 245 14.51 -19.64 -6.36
N MET D 246 13.79 -18.97 -5.46
CA MET D 246 12.48 -18.46 -5.81
C MET D 246 12.36 -16.98 -5.48
N SER D 247 11.22 -16.41 -5.80
CA SER D 247 10.97 -15.00 -5.54
C SER D 247 9.63 -14.79 -4.85
N PHE D 248 9.54 -13.68 -4.13
CA PHE D 248 8.32 -13.29 -3.43
C PHE D 248 8.08 -11.84 -3.80
N ARG D 249 7.10 -11.60 -4.67
CA ARG D 249 6.76 -10.24 -5.06
C ARG D 249 5.92 -9.67 -3.94
N VAL D 250 6.33 -8.51 -3.42
CA VAL D 250 5.62 -7.85 -2.32
C VAL D 250 5.25 -6.41 -2.69
N PRO D 251 4.41 -5.76 -1.86
CA PRO D 251 3.94 -4.38 -2.07
C PRO D 251 4.88 -3.17 -1.95
N THR D 252 5.88 -3.09 -2.81
CA THR D 252 6.78 -1.93 -2.83
C THR D 252 7.04 -1.65 -4.31
N PRO D 253 7.01 -0.37 -4.71
CA PRO D 253 7.24 -0.05 -6.12
C PRO D 253 8.68 -0.20 -6.61
N ASP D 254 9.64 -0.34 -5.69
CA ASP D 254 11.04 -0.48 -6.10
C ASP D 254 11.98 -0.82 -4.95
N VAL D 255 13.04 -1.56 -5.28
CA VAL D 255 14.07 -2.03 -4.36
C VAL D 255 13.72 -3.43 -3.88
N SER D 256 14.72 -4.30 -3.92
CA SER D 256 14.53 -5.70 -3.55
C SER D 256 15.72 -6.21 -2.73
N VAL D 257 15.58 -7.43 -2.20
CA VAL D 257 16.66 -7.98 -1.39
C VAL D 257 16.88 -9.46 -1.63
N VAL D 258 18.15 -9.84 -1.74
CA VAL D 258 18.48 -11.24 -1.94
C VAL D 258 18.82 -11.84 -0.59
N ASP D 259 18.25 -13.00 -0.34
CA ASP D 259 18.46 -13.73 0.90
C ASP D 259 19.09 -15.07 0.48
N LEU D 260 20.41 -15.13 0.48
CA LEU D 260 21.12 -16.35 0.06
C LEU D 260 21.54 -17.27 1.19
N THR D 261 21.13 -18.53 1.11
CA THR D 261 21.51 -19.53 2.10
C THR D 261 22.43 -20.48 1.35
N PHE D 262 23.54 -20.85 1.98
CA PHE D 262 24.46 -21.77 1.31
C PHE D 262 25.43 -22.46 2.26
N THR D 263 26.04 -23.53 1.78
CA THR D 263 27.04 -24.25 2.55
C THR D 263 28.38 -23.98 1.86
N ALA D 264 29.34 -23.44 2.61
CA ALA D 264 30.65 -23.14 2.06
C ALA D 264 31.38 -24.42 1.67
N ALA D 265 32.44 -24.29 0.90
CA ALA D 265 33.22 -25.44 0.46
C ALA D 265 34.28 -25.79 1.51
N ARG D 266 34.41 -24.96 2.54
CA ARG D 266 35.35 -25.20 3.61
C ARG D 266 34.87 -24.53 4.88
N ASP D 267 35.51 -24.86 5.99
CA ASP D 267 35.15 -24.29 7.27
C ASP D 267 35.46 -22.80 7.31
N THR D 268 34.48 -22.02 7.74
CA THR D 268 34.63 -20.59 7.86
C THR D 268 33.76 -20.11 9.01
N SER D 269 33.37 -18.85 8.94
CA SER D 269 32.52 -18.24 9.95
C SER D 269 31.83 -17.10 9.23
N ILE D 270 30.73 -16.61 9.80
CA ILE D 270 30.02 -15.52 9.15
C ILE D 270 30.88 -14.26 9.28
N GLN D 271 31.74 -14.23 10.29
CA GLN D 271 32.63 -13.09 10.51
C GLN D 271 33.68 -13.00 9.41
N GLU D 272 34.25 -14.14 9.04
CA GLU D 272 35.26 -14.18 7.98
C GLU D 272 34.60 -13.76 6.66
N ILE D 273 33.39 -14.24 6.44
CA ILE D 273 32.63 -13.90 5.24
C ILE D 273 32.32 -12.40 5.21
N ASP D 274 31.91 -11.88 6.37
CA ASP D 274 31.58 -10.47 6.49
C ASP D 274 32.77 -9.62 6.07
N ALA D 275 33.94 -9.97 6.58
CA ALA D 275 35.17 -9.26 6.30
C ALA D 275 35.48 -9.25 4.80
N ALA D 276 35.46 -10.43 4.20
CA ALA D 276 35.75 -10.56 2.79
C ALA D 276 34.87 -9.66 1.91
N LEU D 277 33.55 -9.70 2.13
CA LEU D 277 32.63 -8.90 1.32
C LEU D 277 32.91 -7.42 1.47
N LYS D 278 33.14 -6.98 2.70
CA LYS D 278 33.45 -5.58 2.94
C LYS D 278 34.73 -5.24 2.20
N ARG D 279 35.71 -6.13 2.30
CA ARG D 279 37.00 -5.93 1.66
C ARG D 279 36.86 -5.84 0.13
N ALA D 280 36.17 -6.80 -0.48
CA ALA D 280 36.00 -6.80 -1.93
C ALA D 280 35.27 -5.53 -2.35
N SER D 281 34.34 -5.12 -1.50
CA SER D 281 33.53 -3.92 -1.73
C SER D 281 34.42 -2.69 -1.90
N LYS D 282 35.44 -2.60 -1.07
CA LYS D 282 36.37 -1.47 -1.09
C LYS D 282 37.49 -1.63 -2.12
N THR D 283 37.56 -2.81 -2.75
CA THR D 283 38.61 -3.07 -3.71
C THR D 283 38.19 -3.48 -5.12
N TYR D 284 38.36 -4.75 -5.47
CA TYR D 284 38.02 -5.19 -6.83
C TYR D 284 36.55 -5.21 -7.22
N MET D 285 35.66 -5.11 -6.23
CA MET D 285 34.24 -5.13 -6.50
C MET D 285 33.63 -3.74 -6.34
N LYS D 286 34.48 -2.77 -6.01
CA LYS D 286 34.04 -1.40 -5.81
C LYS D 286 33.20 -0.92 -7.00
N GLY D 287 32.12 -0.22 -6.72
CA GLY D 287 31.25 0.26 -7.77
C GLY D 287 30.14 -0.73 -8.06
N ILE D 288 30.46 -2.02 -7.91
CA ILE D 288 29.51 -3.10 -8.17
C ILE D 288 28.93 -3.66 -6.88
N LEU D 289 29.80 -3.87 -5.90
CA LEU D 289 29.38 -4.38 -4.61
C LEU D 289 29.67 -3.34 -3.54
N GLY D 290 28.65 -3.00 -2.76
CA GLY D 290 28.84 -2.06 -1.68
C GLY D 290 28.32 -2.74 -0.44
N TYR D 291 28.32 -2.03 0.69
CA TYR D 291 27.78 -2.63 1.90
C TYR D 291 27.31 -1.56 2.86
N THR D 292 26.47 -1.98 3.80
CA THR D 292 25.97 -1.09 4.83
C THR D 292 26.11 -1.79 6.16
N ASP D 293 26.22 -1.01 7.23
CA ASP D 293 26.30 -1.59 8.56
C ASP D 293 25.42 -0.72 9.43
N GLU D 294 24.41 -0.13 8.79
CA GLU D 294 23.45 0.72 9.47
C GLU D 294 22.10 0.04 9.43
N GLU D 295 21.16 0.51 10.24
CA GLU D 295 19.81 -0.06 10.30
C GLU D 295 18.95 0.45 9.16
N LEU D 296 19.28 0.03 7.93
CA LEU D 296 18.56 0.50 6.75
C LEU D 296 17.36 -0.35 6.31
N VAL D 297 16.43 0.29 5.62
CA VAL D 297 15.24 -0.37 5.11
C VAL D 297 15.26 -0.12 3.60
N SER D 298 14.39 -0.79 2.85
CA SER D 298 14.37 -0.66 1.39
C SER D 298 14.43 0.75 0.81
N ALA D 299 13.67 1.67 1.38
CA ALA D 299 13.67 3.04 0.86
C ALA D 299 15.05 3.68 0.91
N ASP D 300 15.89 3.20 1.84
CA ASP D 300 17.22 3.76 1.98
C ASP D 300 18.16 3.38 0.84
N PHE D 301 17.74 2.43 0.00
CA PHE D 301 18.55 2.01 -1.13
C PHE D 301 18.05 2.58 -2.46
N ILE D 302 16.95 3.33 -2.42
CA ILE D 302 16.45 3.93 -3.64
C ILE D 302 17.55 4.85 -4.20
N ASN D 303 17.92 4.63 -5.46
CA ASN D 303 18.95 5.42 -6.14
C ASN D 303 20.39 5.06 -5.81
N ASP D 304 20.60 3.88 -5.24
CA ASP D 304 21.95 3.44 -4.97
C ASP D 304 22.32 2.80 -6.31
N ASN D 305 23.48 3.13 -6.86
CA ASN D 305 23.81 2.57 -8.16
C ASN D 305 24.63 1.29 -8.20
N ARG D 306 24.96 0.70 -7.05
CA ARG D 306 25.71 -0.56 -7.02
C ARG D 306 24.77 -1.68 -7.42
N SER D 307 25.31 -2.85 -7.78
CA SER D 307 24.50 -4.00 -8.17
C SER D 307 24.08 -4.82 -6.95
N SER D 308 24.77 -4.63 -5.85
CA SER D 308 24.49 -5.39 -4.66
C SER D 308 25.05 -4.68 -3.45
N ILE D 309 24.20 -4.44 -2.45
CA ILE D 309 24.65 -3.78 -1.24
C ILE D 309 24.55 -4.77 -0.08
N TYR D 310 25.67 -5.37 0.28
CA TYR D 310 25.70 -6.33 1.38
C TYR D 310 25.22 -5.66 2.67
N ASP D 311 24.23 -6.27 3.32
CA ASP D 311 23.68 -5.75 4.57
C ASP D 311 24.39 -6.50 5.71
N SER D 312 25.49 -5.94 6.19
CA SER D 312 26.28 -6.54 7.26
C SER D 312 25.54 -6.83 8.56
N LYS D 313 24.90 -5.83 9.14
CA LYS D 313 24.17 -6.01 10.40
C LYS D 313 23.14 -7.12 10.33
N ALA D 314 22.34 -7.13 9.27
CA ALA D 314 21.32 -8.15 9.12
C ALA D 314 21.95 -9.53 9.01
N THR D 315 23.06 -9.62 8.29
CA THR D 315 23.75 -10.89 8.10
C THR D 315 24.35 -11.41 9.40
N LEU D 316 25.14 -10.57 10.06
CA LEU D 316 25.79 -10.96 11.28
C LEU D 316 24.84 -11.34 12.43
N GLN D 317 23.69 -10.67 12.53
CA GLN D 317 22.77 -10.96 13.63
C GLN D 317 21.81 -12.12 13.37
N ASN D 318 21.86 -12.71 12.19
CA ASN D 318 20.93 -13.80 11.90
C ASN D 318 21.54 -15.08 11.36
N ASN D 319 22.70 -15.44 11.88
CA ASN D 319 23.36 -16.68 11.48
C ASN D 319 23.60 -17.57 12.69
N LEU D 320 23.77 -18.86 12.43
CA LEU D 320 24.01 -19.82 13.50
C LEU D 320 25.39 -19.55 14.10
N PRO D 321 25.45 -19.36 15.43
CA PRO D 321 26.73 -19.10 16.07
C PRO D 321 27.68 -20.29 15.96
N LYS D 322 28.96 -20.02 15.73
CA LYS D 322 29.96 -21.07 15.61
C LYS D 322 29.79 -21.91 14.35
N GLU D 323 28.71 -21.69 13.59
CA GLU D 323 28.49 -22.45 12.38
C GLU D 323 29.71 -22.28 11.50
N ARG D 324 29.99 -23.25 10.64
CA ARG D 324 31.16 -23.17 9.79
C ARG D 324 30.91 -23.58 8.36
N ARG D 325 29.66 -23.84 8.01
CA ARG D 325 29.32 -24.25 6.66
C ARG D 325 28.03 -23.63 6.14
N PHE D 326 26.97 -23.74 6.94
CA PHE D 326 25.63 -23.24 6.62
C PHE D 326 25.49 -21.75 6.96
N PHE D 327 25.41 -20.91 5.92
CA PHE D 327 25.32 -19.47 6.14
C PHE D 327 24.24 -18.74 5.35
N LYS D 328 23.87 -17.58 5.86
CA LYS D 328 22.88 -16.73 5.23
C LYS D 328 23.53 -15.37 4.94
N ILE D 329 23.29 -14.85 3.74
CA ILE D 329 23.82 -13.56 3.36
C ILE D 329 22.71 -12.70 2.76
N VAL D 330 22.46 -11.58 3.41
CA VAL D 330 21.43 -10.64 2.99
C VAL D 330 22.06 -9.49 2.21
N SER D 331 21.55 -9.23 1.02
CA SER D 331 22.06 -8.13 0.23
C SER D 331 20.97 -7.45 -0.59
N TRP D 332 20.97 -6.12 -0.55
CA TRP D 332 20.00 -5.30 -1.26
C TRP D 332 20.41 -4.84 -2.65
N TYR D 333 19.45 -4.26 -3.35
CA TYR D 333 19.66 -3.70 -4.66
C TYR D 333 18.41 -2.96 -5.12
N ASP D 334 18.63 -1.85 -5.81
CA ASP D 334 17.57 -1.03 -6.38
C ASP D 334 17.36 -1.69 -7.73
N ASN D 335 16.42 -2.63 -7.83
CA ASN D 335 16.21 -3.33 -9.09
C ASN D 335 16.16 -2.48 -10.35
N GLU D 336 15.78 -1.21 -10.25
CA GLU D 336 15.73 -0.35 -11.44
C GLU D 336 17.02 0.43 -11.66
N TRP D 337 17.42 1.17 -10.63
CA TRP D 337 18.59 2.03 -10.66
C TRP D 337 19.96 1.35 -10.80
N GLY D 338 20.23 0.36 -9.94
CA GLY D 338 21.49 -0.36 -10.03
C GLY D 338 21.68 -1.00 -11.39
N TYR D 339 20.72 -1.83 -11.79
CA TYR D 339 20.79 -2.51 -13.06
C TYR D 339 20.91 -1.56 -14.24
N SER D 340 20.26 -0.40 -14.18
CA SER D 340 20.34 0.56 -15.28
C SER D 340 21.74 1.12 -15.44
N HIS D 341 22.44 1.32 -14.34
CA HIS D 341 23.81 1.81 -14.40
C HIS D 341 24.72 0.70 -14.92
N ARG D 342 24.34 -0.55 -14.65
CA ARG D 342 25.12 -1.67 -15.12
C ARG D 342 25.06 -1.75 -16.64
N VAL D 343 23.88 -1.49 -17.21
CA VAL D 343 23.70 -1.54 -18.67
C VAL D 343 24.64 -0.55 -19.32
N VAL D 344 24.67 0.67 -18.79
CA VAL D 344 25.54 1.70 -19.31
C VAL D 344 27.01 1.26 -19.21
N ASP D 345 27.38 0.72 -18.04
CA ASP D 345 28.75 0.27 -17.84
C ASP D 345 29.11 -0.81 -18.86
N LEU D 346 28.15 -1.66 -19.17
CA LEU D 346 28.37 -2.74 -20.12
C LEU D 346 28.64 -2.20 -21.52
N VAL D 347 27.81 -1.25 -21.96
CA VAL D 347 27.99 -0.67 -23.29
C VAL D 347 29.36 -0.02 -23.40
N ARG D 348 29.71 0.78 -22.40
CA ARG D 348 31.00 1.46 -22.40
C ARG D 348 32.16 0.49 -22.46
N HIS D 349 32.03 -0.64 -21.77
CA HIS D 349 33.09 -1.65 -21.77
C HIS D 349 33.21 -2.30 -23.14
N MET D 350 32.07 -2.52 -23.79
CA MET D 350 32.02 -3.11 -25.12
C MET D 350 32.60 -2.15 -26.16
N ALA D 351 32.33 -0.86 -25.99
CA ALA D 351 32.83 0.16 -26.92
C ALA D 351 34.34 0.28 -26.89
N SER D 352 34.94 0.09 -25.72
CA SER D 352 36.39 0.19 -25.62
C SER D 352 37.00 -1.07 -26.21
N LYS D 353 36.43 -2.23 -25.89
CA LYS D 353 36.91 -3.51 -26.41
C LYS D 353 36.80 -3.52 -27.94
N ASP D 354 35.69 -2.99 -28.45
CA ASP D 354 35.48 -2.94 -29.89
C ASP D 354 36.56 -2.11 -30.60
N ARG D 355 36.96 -1.00 -30.00
CA ARG D 355 38.00 -0.16 -30.60
C ARG D 355 39.33 -0.91 -30.58
N SER D 356 39.62 -1.56 -29.45
CA SER D 356 40.85 -2.32 -29.30
C SER D 356 40.98 -3.39 -30.37
N ALA D 357 39.89 -4.12 -30.61
CA ALA D 357 39.87 -5.20 -31.58
C ALA D 357 40.03 -4.72 -33.01
N ARG D 358 39.62 -3.48 -33.28
CA ARG D 358 39.72 -2.95 -34.63
C ARG D 358 41.06 -2.23 -34.88
N LEU D 359 41.97 -2.33 -33.93
CA LEU D 359 43.29 -1.72 -34.06
C LEU D 359 44.12 -2.57 -35.02
#